data_2KAV
#
_entry.id   2KAV
#
_entity_poly.entity_id   1
_entity_poly.type   'polypeptide(L)'
_entity_poly.pdbx_seq_one_letter_code
;MGSSHHHHHHSSGLVPRGSHMASENFSVATEESAEPLSEDDFEMFYEVWEKFDPDATQFIEFAKLSDFADALDPPLLIAK
PNKVQLIAMDLPMVSGDRIHCLDILFAFTKRVLGESGEMDALRIQMEER
;
_entity_poly.pdbx_strand_id   A
#
# COMPACT_ATOMS: atom_id res chain seq x y z
N GLU A 24 26.23 -22.48 1.51
CA GLU A 24 25.73 -23.56 0.68
C GLU A 24 26.26 -23.41 -0.76
N ASN A 25 26.27 -22.19 -1.25
CA ASN A 25 26.74 -21.92 -2.60
C ASN A 25 26.06 -22.85 -3.60
N PHE A 26 26.46 -22.74 -4.87
CA PHE A 26 25.88 -23.57 -5.92
C PHE A 26 24.38 -23.34 -6.04
N SER A 27 23.63 -23.90 -5.09
CA SER A 27 22.18 -23.75 -5.09
C SER A 27 21.77 -22.37 -4.56
N VAL A 28 22.31 -21.32 -5.17
CA VAL A 28 22.00 -19.96 -4.77
C VAL A 28 20.78 -19.44 -5.50
N ALA A 29 19.99 -20.37 -6.03
CA ALA A 29 18.78 -20.03 -6.77
C ALA A 29 17.61 -19.81 -5.82
N THR A 30 17.93 -19.55 -4.55
CA THR A 30 16.90 -19.31 -3.53
C THR A 30 16.82 -17.83 -3.20
N GLU A 31 17.97 -17.15 -3.27
CA GLU A 31 18.03 -15.73 -2.96
C GLU A 31 16.83 -14.98 -3.55
N GLU A 32 16.18 -14.18 -2.71
CA GLU A 32 15.03 -13.40 -3.14
C GLU A 32 13.86 -14.32 -3.52
N SER A 33 13.57 -15.29 -2.65
CA SER A 33 12.49 -16.23 -2.89
C SER A 33 11.16 -15.65 -2.37
N ALA A 34 10.96 -14.36 -2.58
CA ALA A 34 9.75 -13.69 -2.12
C ALA A 34 9.75 -12.23 -2.55
N GLU A 35 8.56 -11.69 -2.82
CA GLU A 35 8.45 -10.29 -3.24
C GLU A 35 8.53 -9.37 -2.03
N PRO A 36 9.14 -8.20 -2.15
CA PRO A 36 9.26 -7.24 -1.02
C PRO A 36 8.01 -7.19 -0.16
N LEU A 37 6.85 -7.03 -0.80
CA LEU A 37 5.58 -6.94 -0.09
C LEU A 37 5.08 -8.34 0.29
N SER A 38 5.36 -8.73 1.52
CA SER A 38 4.95 -10.05 2.03
C SER A 38 3.80 -9.88 3.04
N GLU A 39 3.32 -11.01 3.56
CA GLU A 39 2.23 -11.00 4.52
C GLU A 39 2.61 -10.21 5.77
N ASP A 40 3.88 -10.32 6.16
CA ASP A 40 4.35 -9.61 7.35
C ASP A 40 3.93 -8.15 7.29
N ASP A 41 3.77 -7.64 6.07
CA ASP A 41 3.35 -6.25 5.89
C ASP A 41 1.84 -6.11 6.12
N PHE A 42 1.08 -7.05 5.58
CA PHE A 42 -0.38 -7.02 5.72
C PHE A 42 -0.77 -6.86 7.19
N GLU A 43 -0.20 -7.69 8.06
CA GLU A 43 -0.53 -7.61 9.48
C GLU A 43 -0.01 -6.31 10.08
N MET A 44 1.22 -5.95 9.74
CA MET A 44 1.81 -4.72 10.25
C MET A 44 0.95 -3.52 9.88
N PHE A 45 0.35 -3.56 8.69
CA PHE A 45 -0.49 -2.46 8.24
C PHE A 45 -1.68 -2.29 9.16
N TYR A 46 -2.27 -3.40 9.60
CA TYR A 46 -3.41 -3.33 10.51
C TYR A 46 -2.95 -2.84 11.87
N GLU A 47 -1.72 -3.18 12.24
CA GLU A 47 -1.17 -2.76 13.52
C GLU A 47 -1.13 -1.24 13.61
N VAL A 48 -0.70 -0.59 12.53
CA VAL A 48 -0.65 0.87 12.53
C VAL A 48 -2.06 1.43 12.37
N TRP A 49 -2.85 0.77 11.54
CA TRP A 49 -4.21 1.25 11.30
C TRP A 49 -4.97 1.39 12.61
N GLU A 50 -4.81 0.40 13.48
CA GLU A 50 -5.49 0.42 14.78
C GLU A 50 -5.18 1.70 15.57
N LYS A 51 -3.99 2.27 15.36
CA LYS A 51 -3.56 3.48 16.05
C LYS A 51 -4.35 4.71 15.61
N PHE A 52 -4.69 4.74 14.32
CA PHE A 52 -5.43 5.85 13.73
C PHE A 52 -6.93 5.56 13.68
N ASP A 53 -7.30 4.33 14.02
CA ASP A 53 -8.71 3.94 14.00
C ASP A 53 -8.97 2.72 14.89
N PRO A 54 -9.23 2.91 16.16
CA PRO A 54 -9.51 1.79 17.10
C PRO A 54 -10.98 1.35 17.03
N ASP A 55 -11.76 2.05 16.20
CA ASP A 55 -13.17 1.74 16.04
C ASP A 55 -13.39 0.68 14.97
N ALA A 56 -12.34 0.34 14.24
CA ALA A 56 -12.45 -0.66 13.19
C ALA A 56 -13.39 -0.18 12.09
N THR A 57 -13.45 1.13 11.93
CA THR A 57 -14.33 1.72 10.91
C THR A 57 -13.80 1.39 9.52
N GLN A 58 -12.47 1.27 9.42
CA GLN A 58 -11.80 0.96 8.16
C GLN A 58 -11.79 2.15 7.21
N PHE A 59 -11.97 3.35 7.78
CA PHE A 59 -11.96 4.59 6.98
C PHE A 59 -11.03 5.61 7.65
N ILE A 60 -10.45 6.55 6.89
CA ILE A 60 -9.55 7.55 7.46
C ILE A 60 -9.74 8.90 6.75
N GLU A 61 -9.54 9.99 7.50
CA GLU A 61 -9.68 11.32 6.92
C GLU A 61 -8.41 11.73 6.16
N PHE A 62 -8.58 12.44 5.04
CA PHE A 62 -7.44 12.88 4.24
C PHE A 62 -6.47 13.76 5.05
N ALA A 63 -7.03 14.69 5.82
CA ALA A 63 -6.19 15.58 6.62
C ALA A 63 -5.28 14.77 7.52
N LYS A 64 -5.69 13.54 7.82
CA LYS A 64 -4.93 12.65 8.70
C LYS A 64 -4.20 11.58 7.89
N LEU A 65 -4.43 11.55 6.57
CA LEU A 65 -3.80 10.55 5.73
C LEU A 65 -2.29 10.78 5.64
N SER A 66 -1.87 12.01 5.36
CA SER A 66 -0.44 12.29 5.24
C SER A 66 0.30 11.74 6.45
N ASP A 67 -0.35 11.79 7.60
CA ASP A 67 0.27 11.28 8.82
C ASP A 67 0.32 9.75 8.75
N PHE A 68 -0.86 9.15 8.66
CA PHE A 68 -0.94 7.70 8.56
C PHE A 68 0.07 7.20 7.52
N ALA A 69 0.10 7.89 6.38
CA ALA A 69 1.00 7.55 5.29
C ALA A 69 2.45 7.35 5.76
N ASP A 70 2.89 8.15 6.74
CA ASP A 70 4.25 8.02 7.25
C ASP A 70 4.25 7.16 8.53
N ALA A 71 3.08 6.63 8.84
CA ALA A 71 2.91 5.77 10.01
C ALA A 71 3.19 4.31 9.64
N LEU A 72 3.05 3.99 8.36
CA LEU A 72 3.31 2.63 7.90
C LEU A 72 4.81 2.34 7.92
N ASP A 73 5.16 1.06 7.75
CA ASP A 73 6.56 0.64 7.73
C ASP A 73 6.89 0.11 6.33
N PRO A 74 8.11 0.22 5.86
CA PRO A 74 8.47 -0.30 4.52
C PRO A 74 7.92 -1.73 4.32
N PRO A 75 7.56 -2.13 3.11
CA PRO A 75 7.61 -1.30 1.86
C PRO A 75 6.33 -0.49 1.64
N LEU A 76 5.86 0.19 2.70
CA LEU A 76 4.63 0.99 2.61
C LEU A 76 4.85 2.36 3.22
N LEU A 77 6.05 2.58 3.77
CA LEU A 77 6.38 3.84 4.42
C LEU A 77 6.78 4.92 3.42
N ILE A 78 6.07 6.06 3.49
CA ILE A 78 6.35 7.22 2.67
C ILE A 78 6.82 8.32 3.60
N ALA A 79 8.12 8.59 3.61
CA ALA A 79 8.67 9.59 4.51
C ALA A 79 8.09 10.97 4.24
N LYS A 80 8.04 11.79 5.27
CA LYS A 80 7.56 13.17 5.12
C LYS A 80 8.77 14.03 4.79
N PRO A 81 8.58 15.21 4.24
CA PRO A 81 7.24 15.79 3.94
C PRO A 81 6.69 15.42 2.55
N ASN A 82 6.89 14.18 2.08
CA ASN A 82 6.40 13.84 0.75
C ASN A 82 4.87 13.85 0.70
N LYS A 83 4.29 15.03 0.82
CA LYS A 83 2.84 15.21 0.74
C LYS A 83 2.37 15.23 -0.72
N VAL A 84 3.24 15.76 -1.57
CA VAL A 84 2.92 15.84 -2.99
C VAL A 84 2.71 14.44 -3.55
N GLN A 85 3.64 13.54 -3.26
CA GLN A 85 3.54 12.16 -3.74
C GLN A 85 2.16 11.61 -3.41
N LEU A 86 1.53 12.16 -2.37
CA LEU A 86 0.20 11.71 -1.98
C LEU A 86 -0.85 12.29 -2.92
N ILE A 87 -0.64 13.52 -3.36
CA ILE A 87 -1.59 14.18 -4.26
C ILE A 87 -1.45 13.62 -5.68
N ALA A 88 -0.23 13.38 -6.12
CA ALA A 88 0.03 12.81 -7.44
C ALA A 88 -0.69 11.47 -7.60
N MET A 89 -0.91 10.78 -6.49
CA MET A 89 -1.59 9.47 -6.52
C MET A 89 -2.94 9.55 -5.82
N ASP A 90 -3.59 10.71 -5.94
CA ASP A 90 -4.90 10.92 -5.32
C ASP A 90 -5.75 9.65 -5.38
N LEU A 91 -6.06 9.09 -4.22
CA LEU A 91 -6.86 7.87 -4.15
C LEU A 91 -8.35 8.20 -4.05
N PRO A 92 -9.20 7.48 -4.76
CA PRO A 92 -10.67 7.72 -4.69
C PRO A 92 -11.10 8.05 -3.26
N MET A 93 -11.86 9.12 -3.10
CA MET A 93 -12.32 9.55 -1.79
C MET A 93 -13.79 9.23 -1.59
N VAL A 94 -14.11 8.62 -0.44
CA VAL A 94 -15.49 8.30 -0.11
C VAL A 94 -16.11 9.51 0.58
N SER A 95 -17.35 9.35 1.04
CA SER A 95 -18.10 10.42 1.71
C SER A 95 -17.33 11.76 1.75
N GLY A 96 -17.87 12.77 1.07
CA GLY A 96 -17.29 14.12 0.97
C GLY A 96 -15.90 14.32 1.61
N ASP A 97 -15.71 13.85 2.84
CA ASP A 97 -14.41 13.98 3.51
C ASP A 97 -14.01 12.68 4.21
N ARG A 98 -13.74 11.63 3.42
CA ARG A 98 -13.34 10.35 4.00
C ARG A 98 -12.80 9.38 2.94
N ILE A 99 -11.72 8.66 3.26
CA ILE A 99 -11.09 7.73 2.29
C ILE A 99 -11.30 6.26 2.68
N HIS A 100 -11.40 5.43 1.65
CA HIS A 100 -11.59 3.98 1.79
C HIS A 100 -10.27 3.24 2.02
N CYS A 101 -10.21 2.47 3.10
CA CYS A 101 -8.99 1.69 3.40
C CYS A 101 -8.70 0.71 2.27
N LEU A 102 -9.72 0.02 1.77
CA LEU A 102 -9.50 -0.91 0.68
C LEU A 102 -8.80 -0.21 -0.46
N ASP A 103 -9.14 1.05 -0.68
CA ASP A 103 -8.53 1.85 -1.73
C ASP A 103 -7.09 2.20 -1.36
N ILE A 104 -6.88 2.63 -0.12
CA ILE A 104 -5.54 2.98 0.34
C ILE A 104 -4.61 1.77 0.22
N LEU A 105 -5.10 0.60 0.64
CA LEU A 105 -4.31 -0.62 0.59
C LEU A 105 -3.93 -0.99 -0.84
N PHE A 106 -4.91 -0.98 -1.73
CA PHE A 106 -4.67 -1.36 -3.12
C PHE A 106 -3.71 -0.37 -3.81
N ALA A 107 -4.01 0.92 -3.70
CA ALA A 107 -3.17 1.92 -4.35
C ALA A 107 -1.71 1.76 -3.90
N PHE A 108 -1.53 1.38 -2.64
CA PHE A 108 -0.18 1.20 -2.11
C PHE A 108 0.44 -0.09 -2.64
N THR A 109 -0.39 -1.07 -3.00
CA THR A 109 0.14 -2.33 -3.55
C THR A 109 0.55 -2.10 -5.01
N LYS A 110 -0.23 -1.27 -5.71
CA LYS A 110 0.07 -0.98 -7.11
C LYS A 110 1.27 -0.05 -7.22
N ARG A 111 1.26 1.03 -6.44
CA ARG A 111 2.36 1.99 -6.43
C ARG A 111 3.71 1.30 -6.20
N VAL A 112 3.71 0.35 -5.29
CA VAL A 112 4.91 -0.43 -4.97
C VAL A 112 5.12 -1.54 -5.98
N LEU A 113 4.10 -1.86 -6.78
CA LEU A 113 4.21 -2.92 -7.78
C LEU A 113 4.35 -2.34 -9.18
N GLY A 114 4.04 -1.05 -9.34
CA GLY A 114 4.16 -0.41 -10.64
C GLY A 114 5.61 -0.13 -11.00
N GLU A 115 6.52 -0.83 -10.35
CA GLU A 115 7.95 -0.65 -10.61
C GLU A 115 8.37 -1.43 -11.84
N SER A 116 8.37 -2.76 -11.71
CA SER A 116 8.75 -3.63 -12.82
C SER A 116 8.09 -5.00 -12.68
N GLY A 117 6.76 -5.01 -12.65
CA GLY A 117 6.02 -6.25 -12.51
C GLY A 117 4.51 -6.00 -12.55
N GLU A 118 3.80 -6.79 -13.35
CA GLU A 118 2.36 -6.64 -13.48
C GLU A 118 2.01 -5.30 -14.11
N MET A 119 3.03 -4.48 -14.34
CA MET A 119 2.82 -3.16 -14.94
C MET A 119 2.48 -3.30 -16.42
N ASP A 120 2.76 -4.47 -16.98
CA ASP A 120 2.48 -4.72 -18.39
C ASP A 120 0.99 -5.01 -18.59
N ALA A 121 0.35 -5.52 -17.55
CA ALA A 121 -1.07 -5.85 -17.61
C ALA A 121 -1.85 -4.70 -18.25
N LEU A 122 -1.36 -3.48 -18.07
CA LEU A 122 -2.02 -2.31 -18.63
C LEU A 122 -1.69 -2.16 -20.11
N ARG A 123 -0.48 -2.55 -20.47
CA ARG A 123 -0.04 -2.45 -21.86
C ARG A 123 -0.91 -3.33 -22.75
N ILE A 124 -1.59 -4.30 -22.14
CA ILE A 124 -2.46 -5.20 -22.89
C ILE A 124 -3.77 -4.51 -23.24
N GLN A 125 -4.09 -3.47 -22.50
CA GLN A 125 -5.33 -2.72 -22.73
C GLN A 125 -5.33 -2.12 -24.13
N MET A 126 -4.13 -1.82 -24.64
CA MET A 126 -4.01 -1.23 -25.97
C MET A 126 -4.85 -2.01 -26.99
N GLU A 127 -4.58 -3.31 -27.08
CA GLU A 127 -5.32 -4.16 -28.01
C GLU A 127 -6.82 -4.05 -27.76
N GLU A 128 -7.20 -3.96 -26.49
CA GLU A 128 -8.61 -3.86 -26.13
C GLU A 128 -9.39 -5.07 -26.65
N ARG A 129 -10.44 -5.45 -25.92
CA ARG A 129 -11.26 -6.58 -26.31
C ARG A 129 -12.61 -6.54 -25.60
N GLU A 24 16.71 -33.51 -2.02
CA GLU A 24 16.03 -32.41 -1.34
C GLU A 24 14.88 -31.88 -2.21
N ASN A 25 13.78 -31.53 -1.56
CA ASN A 25 12.61 -31.02 -2.29
C ASN A 25 11.73 -30.18 -1.37
N PHE A 26 12.29 -29.77 -0.23
CA PHE A 26 11.54 -28.96 0.73
C PHE A 26 11.68 -27.48 0.39
N SER A 27 12.76 -27.13 -0.28
CA SER A 27 13.02 -25.75 -0.67
C SER A 27 14.34 -25.65 -1.43
N VAL A 28 14.30 -25.89 -2.73
CA VAL A 28 15.49 -25.83 -3.55
C VAL A 28 16.02 -24.40 -3.59
N ALA A 29 15.32 -23.52 -2.90
CA ALA A 29 15.69 -22.11 -2.84
C ALA A 29 16.19 -21.62 -4.20
N THR A 30 15.27 -21.49 -5.16
CA THR A 30 15.62 -21.02 -6.50
C THR A 30 15.52 -19.51 -6.58
N GLU A 31 14.40 -18.96 -6.10
CA GLU A 31 14.18 -17.53 -6.13
C GLU A 31 12.91 -17.16 -5.36
N GLU A 32 12.02 -18.14 -5.20
CA GLU A 32 10.77 -17.91 -4.49
C GLU A 32 11.04 -17.46 -3.05
N SER A 33 12.20 -17.85 -2.53
CA SER A 33 12.57 -17.49 -1.17
C SER A 33 13.08 -16.05 -1.12
N ALA A 34 12.30 -15.12 -1.68
CA ALA A 34 12.68 -13.72 -1.69
C ALA A 34 11.59 -12.87 -2.34
N GLU A 35 10.47 -12.72 -1.64
CA GLU A 35 9.35 -11.93 -2.15
C GLU A 35 9.44 -10.49 -1.62
N PRO A 36 8.90 -9.53 -2.34
CA PRO A 36 8.94 -8.10 -1.92
C PRO A 36 8.07 -7.84 -0.69
N LEU A 37 6.75 -7.88 -0.89
CA LEU A 37 5.81 -7.66 0.21
C LEU A 37 5.18 -8.97 0.65
N SER A 38 5.46 -9.36 1.90
CA SER A 38 4.92 -10.60 2.45
C SER A 38 3.73 -10.30 3.35
N GLU A 39 3.07 -11.36 3.82
CA GLU A 39 1.92 -11.18 4.69
C GLU A 39 2.30 -10.37 5.92
N ASP A 40 3.56 -10.51 6.33
CA ASP A 40 4.04 -9.79 7.51
C ASP A 40 3.65 -8.32 7.44
N ASP A 41 3.52 -7.80 6.22
CA ASP A 41 3.15 -6.40 6.03
C ASP A 41 1.65 -6.21 6.24
N PHE A 42 0.87 -7.12 5.70
CA PHE A 42 -0.59 -7.05 5.83
C PHE A 42 -0.97 -6.84 7.30
N GLU A 43 -0.41 -7.66 8.18
CA GLU A 43 -0.71 -7.56 9.60
C GLU A 43 -0.19 -6.24 10.16
N MET A 44 1.07 -5.94 9.86
CA MET A 44 1.69 -4.70 10.32
C MET A 44 0.87 -3.50 9.90
N PHE A 45 0.30 -3.58 8.70
CA PHE A 45 -0.52 -2.48 8.19
C PHE A 45 -1.72 -2.25 9.08
N TYR A 46 -2.36 -3.34 9.52
CA TYR A 46 -3.52 -3.22 10.39
C TYR A 46 -3.10 -2.73 11.77
N GLU A 47 -1.89 -3.12 12.17
CA GLU A 47 -1.38 -2.71 13.48
C GLU A 47 -1.32 -1.19 13.56
N VAL A 48 -0.89 -0.56 12.48
CA VAL A 48 -0.80 0.91 12.45
C VAL A 48 -2.19 1.49 12.26
N TRP A 49 -2.98 0.84 11.41
CA TRP A 49 -4.32 1.35 11.14
C TRP A 49 -5.11 1.52 12.44
N GLU A 50 -4.99 0.54 13.33
CA GLU A 50 -5.69 0.58 14.61
C GLU A 50 -5.38 1.87 15.37
N LYS A 51 -4.17 2.41 15.18
CA LYS A 51 -3.74 3.62 15.86
C LYS A 51 -4.51 4.86 15.41
N PHE A 52 -4.84 4.87 14.12
CA PHE A 52 -5.57 5.99 13.51
C PHE A 52 -7.07 5.71 13.45
N ASP A 53 -7.47 4.49 13.82
CA ASP A 53 -8.88 4.11 13.78
C ASP A 53 -9.17 2.95 14.73
N PRO A 54 -9.42 3.22 15.99
CA PRO A 54 -9.72 2.15 16.98
C PRO A 54 -11.20 1.73 16.93
N ASP A 55 -11.98 2.42 16.12
CA ASP A 55 -13.41 2.13 15.99
C ASP A 55 -13.66 1.07 14.91
N ALA A 56 -12.61 0.68 14.21
CA ALA A 56 -12.73 -0.34 13.17
C ALA A 56 -13.65 0.15 12.04
N THR A 57 -13.69 1.48 11.86
CA THR A 57 -14.53 2.06 10.82
C THR A 57 -13.98 1.71 9.43
N GLN A 58 -12.65 1.57 9.36
CA GLN A 58 -11.97 1.24 8.11
C GLN A 58 -11.93 2.45 7.17
N PHE A 59 -12.09 3.64 7.74
CA PHE A 59 -12.05 4.88 6.95
C PHE A 59 -11.09 5.87 7.61
N ILE A 60 -10.49 6.79 6.85
CA ILE A 60 -9.55 7.77 7.41
C ILE A 60 -9.72 9.11 6.70
N GLU A 61 -9.53 10.21 7.44
CA GLU A 61 -9.67 11.54 6.83
C GLU A 61 -8.38 11.93 6.10
N PHE A 62 -8.50 12.63 4.99
CA PHE A 62 -7.35 13.04 4.20
C PHE A 62 -6.37 13.88 5.02
N ALA A 63 -6.89 14.84 5.80
CA ALA A 63 -6.02 15.71 6.59
C ALA A 63 -5.06 14.89 7.47
N LYS A 64 -5.47 13.66 7.80
CA LYS A 64 -4.64 12.80 8.65
C LYS A 64 -4.03 11.65 7.85
N LEU A 65 -4.26 11.63 6.54
CA LEU A 65 -3.73 10.56 5.71
C LEU A 65 -2.20 10.66 5.67
N SER A 66 -1.68 11.89 5.72
CA SER A 66 -0.24 12.09 5.67
C SER A 66 0.43 11.53 6.92
N ASP A 67 -0.26 11.63 8.06
CA ASP A 67 0.27 11.11 9.30
C ASP A 67 0.30 9.59 9.23
N PHE A 68 -0.56 9.05 8.38
CA PHE A 68 -0.63 7.59 8.20
C PHE A 68 0.45 7.10 7.24
N ALA A 69 0.55 7.79 6.12
CA ALA A 69 1.52 7.41 5.09
C ALA A 69 2.93 7.21 5.64
N ASP A 70 3.33 8.02 6.62
CA ASP A 70 4.66 7.88 7.22
C ASP A 70 4.57 7.02 8.49
N ALA A 71 3.37 6.54 8.78
CA ALA A 71 3.15 5.67 9.94
C ALA A 71 3.44 4.23 9.58
N LEU A 72 3.31 3.89 8.30
CA LEU A 72 3.56 2.52 7.85
C LEU A 72 5.06 2.22 7.87
N ASP A 73 5.39 0.94 7.69
CA ASP A 73 6.79 0.50 7.66
C ASP A 73 7.12 -0.06 6.28
N PRO A 74 8.35 0.05 5.82
CA PRO A 74 8.73 -0.49 4.48
C PRO A 74 8.15 -1.90 4.25
N PRO A 75 7.82 -2.28 3.02
CA PRO A 75 7.93 -1.44 1.78
C PRO A 75 6.66 -0.62 1.52
N LEU A 76 6.18 0.08 2.55
CA LEU A 76 4.98 0.90 2.44
C LEU A 76 5.23 2.29 3.04
N LEU A 77 6.43 2.48 3.58
CA LEU A 77 6.80 3.73 4.23
C LEU A 77 7.25 4.80 3.23
N ILE A 78 6.56 5.94 3.26
CA ILE A 78 6.89 7.09 2.42
C ILE A 78 7.39 8.18 3.36
N ALA A 79 8.69 8.42 3.38
CA ALA A 79 9.28 9.40 4.28
C ALA A 79 8.71 10.80 4.05
N LYS A 80 8.72 11.60 5.11
CA LYS A 80 8.23 12.97 5.04
C LYS A 80 9.41 13.90 4.81
N PRO A 81 9.18 15.08 4.27
CA PRO A 81 7.83 15.57 3.86
C PRO A 81 7.38 15.03 2.51
N ASN A 82 6.27 14.27 2.47
CA ASN A 82 5.80 13.76 1.18
C ASN A 82 4.28 13.85 1.07
N LYS A 83 3.78 15.07 1.03
CA LYS A 83 2.35 15.32 0.85
C LYS A 83 1.98 15.29 -0.64
N VAL A 84 2.93 15.75 -1.43
CA VAL A 84 2.72 15.77 -2.88
C VAL A 84 2.56 14.34 -3.41
N GLN A 85 3.46 13.45 -3.00
CA GLN A 85 3.38 12.07 -3.44
C GLN A 85 1.96 11.54 -3.22
N LEU A 86 1.28 12.13 -2.24
CA LEU A 86 -0.09 11.73 -1.93
C LEU A 86 -1.07 12.32 -2.94
N ILE A 87 -0.79 13.54 -3.40
CA ILE A 87 -1.66 14.21 -4.35
C ILE A 87 -1.52 13.62 -5.75
N ALA A 88 -0.29 13.33 -6.16
CA ALA A 88 -0.04 12.73 -7.47
C ALA A 88 -0.78 11.41 -7.60
N MET A 89 -1.02 10.72 -6.49
CA MET A 89 -1.73 9.43 -6.51
C MET A 89 -3.09 9.57 -5.81
N ASP A 90 -3.72 10.73 -5.99
CA ASP A 90 -5.03 11.00 -5.38
C ASP A 90 -5.87 9.72 -5.30
N LEU A 91 -6.00 9.19 -4.09
CA LEU A 91 -6.76 7.96 -3.87
C LEU A 91 -8.27 8.23 -3.82
N PRO A 92 -9.08 7.46 -4.52
CA PRO A 92 -10.55 7.65 -4.50
C PRO A 92 -11.05 7.96 -3.09
N MET A 93 -11.79 9.06 -2.94
CA MET A 93 -12.30 9.47 -1.65
C MET A 93 -13.79 9.12 -1.53
N VAL A 94 -14.14 8.53 -0.39
CA VAL A 94 -15.54 8.16 -0.13
C VAL A 94 -16.23 9.33 0.56
N SER A 95 -17.49 9.12 0.95
CA SER A 95 -18.32 10.13 1.61
C SER A 95 -17.60 11.48 1.76
N GLY A 96 -18.10 12.49 1.05
CA GLY A 96 -17.55 13.86 1.06
C GLY A 96 -16.14 14.02 1.66
N ASP A 97 -15.96 13.55 2.89
CA ASP A 97 -14.64 13.64 3.56
C ASP A 97 -14.25 12.33 4.25
N ARG A 98 -13.95 11.31 3.45
CA ARG A 98 -13.55 10.01 4.02
C ARG A 98 -12.90 9.11 2.96
N ILE A 99 -11.78 8.49 3.34
CA ILE A 99 -11.05 7.61 2.41
C ILE A 99 -11.27 6.14 2.73
N HIS A 100 -11.37 5.35 1.66
CA HIS A 100 -11.59 3.91 1.77
C HIS A 100 -10.28 3.15 2.02
N CYS A 101 -10.23 2.38 3.10
CA CYS A 101 -9.04 1.59 3.43
C CYS A 101 -8.78 0.56 2.35
N LEU A 102 -9.83 -0.01 1.77
CA LEU A 102 -9.65 -0.99 0.72
C LEU A 102 -8.86 -0.38 -0.43
N ASP A 103 -9.16 0.88 -0.72
CA ASP A 103 -8.46 1.59 -1.79
C ASP A 103 -7.02 1.88 -1.37
N ILE A 104 -6.84 2.35 -0.14
CA ILE A 104 -5.51 2.65 0.37
C ILE A 104 -4.62 1.41 0.30
N LEU A 105 -5.16 0.27 0.73
CA LEU A 105 -4.41 -0.99 0.73
C LEU A 105 -4.02 -1.39 -0.70
N PHE A 106 -4.99 -1.39 -1.60
CA PHE A 106 -4.74 -1.78 -2.98
C PHE A 106 -3.89 -0.75 -3.71
N ALA A 107 -4.11 0.53 -3.40
CA ALA A 107 -3.36 1.59 -4.05
C ALA A 107 -1.89 1.57 -3.62
N PHE A 108 -1.67 1.28 -2.34
CA PHE A 108 -0.32 1.22 -1.80
C PHE A 108 0.38 -0.06 -2.26
N THR A 109 -0.42 -1.06 -2.64
CA THR A 109 0.12 -2.33 -3.11
C THR A 109 0.62 -2.20 -4.55
N LYS A 110 -0.07 -1.36 -5.33
CA LYS A 110 0.31 -1.15 -6.72
C LYS A 110 1.51 -0.20 -6.83
N ARG A 111 1.45 0.89 -6.10
CA ARG A 111 2.51 1.90 -6.12
C ARG A 111 3.90 1.29 -5.89
N VAL A 112 3.98 0.33 -4.96
CA VAL A 112 5.26 -0.31 -4.66
C VAL A 112 6.08 -0.54 -5.93
N LEU A 113 5.43 -1.10 -6.95
CA LEU A 113 6.10 -1.36 -8.23
C LEU A 113 5.87 -0.20 -9.19
N GLY A 114 4.65 0.34 -9.19
CA GLY A 114 4.30 1.46 -10.06
C GLY A 114 5.00 1.37 -11.41
N GLU A 115 5.00 0.17 -11.98
CA GLU A 115 5.64 -0.05 -13.28
C GLU A 115 5.02 -1.27 -13.96
N SER A 116 3.75 -1.14 -14.33
CA SER A 116 3.04 -2.23 -14.97
C SER A 116 2.92 -3.42 -14.03
N GLY A 117 2.86 -3.13 -12.72
CA GLY A 117 2.74 -4.18 -11.72
C GLY A 117 1.75 -5.25 -12.14
N GLU A 118 0.52 -5.13 -11.69
CA GLU A 118 -0.51 -6.10 -12.03
C GLU A 118 -0.05 -7.52 -11.72
N MET A 119 1.09 -7.62 -11.02
CA MET A 119 1.65 -8.92 -10.67
C MET A 119 0.90 -9.51 -9.48
N ASP A 120 0.38 -8.64 -8.62
CA ASP A 120 -0.35 -9.08 -7.44
C ASP A 120 -1.62 -9.83 -7.84
N ALA A 121 -2.01 -9.68 -9.09
CA ALA A 121 -3.21 -10.35 -9.60
C ALA A 121 -2.93 -11.82 -9.89
N LEU A 122 -1.72 -12.10 -10.35
CA LEU A 122 -1.32 -13.47 -10.67
C LEU A 122 -0.93 -14.22 -9.41
N ARG A 123 -0.45 -13.48 -8.42
CA ARG A 123 -0.03 -14.07 -7.14
C ARG A 123 -1.18 -14.04 -6.15
N ILE A 124 -2.38 -13.76 -6.66
CA ILE A 124 -3.56 -13.68 -5.81
C ILE A 124 -3.83 -15.04 -5.17
N GLN A 125 -2.98 -16.01 -5.46
CA GLN A 125 -3.13 -17.35 -4.92
C GLN A 125 -4.35 -18.03 -5.55
N MET A 126 -4.68 -17.63 -6.77
CA MET A 126 -5.82 -18.19 -7.47
C MET A 126 -7.01 -18.37 -6.53
N GLU A 127 -7.06 -17.55 -5.49
CA GLU A 127 -8.15 -17.62 -4.52
C GLU A 127 -9.50 -17.42 -5.21
N GLU A 128 -9.46 -16.95 -6.45
CA GLU A 128 -10.68 -16.71 -7.21
C GLU A 128 -11.24 -18.03 -7.75
N ARG A 129 -11.36 -19.01 -6.87
CA ARG A 129 -11.89 -20.32 -7.27
C ARG A 129 -11.09 -20.88 -8.44
N GLU A 24 -3.56 -29.64 13.46
CA GLU A 24 -2.16 -29.63 13.83
C GLU A 24 -1.42 -28.46 13.19
N ASN A 25 -2.19 -27.45 12.78
CA ASN A 25 -1.60 -26.28 12.13
C ASN A 25 -0.79 -26.69 10.90
N PHE A 26 -1.28 -26.29 9.73
CA PHE A 26 -0.59 -26.63 8.48
C PHE A 26 0.83 -26.07 8.49
N SER A 27 1.42 -25.97 7.31
CA SER A 27 2.79 -25.45 7.18
C SER A 27 3.06 -25.03 5.74
N VAL A 28 2.10 -24.33 5.14
CA VAL A 28 2.26 -23.86 3.77
C VAL A 28 3.17 -22.64 3.72
N ALA A 29 3.97 -22.50 4.75
CA ALA A 29 4.90 -21.36 4.84
C ALA A 29 6.15 -21.64 4.01
N THR A 30 5.96 -21.92 2.73
CA THR A 30 7.08 -22.20 1.85
C THR A 30 7.99 -21.00 1.76
N GLU A 31 9.27 -21.21 2.06
CA GLU A 31 10.26 -20.14 2.02
C GLU A 31 10.60 -19.78 0.59
N GLU A 32 10.25 -20.67 -0.34
CA GLU A 32 10.52 -20.43 -1.76
C GLU A 32 9.79 -19.18 -2.24
N SER A 33 8.88 -18.68 -1.42
CA SER A 33 8.12 -17.49 -1.77
C SER A 33 8.96 -16.23 -1.56
N ALA A 34 10.04 -16.10 -2.33
CA ALA A 34 10.91 -14.94 -2.22
C ALA A 34 10.28 -13.72 -2.88
N GLU A 35 9.67 -12.86 -2.05
CA GLU A 35 9.02 -11.65 -2.56
C GLU A 35 9.20 -10.51 -1.55
N PRO A 36 9.21 -9.27 -2.00
CA PRO A 36 9.37 -8.10 -1.09
C PRO A 36 8.14 -7.86 -0.23
N LEU A 37 6.99 -7.72 -0.88
CA LEU A 37 5.73 -7.48 -0.17
C LEU A 37 5.11 -8.81 0.26
N SER A 38 5.38 -9.20 1.50
CA SER A 38 4.87 -10.46 2.05
C SER A 38 3.69 -10.20 2.98
N GLU A 39 3.12 -11.27 3.52
CA GLU A 39 1.98 -11.16 4.43
C GLU A 39 2.36 -10.35 5.66
N ASP A 40 3.62 -10.46 6.07
CA ASP A 40 4.09 -9.73 7.24
C ASP A 40 3.68 -8.27 7.17
N ASP A 41 3.53 -7.76 5.95
CA ASP A 41 3.14 -6.38 5.75
C ASP A 41 1.63 -6.21 5.96
N PHE A 42 0.86 -7.16 5.42
CA PHE A 42 -0.58 -7.11 5.55
C PHE A 42 -0.98 -6.92 7.02
N GLU A 43 -0.42 -7.74 7.90
CA GLU A 43 -0.72 -7.64 9.32
C GLU A 43 -0.17 -6.35 9.90
N MET A 44 1.11 -6.09 9.65
CA MET A 44 1.75 -4.89 10.14
C MET A 44 0.96 -3.64 9.75
N PHE A 45 0.36 -3.69 8.56
CA PHE A 45 -0.44 -2.56 8.08
C PHE A 45 -1.64 -2.33 8.99
N TYR A 46 -2.26 -3.42 9.43
CA TYR A 46 -3.42 -3.31 10.32
C TYR A 46 -2.98 -2.82 11.69
N GLU A 47 -1.77 -3.18 12.09
CA GLU A 47 -1.25 -2.76 13.39
C GLU A 47 -1.18 -1.24 13.47
N VAL A 48 -0.67 -0.62 12.41
CA VAL A 48 -0.58 0.84 12.39
C VAL A 48 -1.98 1.43 12.21
N TRP A 49 -2.79 0.78 11.38
CA TRP A 49 -4.13 1.27 11.12
C TRP A 49 -4.93 1.43 12.42
N GLU A 50 -4.81 0.45 13.31
CA GLU A 50 -5.53 0.49 14.58
C GLU A 50 -5.22 1.76 15.37
N LYS A 51 -4.02 2.30 15.16
CA LYS A 51 -3.58 3.51 15.88
C LYS A 51 -4.35 4.75 15.43
N PHE A 52 -4.70 4.77 14.14
CA PHE A 52 -5.44 5.89 13.56
C PHE A 52 -6.93 5.60 13.48
N ASP A 53 -7.31 4.37 13.85
CA ASP A 53 -8.72 3.98 13.80
C ASP A 53 -8.99 2.85 14.80
N PRO A 54 -9.21 3.18 16.05
CA PRO A 54 -9.48 2.16 17.10
C PRO A 54 -10.94 1.70 17.08
N ASP A 55 -11.75 2.37 16.28
CA ASP A 55 -13.18 2.04 16.18
C ASP A 55 -13.43 0.97 15.13
N ALA A 56 -12.38 0.58 14.42
CA ALA A 56 -12.50 -0.44 13.39
C ALA A 56 -13.43 0.04 12.27
N THR A 57 -13.50 1.36 12.10
CA THR A 57 -14.34 1.92 11.04
C THR A 57 -13.79 1.54 9.68
N GLN A 58 -12.47 1.40 9.61
CA GLN A 58 -11.77 1.04 8.38
C GLN A 58 -11.69 2.23 7.44
N PHE A 59 -11.85 3.44 8.01
CA PHE A 59 -11.76 4.67 7.20
C PHE A 59 -10.81 5.67 7.87
N ILE A 60 -10.22 6.59 7.10
CA ILE A 60 -9.30 7.58 7.65
C ILE A 60 -9.50 8.93 6.95
N GLU A 61 -9.30 10.02 7.68
CA GLU A 61 -9.47 11.36 7.10
C GLU A 61 -8.24 11.77 6.30
N PHE A 62 -8.47 12.44 5.17
CA PHE A 62 -7.38 12.88 4.30
C PHE A 62 -6.38 13.75 5.06
N ALA A 63 -6.89 14.68 5.85
CA ALA A 63 -6.03 15.57 6.61
C ALA A 63 -5.09 14.78 7.51
N LYS A 64 -5.50 13.55 7.84
CA LYS A 64 -4.71 12.68 8.71
C LYS A 64 -4.06 11.54 7.91
N LEU A 65 -4.29 11.52 6.61
CA LEU A 65 -3.72 10.47 5.77
C LEU A 65 -2.21 10.63 5.64
N SER A 66 -1.70 11.84 5.83
CA SER A 66 -0.27 12.09 5.73
C SER A 66 0.44 11.54 6.97
N ASP A 67 -0.22 11.64 8.11
CA ASP A 67 0.34 11.14 9.36
C ASP A 67 0.41 9.61 9.32
N PHE A 68 -0.44 9.05 8.46
CA PHE A 68 -0.50 7.60 8.30
C PHE A 68 0.59 7.12 7.33
N ALA A 69 0.69 7.80 6.20
CA ALA A 69 1.66 7.43 5.17
C ALA A 69 3.07 7.24 5.73
N ASP A 70 3.46 8.07 6.70
CA ASP A 70 4.80 7.94 7.31
C ASP A 70 4.71 7.08 8.57
N ALA A 71 3.51 6.59 8.87
CA ALA A 71 3.31 5.72 10.03
C ALA A 71 3.65 4.28 9.68
N LEU A 72 3.51 3.94 8.40
CA LEU A 72 3.80 2.58 7.96
C LEU A 72 5.31 2.32 7.96
N ASP A 73 5.67 1.04 7.89
CA ASP A 73 7.08 0.64 7.86
C ASP A 73 7.42 0.09 6.47
N PRO A 74 8.65 0.18 6.02
CA PRO A 74 9.02 -0.35 4.69
C PRO A 74 8.44 -1.76 4.48
N PRO A 75 8.06 -2.16 3.27
CA PRO A 75 8.15 -1.33 2.02
C PRO A 75 6.89 -0.49 1.80
N LEU A 76 6.44 0.19 2.85
CA LEU A 76 5.24 1.03 2.77
C LEU A 76 5.50 2.42 3.36
N LEU A 77 6.70 2.62 3.90
CA LEU A 77 7.06 3.89 4.54
C LEU A 77 7.48 4.94 3.51
N ILE A 78 6.79 6.07 3.54
CA ILE A 78 7.09 7.22 2.68
C ILE A 78 7.53 8.36 3.57
N ALA A 79 8.83 8.65 3.55
CA ALA A 79 9.37 9.70 4.39
C ALA A 79 8.69 11.04 4.12
N LYS A 80 8.65 11.89 5.15
CA LYS A 80 8.05 13.22 5.04
C LYS A 80 9.17 14.24 4.85
N PRO A 81 8.89 15.40 4.33
CA PRO A 81 7.51 15.82 3.90
C PRO A 81 7.12 15.22 2.55
N ASN A 82 6.03 14.46 2.47
CA ASN A 82 5.62 13.91 1.16
C ASN A 82 4.12 13.98 0.94
N LYS A 83 3.61 15.21 0.81
CA LYS A 83 2.21 15.44 0.50
C LYS A 83 1.97 15.32 -1.01
N VAL A 84 3.00 15.72 -1.74
CA VAL A 84 2.91 15.67 -3.21
C VAL A 84 2.87 14.23 -3.69
N GLN A 85 3.53 13.34 -2.94
CA GLN A 85 3.53 11.92 -3.30
C GLN A 85 2.13 11.36 -3.13
N LEU A 86 1.41 11.94 -2.18
CA LEU A 86 0.04 11.52 -1.90
C LEU A 86 -0.93 12.13 -2.90
N ILE A 87 -0.64 13.34 -3.36
CA ILE A 87 -1.52 14.00 -4.31
C ILE A 87 -1.37 13.38 -5.68
N ALA A 88 -0.14 13.08 -6.10
CA ALA A 88 0.12 12.47 -7.39
C ALA A 88 -0.34 11.02 -7.41
N MET A 89 -1.48 10.74 -6.80
CA MET A 89 -2.07 9.41 -6.77
C MET A 89 -3.41 9.44 -6.05
N ASP A 90 -4.06 10.61 -6.10
CA ASP A 90 -5.36 10.81 -5.46
C ASP A 90 -6.20 9.54 -5.52
N LEU A 91 -6.62 9.05 -4.35
CA LEU A 91 -7.42 7.84 -4.27
C LEU A 91 -8.91 8.17 -4.19
N PRO A 92 -9.78 7.41 -4.84
CA PRO A 92 -11.24 7.68 -4.79
C PRO A 92 -11.69 8.06 -3.37
N MET A 93 -12.44 9.15 -3.26
CA MET A 93 -12.92 9.61 -1.96
C MET A 93 -14.39 9.31 -1.76
N VAL A 94 -14.70 8.72 -0.61
CA VAL A 94 -16.08 8.38 -0.27
C VAL A 94 -16.72 9.57 0.43
N SER A 95 -17.96 9.37 0.87
CA SER A 95 -18.75 10.41 1.56
C SER A 95 -18.01 11.75 1.66
N GLY A 96 -18.54 12.74 0.95
CA GLY A 96 -18.00 14.12 0.90
C GLY A 96 -16.60 14.34 1.51
N ASP A 97 -16.39 13.89 2.76
CA ASP A 97 -15.08 14.07 3.43
C ASP A 97 -14.58 12.78 4.07
N ARG A 98 -14.32 11.74 3.26
CA ARG A 98 -13.84 10.48 3.82
C ARG A 98 -13.33 9.51 2.74
N ILE A 99 -12.26 8.78 3.06
CA ILE A 99 -11.63 7.85 2.11
C ILE A 99 -11.94 6.39 2.41
N HIS A 100 -11.67 5.54 1.42
CA HIS A 100 -11.90 4.08 1.53
C HIS A 100 -10.59 3.33 1.75
N CYS A 101 -10.51 2.56 2.84
CA CYS A 101 -9.30 1.79 3.15
C CYS A 101 -9.01 0.76 2.07
N LEU A 102 -10.03 0.07 1.58
CA LEU A 102 -9.81 -0.92 0.54
C LEU A 102 -9.04 -0.28 -0.61
N ASP A 103 -9.35 0.97 -0.90
CA ASP A 103 -8.67 1.68 -1.96
C ASP A 103 -7.24 2.02 -1.56
N ILE A 104 -7.08 2.50 -0.32
CA ILE A 104 -5.75 2.86 0.18
C ILE A 104 -4.80 1.65 0.11
N LEU A 105 -5.28 0.50 0.56
CA LEU A 105 -4.45 -0.72 0.56
C LEU A 105 -4.01 -1.07 -0.86
N PHE A 106 -4.96 -1.11 -1.78
CA PHE A 106 -4.67 -1.46 -3.16
C PHE A 106 -3.80 -0.39 -3.83
N ALA A 107 -3.98 0.86 -3.45
CA ALA A 107 -3.20 1.93 -4.07
C ALA A 107 -1.73 1.86 -3.63
N PHE A 108 -1.51 1.54 -2.36
CA PHE A 108 -0.15 1.44 -1.86
C PHE A 108 0.49 0.15 -2.36
N THR A 109 -0.34 -0.85 -2.63
CA THR A 109 0.16 -2.14 -3.12
C THR A 109 0.60 -2.01 -4.57
N LYS A 110 -0.10 -1.18 -5.33
CA LYS A 110 0.24 -0.96 -6.74
C LYS A 110 1.45 -0.04 -6.86
N ARG A 111 1.43 1.06 -6.11
CA ARG A 111 2.51 2.02 -6.13
C ARG A 111 3.87 1.34 -5.90
N VAL A 112 3.88 0.40 -4.97
CA VAL A 112 5.08 -0.38 -4.65
C VAL A 112 5.29 -1.49 -5.67
N LEU A 113 4.26 -1.80 -6.45
CA LEU A 113 4.36 -2.86 -7.47
C LEU A 113 4.52 -2.26 -8.86
N GLY A 114 4.34 -0.95 -8.97
CA GLY A 114 4.48 -0.27 -10.25
C GLY A 114 5.85 -0.53 -10.86
N GLU A 115 6.74 0.44 -10.73
CA GLU A 115 8.09 0.30 -11.27
C GLU A 115 8.91 -0.67 -10.43
N SER A 116 8.52 -1.94 -10.46
CA SER A 116 9.22 -2.96 -9.69
C SER A 116 8.70 -4.35 -10.03
N GLY A 117 7.40 -4.45 -10.27
CA GLY A 117 6.78 -5.72 -10.60
C GLY A 117 6.94 -6.06 -12.08
N GLU A 118 6.80 -7.33 -12.42
CA GLU A 118 6.93 -7.77 -13.80
C GLU A 118 5.60 -7.63 -14.53
N MET A 119 4.56 -7.26 -13.79
CA MET A 119 3.24 -7.09 -14.37
C MET A 119 3.29 -6.12 -15.55
N ASP A 120 4.22 -5.17 -15.48
CA ASP A 120 4.37 -4.19 -16.55
C ASP A 120 4.67 -4.88 -17.87
N ALA A 121 5.05 -6.15 -17.80
CA ALA A 121 5.36 -6.91 -19.00
C ALA A 121 4.07 -7.38 -19.68
N LEU A 122 3.06 -7.68 -18.87
CA LEU A 122 1.78 -8.15 -19.39
C LEU A 122 1.00 -6.98 -19.98
N ARG A 123 1.40 -5.77 -19.61
CA ARG A 123 0.73 -4.57 -20.10
C ARG A 123 1.11 -4.30 -21.56
N ILE A 124 2.32 -4.70 -21.92
CA ILE A 124 2.80 -4.51 -23.29
C ILE A 124 1.99 -5.35 -24.27
N GLN A 125 2.28 -6.65 -24.29
CA GLN A 125 1.58 -7.56 -25.19
C GLN A 125 0.06 -7.40 -25.05
N MET A 126 -0.35 -6.62 -24.05
CA MET A 126 -1.78 -6.40 -23.82
C MET A 126 -2.00 -5.13 -23.00
N GLU A 127 -2.02 -3.98 -23.68
CA GLU A 127 -2.22 -2.71 -22.99
C GLU A 127 -3.71 -2.40 -22.86
N GLU A 128 -4.43 -3.29 -22.18
CA GLU A 128 -5.86 -3.11 -21.98
C GLU A 128 -6.14 -1.78 -21.29
N ARG A 129 -6.49 -0.76 -22.09
CA ARG A 129 -6.78 0.55 -21.54
C ARG A 129 -5.67 1.00 -20.59
N GLU A 24 13.36 -19.98 14.27
CA GLU A 24 13.01 -19.20 13.09
C GLU A 24 12.21 -20.03 12.11
N ASN A 25 11.18 -19.42 11.54
CA ASN A 25 10.32 -20.11 10.57
C ASN A 25 9.67 -19.11 9.62
N PHE A 26 10.42 -18.09 9.23
CA PHE A 26 9.91 -17.06 8.33
C PHE A 26 11.03 -16.15 7.85
N SER A 27 12.25 -16.67 7.86
CA SER A 27 13.41 -15.89 7.43
C SER A 27 13.22 -15.39 6.00
N VAL A 28 14.30 -14.95 5.38
CA VAL A 28 14.24 -14.46 4.02
C VAL A 28 13.85 -15.57 3.06
N ALA A 29 13.75 -16.76 3.61
CA ALA A 29 13.37 -17.92 2.82
C ALA A 29 14.18 -17.97 1.53
N THR A 30 13.49 -18.27 0.43
CA THR A 30 14.14 -18.34 -0.88
C THR A 30 13.69 -17.19 -1.77
N GLU A 31 12.43 -16.82 -1.64
CA GLU A 31 11.87 -15.72 -2.42
C GLU A 31 12.08 -15.96 -3.92
N GLU A 32 12.81 -15.07 -4.57
CA GLU A 32 13.07 -15.20 -6.00
C GLU A 32 11.76 -15.38 -6.77
N SER A 33 11.30 -16.62 -6.86
CA SER A 33 10.05 -16.92 -7.56
C SER A 33 8.87 -16.79 -6.61
N ALA A 34 8.53 -15.55 -6.26
CA ALA A 34 7.41 -15.30 -5.35
C ALA A 34 6.88 -13.89 -5.53
N GLU A 35 5.84 -13.55 -4.77
CA GLU A 35 5.25 -12.22 -4.86
C GLU A 35 6.11 -11.20 -4.11
N PRO A 36 6.13 -9.96 -4.55
CA PRO A 36 6.94 -8.90 -3.87
C PRO A 36 6.34 -8.48 -2.54
N LEU A 37 5.13 -8.98 -2.25
CA LEU A 37 4.45 -8.66 -1.00
C LEU A 37 4.75 -9.73 0.05
N SER A 38 4.73 -9.32 1.32
CA SER A 38 4.99 -10.24 2.43
C SER A 38 3.82 -10.19 3.41
N GLU A 39 3.57 -11.30 4.10
CA GLU A 39 2.47 -11.36 5.04
C GLU A 39 2.79 -10.50 6.27
N ASP A 40 4.05 -10.54 6.69
CA ASP A 40 4.48 -9.76 7.84
C ASP A 40 3.98 -8.32 7.72
N ASP A 41 3.82 -7.86 6.49
CA ASP A 41 3.36 -6.50 6.25
C ASP A 41 1.86 -6.38 6.55
N PHE A 42 1.10 -7.35 6.07
CA PHE A 42 -0.34 -7.33 6.29
C PHE A 42 -0.65 -7.12 7.77
N GLU A 43 0.00 -7.88 8.63
CA GLU A 43 -0.23 -7.75 10.07
C GLU A 43 0.23 -6.38 10.57
N MET A 44 1.47 -6.02 10.26
CA MET A 44 2.00 -4.73 10.68
C MET A 44 1.11 -3.59 10.19
N PHE A 45 0.57 -3.74 8.99
CA PHE A 45 -0.29 -2.70 8.42
C PHE A 45 -1.55 -2.53 9.26
N TYR A 46 -2.13 -3.64 9.71
CA TYR A 46 -3.34 -3.57 10.53
C TYR A 46 -2.97 -3.05 11.93
N GLU A 47 -1.77 -3.34 12.38
CA GLU A 47 -1.32 -2.88 13.69
C GLU A 47 -1.32 -1.36 13.74
N VAL A 48 -0.85 -0.74 12.66
CA VAL A 48 -0.81 0.72 12.62
C VAL A 48 -2.22 1.26 12.40
N TRP A 49 -2.99 0.56 11.57
CA TRP A 49 -4.34 1.02 11.29
C TRP A 49 -5.18 1.11 12.56
N GLU A 50 -5.01 0.15 13.46
CA GLU A 50 -5.78 0.11 14.69
C GLU A 50 -5.45 1.29 15.60
N LYS A 51 -4.21 1.79 15.56
CA LYS A 51 -3.83 2.90 16.42
C LYS A 51 -4.53 4.18 16.01
N PHE A 52 -4.87 4.24 14.73
CA PHE A 52 -5.53 5.41 14.16
C PHE A 52 -6.94 5.57 14.73
N ASP A 53 -7.88 4.72 14.31
CA ASP A 53 -9.26 4.79 14.77
C ASP A 53 -9.66 3.49 15.49
N PRO A 54 -9.97 3.51 16.78
CA PRO A 54 -10.37 2.29 17.52
C PRO A 54 -11.84 1.95 17.30
N ASP A 55 -12.49 2.68 16.40
CA ASP A 55 -13.91 2.44 16.11
C ASP A 55 -14.09 1.27 15.14
N ALA A 56 -13.02 0.92 14.43
CA ALA A 56 -13.07 -0.18 13.47
C ALA A 56 -13.91 0.23 12.25
N THR A 57 -13.94 1.52 11.98
CA THR A 57 -14.71 2.03 10.86
C THR A 57 -14.09 1.58 9.53
N GLN A 58 -12.77 1.45 9.52
CA GLN A 58 -12.04 1.03 8.32
C GLN A 58 -11.90 2.23 7.37
N PHE A 59 -12.08 3.42 7.96
CA PHE A 59 -11.94 4.66 7.18
C PHE A 59 -10.97 5.61 7.88
N ILE A 60 -10.33 6.52 7.14
CA ILE A 60 -9.39 7.47 7.73
C ILE A 60 -9.55 8.84 7.08
N GLU A 61 -9.33 9.92 7.83
CA GLU A 61 -9.53 11.27 7.30
C GLU A 61 -8.37 11.71 6.41
N PHE A 62 -8.69 12.31 5.26
CA PHE A 62 -7.66 12.77 4.34
C PHE A 62 -6.66 13.67 5.06
N ALA A 63 -7.17 14.60 5.87
CA ALA A 63 -6.30 15.52 6.60
C ALA A 63 -5.30 14.77 7.47
N LYS A 64 -5.64 13.52 7.81
CA LYS A 64 -4.77 12.70 8.66
C LYS A 64 -4.17 11.52 7.88
N LEU A 65 -4.38 11.50 6.57
CA LEU A 65 -3.85 10.43 5.74
C LEU A 65 -2.33 10.51 5.65
N SER A 66 -1.79 11.72 5.74
CA SER A 66 -0.33 11.91 5.65
C SER A 66 0.35 11.29 6.88
N ASP A 67 -0.31 11.37 8.02
CA ASP A 67 0.24 10.83 9.26
C ASP A 67 0.31 9.31 9.18
N PHE A 68 -0.56 8.74 8.37
CA PHE A 68 -0.62 7.29 8.21
C PHE A 68 0.49 6.82 7.26
N ALA A 69 0.57 7.48 6.13
CA ALA A 69 1.55 7.14 5.11
C ALA A 69 2.96 7.02 5.69
N ASP A 70 3.31 7.88 6.65
CA ASP A 70 4.63 7.84 7.28
C ASP A 70 4.58 6.99 8.56
N ALA A 71 3.40 6.44 8.86
CA ALA A 71 3.24 5.60 10.04
C ALA A 71 3.59 4.15 9.70
N LEU A 72 3.49 3.81 8.42
CA LEU A 72 3.80 2.46 7.98
C LEU A 72 5.31 2.23 7.96
N ASP A 73 5.70 0.97 7.85
CA ASP A 73 7.12 0.60 7.79
C ASP A 73 7.43 0.06 6.39
N PRO A 74 8.65 0.23 5.90
CA PRO A 74 9.00 -0.30 4.54
C PRO A 74 8.50 -1.74 4.35
N PRO A 75 8.15 -2.16 3.14
CA PRO A 75 8.19 -1.34 1.89
C PRO A 75 6.89 -0.56 1.66
N LEU A 76 6.39 0.11 2.71
CA LEU A 76 5.15 0.88 2.62
C LEU A 76 5.35 2.29 3.20
N LEU A 77 6.52 2.55 3.76
CA LEU A 77 6.83 3.84 4.39
C LEU A 77 7.21 4.90 3.36
N ILE A 78 6.48 6.02 3.41
CA ILE A 78 6.74 7.17 2.53
C ILE A 78 7.15 8.34 3.42
N ALA A 79 8.44 8.67 3.40
CA ALA A 79 8.94 9.76 4.24
C ALA A 79 8.24 11.08 3.93
N LYS A 80 8.12 11.93 4.94
CA LYS A 80 7.48 13.23 4.79
C LYS A 80 8.57 14.29 4.57
N PRO A 81 8.24 15.41 3.96
CA PRO A 81 6.87 15.74 3.45
C PRO A 81 6.56 15.05 2.11
N ASN A 82 5.45 14.32 1.99
CA ASN A 82 5.12 13.71 0.69
C ASN A 82 3.63 13.73 0.41
N LYS A 83 3.08 14.92 0.23
CA LYS A 83 1.67 15.07 -0.14
C LYS A 83 1.50 14.91 -1.65
N VAL A 84 2.54 15.31 -2.36
CA VAL A 84 2.49 15.22 -3.83
C VAL A 84 2.48 13.75 -4.27
N GLN A 85 3.16 12.89 -3.51
CA GLN A 85 3.19 11.47 -3.85
C GLN A 85 1.81 10.85 -3.62
N LEU A 86 1.09 11.40 -2.66
CA LEU A 86 -0.26 10.92 -2.36
C LEU A 86 -1.28 11.43 -3.36
N ILE A 87 -1.08 12.66 -3.83
CA ILE A 87 -2.00 13.27 -4.79
C ILE A 87 -1.82 12.67 -6.18
N ALA A 88 -0.58 12.45 -6.60
CA ALA A 88 -0.29 11.87 -7.89
C ALA A 88 -0.86 10.47 -8.00
N MET A 89 -1.05 9.81 -6.87
CA MET A 89 -1.61 8.47 -6.82
C MET A 89 -3.13 8.49 -7.04
N ASP A 90 -3.64 9.62 -7.56
CA ASP A 90 -5.08 9.79 -7.83
C ASP A 90 -5.95 8.81 -7.03
N LEU A 91 -5.76 8.81 -5.72
CA LEU A 91 -6.51 7.93 -4.84
C LEU A 91 -8.00 8.28 -4.85
N PRO A 92 -8.88 7.43 -5.36
CA PRO A 92 -10.34 7.74 -5.34
C PRO A 92 -10.75 8.21 -3.96
N MET A 93 -11.55 9.26 -3.90
CA MET A 93 -11.98 9.83 -2.62
C MET A 93 -13.50 9.92 -2.49
N VAL A 94 -14.01 9.34 -1.41
CA VAL A 94 -15.43 9.43 -1.11
C VAL A 94 -15.64 10.72 -0.35
N SER A 95 -16.86 10.97 0.12
CA SER A 95 -17.16 12.20 0.87
C SER A 95 -15.89 12.79 1.53
N GLY A 96 -15.62 14.06 1.25
CA GLY A 96 -14.42 14.74 1.77
C GLY A 96 -13.94 14.16 3.10
N ASP A 97 -14.89 13.74 3.92
CA ASP A 97 -14.59 13.18 5.24
C ASP A 97 -13.34 12.29 5.22
N ARG A 98 -13.48 11.07 4.69
CA ARG A 98 -12.37 10.11 4.69
C ARG A 98 -12.32 9.28 3.40
N ILE A 99 -11.35 8.36 3.35
CA ILE A 99 -11.13 7.51 2.17
C ILE A 99 -11.34 6.03 2.47
N HIS A 100 -11.70 5.30 1.43
CA HIS A 100 -11.92 3.86 1.51
C HIS A 100 -10.59 3.12 1.73
N CYS A 101 -10.50 2.37 2.81
CA CYS A 101 -9.30 1.60 3.12
C CYS A 101 -8.99 0.61 2.00
N LEU A 102 -10.01 -0.06 1.49
CA LEU A 102 -9.79 -1.01 0.41
C LEU A 102 -9.01 -0.35 -0.71
N ASP A 103 -9.36 0.89 -1.01
CA ASP A 103 -8.68 1.64 -2.07
C ASP A 103 -7.25 1.96 -1.64
N ILE A 104 -7.09 2.44 -0.40
CA ILE A 104 -5.77 2.78 0.11
C ILE A 104 -4.86 1.55 0.07
N LEU A 105 -5.37 0.40 0.50
CA LEU A 105 -4.58 -0.83 0.52
C LEU A 105 -4.18 -1.24 -0.89
N PHE A 106 -5.16 -1.31 -1.79
CA PHE A 106 -4.89 -1.71 -3.17
C PHE A 106 -4.02 -0.66 -3.87
N ALA A 107 -4.30 0.60 -3.59
CA ALA A 107 -3.55 1.68 -4.22
C ALA A 107 -2.09 1.68 -3.76
N PHE A 108 -1.88 1.40 -2.48
CA PHE A 108 -0.53 1.38 -1.92
C PHE A 108 0.22 0.12 -2.36
N THR A 109 -0.52 -0.92 -2.75
CA THR A 109 0.11 -2.17 -3.20
C THR A 109 0.55 -2.02 -4.66
N LYS A 110 -0.19 -1.24 -5.42
CA LYS A 110 0.12 -1.01 -6.82
C LYS A 110 1.26 -0.01 -6.98
N ARG A 111 1.16 1.11 -6.25
CA ARG A 111 2.15 2.17 -6.31
C ARG A 111 3.57 1.66 -6.11
N VAL A 112 3.75 0.73 -5.17
CA VAL A 112 5.07 0.18 -4.86
C VAL A 112 5.91 0.01 -6.13
N LEU A 113 5.32 -0.62 -7.15
CA LEU A 113 6.01 -0.82 -8.43
C LEU A 113 5.74 0.35 -9.36
N GLY A 114 4.50 0.85 -9.34
CA GLY A 114 4.15 1.97 -10.19
C GLY A 114 5.07 3.16 -9.95
N GLU A 115 5.94 3.03 -8.94
CA GLU A 115 6.89 4.09 -8.60
C GLU A 115 8.32 3.63 -8.89
N SER A 116 8.89 4.14 -9.98
CA SER A 116 10.25 3.78 -10.36
C SER A 116 10.38 2.28 -10.59
N GLY A 117 9.27 1.57 -10.46
CA GLY A 117 9.27 0.11 -10.65
C GLY A 117 8.75 -0.24 -12.04
N GLU A 118 8.78 -1.53 -12.38
CA GLU A 118 8.31 -1.99 -13.68
C GLU A 118 8.36 -3.51 -13.76
N MET A 119 8.97 -4.13 -12.77
CA MET A 119 9.08 -5.58 -12.75
C MET A 119 7.70 -6.22 -12.86
N ASP A 120 6.67 -5.44 -12.57
CA ASP A 120 5.29 -5.92 -12.64
C ASP A 120 4.89 -6.18 -14.09
N ALA A 121 5.61 -5.55 -15.01
CA ALA A 121 5.31 -5.72 -16.44
C ALA A 121 5.47 -7.18 -16.85
N LEU A 122 6.29 -7.92 -16.11
CA LEU A 122 6.53 -9.33 -16.40
C LEU A 122 5.39 -10.19 -15.88
N ARG A 123 4.75 -9.72 -14.81
CA ARG A 123 3.64 -10.46 -14.22
C ARG A 123 2.44 -10.46 -15.15
N ILE A 124 2.34 -9.45 -15.99
CA ILE A 124 1.23 -9.35 -16.93
C ILE A 124 1.09 -10.64 -17.70
N GLN A 125 2.15 -11.05 -18.36
CA GLN A 125 2.14 -12.28 -19.13
C GLN A 125 2.25 -13.47 -18.19
N MET A 126 1.67 -13.33 -17.00
CA MET A 126 1.71 -14.40 -16.00
C MET A 126 3.15 -14.78 -15.71
N GLU A 127 3.98 -13.78 -15.49
CA GLU A 127 5.40 -14.02 -15.20
C GLU A 127 6.02 -14.88 -16.30
N GLU A 128 5.60 -14.67 -17.53
CA GLU A 128 6.13 -15.44 -18.66
C GLU A 128 5.98 -16.93 -18.41
N ARG A 129 4.74 -17.38 -18.25
CA ARG A 129 4.46 -18.78 -18.00
C ARG A 129 4.56 -19.58 -19.29
N GLU A 24 16.52 -15.27 8.32
CA GLU A 24 16.16 -16.69 8.22
C GLU A 24 14.69 -16.84 7.86
N ASN A 25 14.14 -15.86 7.15
CA ASN A 25 12.75 -15.90 6.75
C ASN A 25 12.52 -17.01 5.72
N PHE A 26 12.08 -18.17 6.20
CA PHE A 26 11.82 -19.30 5.32
C PHE A 26 10.63 -19.01 4.41
N SER A 27 10.85 -19.14 3.11
CA SER A 27 9.80 -18.89 2.13
C SER A 27 10.26 -19.30 0.73
N VAL A 28 9.70 -20.39 0.23
CA VAL A 28 10.05 -20.89 -1.11
C VAL A 28 11.53 -20.70 -1.40
N ALA A 29 11.89 -20.75 -2.68
CA ALA A 29 13.28 -20.58 -3.08
C ALA A 29 13.39 -20.26 -4.57
N THR A 30 12.31 -19.71 -5.13
CA THR A 30 12.30 -19.38 -6.55
C THR A 30 13.24 -18.22 -6.83
N GLU A 31 14.23 -18.47 -7.69
CA GLU A 31 15.20 -17.44 -8.06
C GLU A 31 15.57 -16.57 -6.86
N GLU A 32 14.81 -15.50 -6.66
CA GLU A 32 15.05 -14.59 -5.55
C GLU A 32 14.71 -15.27 -4.23
N SER A 33 14.00 -14.55 -3.35
CA SER A 33 13.61 -15.10 -2.06
C SER A 33 12.69 -14.13 -1.33
N ALA A 34 11.60 -14.66 -0.78
CA ALA A 34 10.64 -13.82 -0.06
C ALA A 34 10.33 -12.55 -0.85
N GLU A 35 9.28 -12.60 -1.66
CA GLU A 35 8.90 -11.45 -2.46
C GLU A 35 8.95 -10.17 -1.63
N PRO A 36 9.30 -9.04 -2.22
CA PRO A 36 9.36 -7.74 -1.49
C PRO A 36 8.22 -7.58 -0.48
N LEU A 37 7.01 -7.50 -1.01
CA LEU A 37 5.82 -7.33 -0.17
C LEU A 37 5.26 -8.69 0.26
N SER A 38 5.55 -9.05 1.51
CA SER A 38 5.07 -10.33 2.07
C SER A 38 3.88 -10.10 3.00
N GLU A 39 3.34 -11.18 3.54
CA GLU A 39 2.20 -11.08 4.45
C GLU A 39 2.55 -10.25 5.67
N ASP A 40 3.81 -10.31 6.09
CA ASP A 40 4.27 -9.56 7.25
C ASP A 40 3.80 -8.10 7.17
N ASP A 41 3.69 -7.60 5.95
CA ASP A 41 3.25 -6.22 5.76
C ASP A 41 1.74 -6.08 5.95
N PHE A 42 1.00 -7.05 5.40
CA PHE A 42 -0.46 -7.02 5.53
C PHE A 42 -0.86 -6.85 6.99
N GLU A 43 -0.29 -7.66 7.87
CA GLU A 43 -0.62 -7.57 9.29
C GLU A 43 -0.10 -6.25 9.87
N MET A 44 1.17 -5.98 9.64
CA MET A 44 1.80 -4.76 10.13
C MET A 44 0.99 -3.54 9.72
N PHE A 45 0.40 -3.60 8.54
CA PHE A 45 -0.41 -2.50 8.03
C PHE A 45 -1.63 -2.29 8.91
N TYR A 46 -2.25 -3.38 9.35
CA TYR A 46 -3.42 -3.28 10.21
C TYR A 46 -3.03 -2.78 11.59
N GLU A 47 -1.81 -3.09 12.02
CA GLU A 47 -1.34 -2.65 13.33
C GLU A 47 -1.29 -1.13 13.40
N VAL A 48 -0.78 -0.51 12.33
CA VAL A 48 -0.71 0.95 12.31
C VAL A 48 -2.12 1.52 12.12
N TRP A 49 -2.88 0.85 11.28
CA TRP A 49 -4.24 1.31 11.00
C TRP A 49 -5.05 1.45 12.29
N GLU A 50 -4.91 0.48 13.18
CA GLU A 50 -5.65 0.51 14.45
C GLU A 50 -5.36 1.78 15.24
N LYS A 51 -4.17 2.34 15.06
CA LYS A 51 -3.77 3.55 15.78
C LYS A 51 -4.56 4.78 15.34
N PHE A 52 -4.90 4.80 14.05
CA PHE A 52 -5.65 5.90 13.45
C PHE A 52 -7.14 5.57 13.37
N ASP A 53 -7.50 4.34 13.75
CA ASP A 53 -8.89 3.92 13.71
C ASP A 53 -9.14 2.80 14.72
N PRO A 54 -9.36 3.14 15.97
CA PRO A 54 -9.60 2.12 17.04
C PRO A 54 -11.05 1.62 17.06
N ASP A 55 -11.90 2.28 16.26
CA ASP A 55 -13.31 1.91 16.21
C ASP A 55 -13.54 0.80 15.19
N ALA A 56 -12.47 0.42 14.48
CA ALA A 56 -12.57 -0.63 13.47
C ALA A 56 -13.48 -0.19 12.33
N THR A 57 -13.58 1.13 12.14
CA THR A 57 -14.42 1.66 11.07
C THR A 57 -13.83 1.29 9.72
N GLN A 58 -12.50 1.22 9.66
CA GLN A 58 -11.79 0.88 8.44
C GLN A 58 -11.73 2.07 7.49
N PHE A 59 -11.92 3.28 8.04
CA PHE A 59 -11.86 4.51 7.24
C PHE A 59 -10.91 5.51 7.92
N ILE A 60 -10.31 6.44 7.16
CA ILE A 60 -9.39 7.43 7.74
C ILE A 60 -9.61 8.78 7.08
N GLU A 61 -9.41 9.86 7.83
CA GLU A 61 -9.62 11.21 7.31
C GLU A 61 -8.45 11.67 6.46
N PHE A 62 -8.75 12.28 5.32
CA PHE A 62 -7.70 12.75 4.42
C PHE A 62 -6.68 13.61 5.15
N ALA A 63 -7.17 14.52 5.98
CA ALA A 63 -6.28 15.41 6.73
C ALA A 63 -5.30 14.62 7.58
N LYS A 64 -5.67 13.38 7.92
CA LYS A 64 -4.80 12.52 8.73
C LYS A 64 -4.19 11.41 7.90
N LEU A 65 -4.43 11.44 6.59
CA LEU A 65 -3.89 10.39 5.72
C LEU A 65 -2.37 10.56 5.58
N SER A 66 -1.88 11.77 5.83
CA SER A 66 -0.44 12.03 5.73
C SER A 66 0.27 11.48 6.97
N ASP A 67 -0.41 11.56 8.11
CA ASP A 67 0.15 11.07 9.36
C ASP A 67 0.23 9.55 9.30
N PHE A 68 -0.62 8.97 8.45
CA PHE A 68 -0.65 7.52 8.28
C PHE A 68 0.46 7.06 7.34
N ALA A 69 0.56 7.75 6.21
CA ALA A 69 1.55 7.40 5.19
C ALA A 69 2.96 7.27 5.78
N ASP A 70 3.31 8.12 6.74
CA ASP A 70 4.64 8.06 7.36
C ASP A 70 4.59 7.22 8.64
N ALA A 71 3.41 6.68 8.94
CA ALA A 71 3.25 5.83 10.12
C ALA A 71 3.61 4.39 9.77
N LEU A 72 3.50 4.04 8.50
CA LEU A 72 3.81 2.69 8.06
C LEU A 72 5.33 2.46 8.07
N ASP A 73 5.71 1.19 7.98
CA ASP A 73 7.13 0.81 7.95
C ASP A 73 7.45 0.28 6.54
N PRO A 74 8.68 0.30 6.14
CA PRO A 74 9.09 -0.20 4.80
C PRO A 74 8.63 -1.64 4.60
N PRO A 75 8.29 -2.07 3.40
CA PRO A 75 8.32 -1.25 2.14
C PRO A 75 7.00 -0.47 1.90
N LEU A 76 6.51 0.21 2.94
CA LEU A 76 5.27 0.98 2.82
C LEU A 76 5.48 2.39 3.38
N LEU A 77 6.67 2.64 3.91
CA LEU A 77 7.00 3.92 4.53
C LEU A 77 7.39 4.98 3.49
N ILE A 78 6.68 6.09 3.51
CA ILE A 78 6.96 7.24 2.65
C ILE A 78 7.39 8.39 3.54
N ALA A 79 8.68 8.70 3.54
CA ALA A 79 9.22 9.75 4.40
C ALA A 79 8.55 11.09 4.13
N LYS A 80 8.49 11.91 5.17
CA LYS A 80 7.91 13.25 5.06
C LYS A 80 9.04 14.25 4.84
N PRO A 81 8.75 15.41 4.30
CA PRO A 81 7.37 15.83 3.88
C PRO A 81 6.97 15.21 2.53
N ASN A 82 5.90 14.40 2.49
CA ASN A 82 5.47 13.84 1.20
C ASN A 82 3.94 13.78 1.10
N LYS A 83 3.33 14.95 1.04
CA LYS A 83 1.89 15.08 0.85
C LYS A 83 1.55 14.99 -0.65
N VAL A 84 2.51 15.48 -1.43
CA VAL A 84 2.32 15.47 -2.88
C VAL A 84 2.22 14.05 -3.42
N GLN A 85 3.14 13.20 -3.00
CA GLN A 85 3.13 11.79 -3.45
C GLN A 85 1.74 11.21 -3.22
N LEU A 86 1.03 11.77 -2.25
CA LEU A 86 -0.33 11.32 -1.94
C LEU A 86 -1.34 11.87 -2.93
N ILE A 87 -1.11 13.08 -3.39
CA ILE A 87 -2.03 13.70 -4.35
C ILE A 87 -1.87 13.07 -5.72
N ALA A 88 -0.63 12.79 -6.12
CA ALA A 88 -0.38 12.17 -7.40
C ALA A 88 -0.78 10.71 -7.37
N MET A 89 -1.94 10.41 -6.77
CA MET A 89 -2.46 9.05 -6.68
C MET A 89 -3.85 8.96 -7.31
N ASP A 90 -4.51 10.10 -7.42
CA ASP A 90 -5.85 10.14 -8.00
C ASP A 90 -6.72 9.06 -7.36
N LEU A 91 -6.70 9.01 -6.03
CA LEU A 91 -7.47 8.00 -5.30
C LEU A 91 -8.93 8.46 -5.14
N PRO A 92 -9.90 7.74 -5.68
CA PRO A 92 -11.33 8.13 -5.54
C PRO A 92 -11.62 8.60 -4.12
N MET A 93 -12.39 9.67 -4.00
CA MET A 93 -12.71 10.24 -2.70
C MET A 93 -14.22 10.24 -2.44
N VAL A 94 -14.60 9.65 -1.31
CA VAL A 94 -16.00 9.61 -0.89
C VAL A 94 -16.22 10.78 0.04
N SER A 95 -17.42 10.88 0.63
CA SER A 95 -17.76 11.98 1.55
C SER A 95 -16.50 12.67 2.08
N GLY A 96 -16.35 13.96 1.77
CA GLY A 96 -15.17 14.75 2.18
C GLY A 96 -14.49 14.20 3.42
N ASP A 97 -15.31 13.70 4.34
CA ASP A 97 -14.81 13.16 5.61
C ASP A 97 -13.56 12.27 5.45
N ARG A 98 -13.73 11.10 4.83
CA ARG A 98 -12.61 10.14 4.72
C ARG A 98 -12.60 9.37 3.40
N ILE A 99 -11.64 8.43 3.31
CA ILE A 99 -11.44 7.60 2.11
C ILE A 99 -11.62 6.12 2.39
N HIS A 100 -11.85 5.37 1.32
CA HIS A 100 -12.03 3.92 1.40
C HIS A 100 -10.68 3.20 1.61
N CYS A 101 -10.58 2.45 2.69
CA CYS A 101 -9.37 1.69 3.00
C CYS A 101 -9.06 0.69 1.89
N LEU A 102 -10.07 -0.03 1.42
CA LEU A 102 -9.85 -1.00 0.36
C LEU A 102 -9.09 -0.36 -0.80
N ASP A 103 -9.43 0.88 -1.10
CA ASP A 103 -8.77 1.60 -2.18
C ASP A 103 -7.35 2.01 -1.77
N ILE A 104 -7.20 2.49 -0.55
CA ILE A 104 -5.89 2.91 -0.05
C ILE A 104 -4.91 1.75 -0.09
N LEU A 105 -5.34 0.57 0.36
CA LEU A 105 -4.48 -0.61 0.40
C LEU A 105 -3.99 -0.96 -1.00
N PHE A 106 -4.93 -1.04 -1.93
CA PHE A 106 -4.60 -1.39 -3.31
C PHE A 106 -3.69 -0.31 -3.93
N ALA A 107 -3.85 0.91 -3.45
CA ALA A 107 -3.06 2.01 -4.00
C ALA A 107 -1.58 1.90 -3.59
N PHE A 108 -1.39 1.55 -2.31
CA PHE A 108 -0.04 1.41 -1.77
C PHE A 108 0.60 0.11 -2.26
N THR A 109 -0.23 -0.91 -2.48
CA THR A 109 0.30 -2.19 -2.96
C THR A 109 0.74 -2.06 -4.42
N LYS A 110 0.02 -1.23 -5.17
CA LYS A 110 0.36 -1.02 -6.58
C LYS A 110 1.55 -0.06 -6.69
N ARG A 111 1.50 1.03 -5.93
CA ARG A 111 2.57 2.02 -5.95
C ARG A 111 3.93 1.37 -5.70
N VAL A 112 3.96 0.43 -4.76
CA VAL A 112 5.19 -0.31 -4.43
C VAL A 112 5.44 -1.43 -5.44
N LEU A 113 4.42 -1.77 -6.23
CA LEU A 113 4.56 -2.83 -7.24
C LEU A 113 4.73 -2.24 -8.63
N GLY A 114 4.48 -0.95 -8.76
CA GLY A 114 4.62 -0.28 -10.06
C GLY A 114 6.04 0.20 -10.28
N GLU A 115 6.89 -0.69 -10.77
CA GLU A 115 8.28 -0.33 -11.03
C GLU A 115 9.00 -1.45 -11.76
N SER A 116 8.60 -2.69 -11.49
CA SER A 116 9.20 -3.85 -12.14
C SER A 116 8.53 -5.14 -11.69
N GLY A 117 7.48 -5.00 -10.90
CA GLY A 117 6.74 -6.17 -10.40
C GLY A 117 5.69 -6.62 -11.42
N GLU A 118 4.43 -6.41 -11.09
CA GLU A 118 3.33 -6.79 -11.97
C GLU A 118 3.24 -8.31 -12.10
N MET A 119 4.23 -9.00 -11.56
CA MET A 119 4.26 -10.47 -11.59
C MET A 119 3.62 -11.05 -10.35
N ASP A 120 3.49 -10.23 -9.31
CA ASP A 120 2.89 -10.67 -8.06
C ASP A 120 1.37 -10.72 -8.17
N ALA A 121 0.84 -10.07 -9.21
CA ALA A 121 -0.61 -10.05 -9.42
C ALA A 121 -1.04 -11.16 -10.37
N LEU A 122 -0.07 -11.97 -10.81
CA LEU A 122 -0.34 -13.06 -11.73
C LEU A 122 -0.52 -14.38 -10.97
N ARG A 123 0.20 -14.51 -9.88
CA ARG A 123 0.12 -15.72 -9.05
C ARG A 123 -1.08 -15.66 -8.10
N ILE A 124 -0.99 -14.80 -7.08
CA ILE A 124 -2.07 -14.66 -6.12
C ILE A 124 -3.43 -14.63 -6.82
N GLN A 125 -3.41 -14.27 -8.11
CA GLN A 125 -4.66 -14.20 -8.87
C GLN A 125 -5.03 -15.59 -9.40
N MET A 126 -4.02 -16.40 -9.68
CA MET A 126 -4.26 -17.74 -10.20
C MET A 126 -5.25 -18.49 -9.29
N GLU A 127 -4.74 -19.00 -8.17
CA GLU A 127 -5.59 -19.74 -7.22
C GLU A 127 -5.78 -18.93 -5.95
N GLU A 128 -6.20 -17.67 -6.11
CA GLU A 128 -6.42 -16.80 -4.96
C GLU A 128 -5.22 -16.86 -4.01
N ARG A 129 -5.51 -16.88 -2.71
CA ARG A 129 -4.46 -16.93 -1.71
C ARG A 129 -3.48 -18.06 -2.01
N GLU A 24 30.40 -0.73 -5.25
CA GLU A 24 30.42 -1.38 -3.95
C GLU A 24 29.14 -1.08 -3.18
N ASN A 25 28.01 -1.51 -3.74
CA ASN A 25 26.72 -1.29 -3.09
C ASN A 25 26.57 -2.16 -1.86
N PHE A 26 26.55 -1.54 -0.69
CA PHE A 26 26.41 -2.28 0.57
C PHE A 26 25.00 -2.84 0.69
N SER A 27 24.14 -2.47 -0.24
CA SER A 27 22.77 -2.95 -0.22
C SER A 27 22.71 -4.45 -0.45
N VAL A 28 22.29 -5.20 0.56
CA VAL A 28 22.21 -6.65 0.46
C VAL A 28 21.36 -7.05 -0.75
N ALA A 29 21.83 -8.05 -1.48
CA ALA A 29 21.11 -8.53 -2.66
C ALA A 29 19.97 -9.46 -2.26
N THR A 30 19.14 -9.81 -3.24
CA THR A 30 18.02 -10.68 -2.98
C THR A 30 18.49 -12.15 -2.90
N GLU A 31 18.22 -12.78 -1.76
CA GLU A 31 18.61 -14.17 -1.55
C GLU A 31 17.42 -15.09 -1.75
N GLU A 32 16.30 -14.51 -2.18
CA GLU A 32 15.08 -15.29 -2.41
C GLU A 32 14.10 -14.51 -3.25
N SER A 33 13.41 -15.21 -4.14
CA SER A 33 12.43 -14.57 -5.03
C SER A 33 11.15 -14.26 -4.27
N ALA A 34 10.04 -14.19 -5.00
CA ALA A 34 8.74 -13.89 -4.41
C ALA A 34 8.54 -12.38 -4.26
N GLU A 35 7.30 -11.93 -4.40
CA GLU A 35 6.99 -10.51 -4.28
C GLU A 35 7.62 -9.92 -3.02
N PRO A 36 7.95 -8.66 -3.01
CA PRO A 36 8.58 -8.00 -1.82
C PRO A 36 7.58 -7.82 -0.67
N LEU A 37 6.30 -7.74 -1.02
CA LEU A 37 5.25 -7.58 -0.02
C LEU A 37 4.70 -8.93 0.42
N SER A 38 5.02 -9.33 1.65
CA SER A 38 4.54 -10.61 2.18
C SER A 38 3.43 -10.37 3.20
N GLU A 39 2.69 -11.43 3.53
CA GLU A 39 1.60 -11.29 4.50
C GLU A 39 2.05 -10.48 5.70
N ASP A 40 3.35 -10.58 6.02
CA ASP A 40 3.89 -9.85 7.16
C ASP A 40 3.45 -8.39 7.13
N ASP A 41 3.30 -7.85 5.91
CA ASP A 41 2.89 -6.47 5.76
C ASP A 41 1.42 -6.30 6.11
N PHE A 42 0.59 -7.22 5.63
CA PHE A 42 -0.85 -7.14 5.89
C PHE A 42 -1.08 -6.96 7.40
N GLU A 43 -0.44 -7.78 8.22
CA GLU A 43 -0.61 -7.69 9.67
C GLU A 43 -0.04 -6.37 10.21
N MET A 44 1.22 -6.10 9.89
CA MET A 44 1.88 -4.87 10.36
C MET A 44 1.06 -3.64 9.96
N PHE A 45 0.45 -3.70 8.78
CA PHE A 45 -0.36 -2.60 8.29
C PHE A 45 -1.56 -2.37 9.20
N TYR A 46 -2.19 -3.45 9.63
CA TYR A 46 -3.35 -3.35 10.52
C TYR A 46 -2.88 -2.87 11.90
N GLU A 47 -1.66 -3.23 12.27
CA GLU A 47 -1.11 -2.84 13.55
C GLU A 47 -1.03 -1.32 13.65
N VAL A 48 -0.63 -0.67 12.56
CA VAL A 48 -0.53 0.78 12.55
C VAL A 48 -1.93 1.38 12.43
N TRP A 49 -2.76 0.75 11.61
CA TRP A 49 -4.11 1.25 11.42
C TRP A 49 -4.83 1.41 12.75
N GLU A 50 -4.68 0.42 13.63
CA GLU A 50 -5.32 0.45 14.94
C GLU A 50 -4.99 1.74 15.71
N LYS A 51 -3.82 2.30 15.44
CA LYS A 51 -3.36 3.52 16.11
C LYS A 51 -4.15 4.76 15.69
N PHE A 52 -4.53 4.78 14.41
CA PHE A 52 -5.28 5.90 13.84
C PHE A 52 -6.78 5.64 13.85
N ASP A 53 -7.17 4.42 14.21
CA ASP A 53 -8.59 4.08 14.26
C ASP A 53 -8.85 2.84 15.12
N PRO A 54 -9.06 3.02 16.40
CA PRO A 54 -9.34 1.89 17.32
C PRO A 54 -10.81 1.49 17.30
N ASP A 55 -11.60 2.22 16.50
CA ASP A 55 -13.03 1.97 16.39
C ASP A 55 -13.34 0.93 15.32
N ALA A 56 -12.31 0.54 14.57
CA ALA A 56 -12.48 -0.45 13.50
C ALA A 56 -13.44 0.06 12.43
N THR A 57 -13.50 1.38 12.27
CA THR A 57 -14.37 1.98 11.27
C THR A 57 -13.87 1.65 9.87
N GLN A 58 -12.56 1.53 9.75
CA GLN A 58 -11.91 1.22 8.47
C GLN A 58 -11.90 2.44 7.56
N PHE A 59 -12.02 3.63 8.17
CA PHE A 59 -12.01 4.89 7.42
C PHE A 59 -11.00 5.84 8.06
N ILE A 60 -10.41 6.76 7.29
CA ILE A 60 -9.45 7.72 7.84
C ILE A 60 -9.63 9.06 7.16
N GLU A 61 -9.40 10.15 7.91
CA GLU A 61 -9.56 11.48 7.35
C GLU A 61 -8.35 11.88 6.52
N PHE A 62 -8.60 12.57 5.40
CA PHE A 62 -7.52 12.99 4.52
C PHE A 62 -6.49 13.83 5.28
N ALA A 63 -6.97 14.76 6.10
CA ALA A 63 -6.06 15.62 6.86
C ALA A 63 -5.11 14.78 7.71
N LYS A 64 -5.53 13.55 8.02
CA LYS A 64 -4.72 12.66 8.84
C LYS A 64 -4.10 11.54 8.00
N LEU A 65 -4.37 11.55 6.70
CA LEU A 65 -3.83 10.52 5.83
C LEU A 65 -2.32 10.67 5.69
N SER A 66 -1.81 11.89 5.90
CA SER A 66 -0.37 12.12 5.78
C SER A 66 0.34 11.55 7.00
N ASP A 67 -0.29 11.63 8.17
CA ASP A 67 0.29 11.11 9.40
C ASP A 67 0.33 9.58 9.33
N PHE A 68 -0.55 9.04 8.49
CA PHE A 68 -0.63 7.59 8.31
C PHE A 68 0.41 7.10 7.31
N ALA A 69 0.48 7.79 6.19
CA ALA A 69 1.39 7.42 5.11
C ALA A 69 2.83 7.21 5.60
N ASP A 70 3.27 8.01 6.57
CA ASP A 70 4.62 7.86 7.13
C ASP A 70 4.58 6.99 8.39
N ALA A 71 3.39 6.50 8.71
CA ALA A 71 3.22 5.64 9.88
C ALA A 71 3.52 4.19 9.53
N LEU A 72 3.36 3.86 8.25
CA LEU A 72 3.61 2.50 7.80
C LEU A 72 5.11 2.21 7.79
N ASP A 73 5.45 0.93 7.66
CA ASP A 73 6.85 0.49 7.61
C ASP A 73 7.16 -0.03 6.20
N PRO A 74 8.38 0.06 5.73
CA PRO A 74 8.74 -0.44 4.38
C PRO A 74 8.15 -1.85 4.14
N PRO A 75 7.75 -2.20 2.92
CA PRO A 75 7.81 -1.34 1.70
C PRO A 75 6.54 -0.49 1.53
N LEU A 76 6.12 0.18 2.60
CA LEU A 76 4.92 1.01 2.56
C LEU A 76 5.18 2.37 3.19
N LEU A 77 6.38 2.57 3.72
CA LEU A 77 6.76 3.81 4.39
C LEU A 77 7.16 4.91 3.40
N ILE A 78 6.48 6.06 3.52
CA ILE A 78 6.75 7.24 2.70
C ILE A 78 7.26 8.33 3.64
N ALA A 79 8.56 8.58 3.60
CA ALA A 79 9.17 9.57 4.48
C ALA A 79 8.61 10.97 4.25
N LYS A 80 8.62 11.78 5.31
CA LYS A 80 8.16 13.16 5.21
C LYS A 80 9.37 14.04 4.88
N PRO A 81 9.17 15.19 4.30
CA PRO A 81 7.83 15.76 3.93
C PRO A 81 7.35 15.31 2.54
N ASN A 82 6.38 14.39 2.45
CA ASN A 82 5.89 13.97 1.12
C ASN A 82 4.36 14.00 1.06
N LYS A 83 3.81 15.20 1.10
CA LYS A 83 2.38 15.42 0.97
C LYS A 83 1.97 15.39 -0.50
N VAL A 84 2.91 15.86 -1.32
CA VAL A 84 2.66 15.89 -2.76
C VAL A 84 2.50 14.47 -3.30
N GLN A 85 3.41 13.59 -2.88
CA GLN A 85 3.34 12.20 -3.34
C GLN A 85 1.94 11.65 -3.10
N LEU A 86 1.26 12.23 -2.11
CA LEU A 86 -0.12 11.80 -1.81
C LEU A 86 -1.10 12.39 -2.82
N ILE A 87 -0.82 13.61 -3.26
CA ILE A 87 -1.70 14.30 -4.21
C ILE A 87 -1.60 13.70 -5.61
N ALA A 88 -0.39 13.42 -6.07
CA ALA A 88 -0.18 12.84 -7.39
C ALA A 88 -0.92 11.51 -7.52
N MET A 89 -1.11 10.82 -6.40
CA MET A 89 -1.81 9.54 -6.41
C MET A 89 -3.29 9.71 -6.77
N ASP A 90 -3.84 10.89 -6.52
CA ASP A 90 -5.23 11.15 -6.82
C ASP A 90 -6.11 10.03 -6.27
N LEU A 91 -5.76 9.55 -5.08
CA LEU A 91 -6.49 8.47 -4.44
C LEU A 91 -8.00 8.67 -4.59
N PRO A 92 -8.76 7.61 -4.84
CA PRO A 92 -10.24 7.71 -4.98
C PRO A 92 -10.90 7.89 -3.61
N MET A 93 -11.64 8.98 -3.43
CA MET A 93 -12.29 9.24 -2.15
C MET A 93 -13.76 8.88 -2.20
N VAL A 94 -14.24 8.29 -1.11
CA VAL A 94 -15.64 7.91 -1.01
C VAL A 94 -16.43 9.08 -0.44
N SER A 95 -17.72 8.85 -0.20
CA SER A 95 -18.62 9.86 0.35
C SER A 95 -17.97 11.24 0.51
N GLY A 96 -18.41 12.19 -0.32
CA GLY A 96 -17.93 13.60 -0.31
C GLY A 96 -16.51 13.83 0.23
N ASP A 97 -16.25 13.39 1.45
CA ASP A 97 -14.92 13.56 2.06
C ASP A 97 -14.60 12.42 3.02
N ARG A 98 -14.21 11.26 2.47
CA ARG A 98 -13.87 10.11 3.31
C ARG A 98 -13.17 9.02 2.47
N ILE A 99 -12.05 8.50 3.00
CA ILE A 99 -11.28 7.45 2.31
C ILE A 99 -11.32 6.15 3.12
N HIS A 100 -11.53 5.03 2.42
CA HIS A 100 -11.59 3.71 3.09
C HIS A 100 -10.31 2.91 2.85
N CYS A 101 -9.65 2.55 3.94
CA CYS A 101 -8.37 1.84 3.87
C CYS A 101 -8.34 0.84 2.71
N LEU A 102 -9.48 0.28 2.35
CA LEU A 102 -9.51 -0.68 1.25
C LEU A 102 -8.86 -0.06 0.01
N ASP A 103 -9.17 1.20 -0.26
CA ASP A 103 -8.60 1.89 -1.41
C ASP A 103 -7.14 2.22 -1.15
N ILE A 104 -6.83 2.59 0.09
CA ILE A 104 -5.46 2.93 0.46
C ILE A 104 -4.56 1.70 0.30
N LEU A 105 -5.07 0.55 0.74
CA LEU A 105 -4.30 -0.69 0.65
C LEU A 105 -3.99 -1.05 -0.81
N PHE A 106 -5.02 -1.02 -1.65
CA PHE A 106 -4.84 -1.37 -3.06
C PHE A 106 -3.97 -0.32 -3.77
N ALA A 107 -4.20 0.95 -3.48
CA ALA A 107 -3.45 2.01 -4.14
C ALA A 107 -1.97 1.98 -3.74
N PHE A 108 -1.70 1.69 -2.48
CA PHE A 108 -0.33 1.64 -1.99
C PHE A 108 0.37 0.36 -2.48
N THR A 109 -0.41 -0.67 -2.76
CA THR A 109 0.16 -1.93 -3.25
C THR A 109 0.57 -1.78 -4.71
N LYS A 110 -0.16 -0.94 -5.43
CA LYS A 110 0.13 -0.71 -6.86
C LYS A 110 1.31 0.24 -7.04
N ARG A 111 1.30 1.32 -6.28
CA ARG A 111 2.36 2.31 -6.37
C ARG A 111 3.74 1.66 -6.26
N VAL A 112 3.83 0.70 -5.34
CA VAL A 112 5.06 -0.05 -5.12
C VAL A 112 5.23 -1.16 -6.18
N LEU A 113 4.18 -1.44 -6.94
CA LEU A 113 4.24 -2.49 -7.97
C LEU A 113 4.38 -1.90 -9.37
N GLY A 114 4.10 -0.61 -9.51
CA GLY A 114 4.22 0.04 -10.81
C GLY A 114 5.68 0.38 -11.12
N GLU A 115 6.38 -0.56 -11.75
CA GLU A 115 7.78 -0.33 -12.11
C GLU A 115 8.31 -1.51 -12.92
N SER A 116 7.86 -2.71 -12.58
CA SER A 116 8.29 -3.91 -13.28
C SER A 116 7.48 -5.11 -12.82
N GLY A 117 6.17 -4.95 -12.75
CA GLY A 117 5.29 -6.03 -12.31
C GLY A 117 5.07 -7.05 -13.43
N GLU A 118 5.46 -8.29 -13.18
CA GLU A 118 5.27 -9.36 -14.16
C GLU A 118 3.86 -9.91 -14.08
N MET A 119 3.15 -9.50 -13.03
CA MET A 119 1.78 -9.95 -12.82
C MET A 119 0.87 -9.45 -13.95
N ASP A 120 1.32 -8.38 -14.61
CA ASP A 120 0.54 -7.80 -15.70
C ASP A 120 0.67 -8.65 -16.96
N ALA A 121 1.67 -9.52 -16.98
CA ALA A 121 1.89 -10.39 -18.12
C ALA A 121 0.83 -11.48 -18.18
N LEU A 122 0.59 -12.12 -17.05
CA LEU A 122 -0.41 -13.18 -16.98
C LEU A 122 -1.69 -12.76 -17.69
N ARG A 123 -1.94 -11.46 -17.72
CA ARG A 123 -3.12 -10.93 -18.38
C ARG A 123 -2.90 -10.81 -19.88
N ILE A 124 -1.73 -10.30 -20.26
CA ILE A 124 -1.40 -10.15 -21.67
C ILE A 124 -1.13 -11.50 -22.31
N GLN A 125 -0.77 -12.48 -21.48
CA GLN A 125 -0.48 -13.82 -21.97
C GLN A 125 -1.77 -14.53 -22.35
N MET A 126 -2.83 -14.30 -21.57
CA MET A 126 -4.12 -14.93 -21.83
C MET A 126 -4.86 -14.16 -22.92
N GLU A 127 -4.16 -13.85 -24.00
CA GLU A 127 -4.76 -13.12 -25.12
C GLU A 127 -5.80 -13.98 -25.83
N GLU A 128 -5.52 -15.27 -25.91
CA GLU A 128 -6.44 -16.20 -26.57
C GLU A 128 -7.61 -16.54 -25.65
N ARG A 129 -8.82 -16.42 -26.18
CA ARG A 129 -10.01 -16.71 -25.40
C ARG A 129 -9.97 -16.01 -24.05
N GLU A 24 19.29 -17.01 -8.53
CA GLU A 24 18.09 -17.64 -9.06
C GLU A 24 18.41 -19.06 -9.53
N ASN A 25 19.59 -19.24 -10.13
CA ASN A 25 20.00 -20.55 -10.62
C ASN A 25 18.92 -21.14 -11.52
N PHE A 26 19.17 -22.35 -12.02
CA PHE A 26 18.21 -23.01 -12.90
C PHE A 26 17.01 -23.50 -12.10
N SER A 27 16.26 -22.55 -11.53
CA SER A 27 15.08 -22.89 -10.74
C SER A 27 14.15 -21.69 -10.63
N VAL A 28 13.99 -20.96 -11.74
CA VAL A 28 13.13 -19.79 -11.76
C VAL A 28 11.73 -20.15 -11.28
N ALA A 29 10.96 -19.14 -10.89
CA ALA A 29 9.60 -19.36 -10.42
C ALA A 29 9.61 -20.29 -9.21
N THR A 30 9.18 -19.77 -8.06
CA THR A 30 9.15 -20.56 -6.83
C THR A 30 7.94 -20.16 -5.99
N GLU A 31 6.95 -21.04 -5.93
CA GLU A 31 5.74 -20.77 -5.16
C GLU A 31 6.00 -20.97 -3.67
N GLU A 32 7.26 -21.28 -3.34
CA GLU A 32 7.63 -21.49 -1.94
C GLU A 32 7.68 -20.15 -1.20
N SER A 33 8.68 -19.34 -1.53
CA SER A 33 8.83 -18.04 -0.88
C SER A 33 9.73 -17.14 -1.72
N ALA A 34 9.12 -16.20 -2.44
CA ALA A 34 9.87 -15.28 -3.28
C ALA A 34 8.99 -14.13 -3.74
N GLU A 35 8.71 -13.20 -2.83
CA GLU A 35 7.87 -12.03 -3.15
C GLU A 35 8.36 -10.80 -2.39
N PRO A 36 8.13 -9.61 -2.89
CA PRO A 36 8.57 -8.36 -2.22
C PRO A 36 7.75 -8.07 -0.96
N LEU A 37 6.44 -8.13 -1.09
CA LEU A 37 5.52 -7.88 0.02
C LEU A 37 4.91 -9.19 0.51
N SER A 38 5.24 -9.58 1.75
CA SER A 38 4.71 -10.81 2.33
C SER A 38 3.54 -10.51 3.26
N GLU A 39 2.90 -11.55 3.76
CA GLU A 39 1.76 -11.39 4.66
C GLU A 39 2.16 -10.56 5.88
N ASP A 40 3.43 -10.67 6.25
CA ASP A 40 3.94 -9.94 7.40
C ASP A 40 3.53 -8.47 7.32
N ASP A 41 3.34 -7.98 6.10
CA ASP A 41 2.94 -6.59 5.89
C ASP A 41 1.44 -6.43 6.16
N PHE A 42 0.65 -7.37 5.65
CA PHE A 42 -0.80 -7.30 5.83
C PHE A 42 -1.14 -7.10 7.31
N GLU A 43 -0.55 -7.91 8.18
CA GLU A 43 -0.80 -7.79 9.62
C GLU A 43 -0.25 -6.47 10.14
N MET A 44 1.02 -6.20 9.84
CA MET A 44 1.66 -4.97 10.28
C MET A 44 0.83 -3.76 9.88
N PHE A 45 0.21 -3.83 8.70
CA PHE A 45 -0.62 -2.73 8.22
C PHE A 45 -1.80 -2.50 9.16
N TYR A 46 -2.41 -3.59 9.62
CA TYR A 46 -3.54 -3.47 10.53
C TYR A 46 -3.07 -2.97 11.90
N GLU A 47 -1.84 -3.33 12.26
CA GLU A 47 -1.28 -2.91 13.54
C GLU A 47 -1.21 -1.38 13.60
N VAL A 48 -0.76 -0.76 12.52
CA VAL A 48 -0.67 0.70 12.49
C VAL A 48 -2.06 1.31 12.36
N TRP A 49 -2.89 0.67 11.55
CA TRP A 49 -4.23 1.19 11.33
C TRP A 49 -5.03 1.29 12.62
N GLU A 50 -4.87 0.31 13.51
CA GLU A 50 -5.61 0.32 14.76
C GLU A 50 -5.20 1.48 15.64
N LYS A 51 -3.95 1.93 15.53
CA LYS A 51 -3.47 3.02 16.36
C LYS A 51 -4.15 4.33 15.99
N PHE A 52 -4.54 4.40 14.72
CA PHE A 52 -5.19 5.58 14.17
C PHE A 52 -6.57 5.81 14.77
N ASP A 53 -7.55 5.00 14.37
CA ASP A 53 -8.92 5.14 14.87
C ASP A 53 -9.37 3.86 15.60
N PRO A 54 -9.09 3.75 16.87
CA PRO A 54 -9.48 2.56 17.70
C PRO A 54 -10.98 2.21 17.58
N ASP A 55 -11.69 2.95 16.72
CA ASP A 55 -13.13 2.71 16.55
C ASP A 55 -13.39 1.56 15.58
N ALA A 56 -12.37 1.16 14.84
CA ALA A 56 -12.51 0.06 13.88
C ALA A 56 -13.40 0.49 12.71
N THR A 57 -13.42 1.79 12.46
CA THR A 57 -14.22 2.34 11.38
C THR A 57 -13.69 1.87 10.02
N GLN A 58 -12.38 1.70 9.94
CA GLN A 58 -11.73 1.24 8.70
C GLN A 58 -11.68 2.39 7.68
N PHE A 59 -11.88 3.61 8.18
CA PHE A 59 -11.81 4.81 7.32
C PHE A 59 -10.83 5.80 7.95
N ILE A 60 -10.26 6.71 7.16
CA ILE A 60 -9.31 7.69 7.70
C ILE A 60 -9.50 9.04 7.00
N GLU A 61 -9.26 10.12 7.73
CA GLU A 61 -9.44 11.45 7.15
C GLU A 61 -8.23 11.86 6.30
N PHE A 62 -8.49 12.52 5.18
CA PHE A 62 -7.41 12.95 4.29
C PHE A 62 -6.36 13.78 5.02
N ALA A 63 -6.82 14.72 5.84
CA ALA A 63 -5.89 15.58 6.58
C ALA A 63 -4.91 14.77 7.42
N LYS A 64 -5.30 13.54 7.75
CA LYS A 64 -4.44 12.67 8.58
C LYS A 64 -3.83 11.54 7.76
N LEU A 65 -4.10 11.51 6.46
CA LEU A 65 -3.55 10.45 5.61
C LEU A 65 -2.03 10.57 5.50
N SER A 66 -1.50 11.78 5.63
CA SER A 66 -0.06 11.97 5.52
C SER A 66 0.66 11.39 6.74
N ASP A 67 0.02 11.48 7.90
CA ASP A 67 0.59 10.94 9.12
C ASP A 67 0.60 9.42 9.06
N PHE A 68 -0.34 8.88 8.26
CA PHE A 68 -0.45 7.44 8.09
C PHE A 68 0.60 6.93 7.11
N ALA A 69 0.67 7.61 5.97
CA ALA A 69 1.61 7.23 4.92
C ALA A 69 3.02 7.05 5.45
N ASP A 70 3.44 7.89 6.41
CA ASP A 70 4.77 7.77 6.99
C ASP A 70 4.73 6.93 8.27
N ALA A 71 3.54 6.44 8.60
CA ALA A 71 3.38 5.60 9.79
C ALA A 71 3.69 4.14 9.44
N LEU A 72 3.52 3.80 8.17
CA LEU A 72 3.79 2.43 7.73
C LEU A 72 5.28 2.16 7.68
N ASP A 73 5.64 0.87 7.57
CA ASP A 73 7.04 0.46 7.49
C ASP A 73 7.32 -0.10 6.09
N PRO A 74 8.53 0.00 5.59
CA PRO A 74 8.85 -0.54 4.23
C PRO A 74 8.27 -1.95 4.03
N PRO A 75 7.86 -2.34 2.83
CA PRO A 75 7.92 -1.51 1.58
C PRO A 75 6.64 -0.68 1.39
N LEU A 76 6.21 0.01 2.45
CA LEU A 76 5.00 0.84 2.39
C LEU A 76 5.27 2.22 2.98
N LEU A 77 6.49 2.42 3.49
CA LEU A 77 6.86 3.67 4.14
C LEU A 77 7.26 4.75 3.14
N ILE A 78 6.56 5.89 3.21
CA ILE A 78 6.84 7.05 2.37
C ILE A 78 7.35 8.15 3.29
N ALA A 79 8.66 8.39 3.28
CA ALA A 79 9.24 9.40 4.14
C ALA A 79 8.61 10.77 3.87
N LYS A 80 8.58 11.61 4.90
CA LYS A 80 8.05 12.96 4.77
C LYS A 80 9.22 13.90 4.46
N PRO A 81 8.96 15.05 3.91
CA PRO A 81 7.60 15.57 3.57
C PRO A 81 7.09 15.09 2.20
N ASN A 82 6.21 14.08 2.14
CA ASN A 82 5.70 13.65 0.82
C ASN A 82 4.18 13.62 0.78
N LYS A 83 3.58 14.81 0.84
CA LYS A 83 2.14 14.98 0.73
C LYS A 83 1.71 14.92 -0.74
N VAL A 84 2.64 15.39 -1.57
CA VAL A 84 2.38 15.40 -3.01
C VAL A 84 2.24 13.98 -3.54
N GLN A 85 3.17 13.10 -3.15
CA GLN A 85 3.10 11.71 -3.60
C GLN A 85 1.71 11.16 -3.34
N LEU A 86 1.04 11.75 -2.34
CA LEU A 86 -0.31 11.33 -2.00
C LEU A 86 -1.33 11.90 -2.99
N ILE A 87 -1.07 13.13 -3.46
CA ILE A 87 -1.99 13.77 -4.41
C ILE A 87 -1.88 13.17 -5.79
N ALA A 88 -0.67 12.88 -6.25
CA ALA A 88 -0.46 12.27 -7.56
C ALA A 88 -1.17 10.92 -7.66
N MET A 89 -1.36 10.25 -6.53
CA MET A 89 -2.02 8.96 -6.51
C MET A 89 -3.49 9.09 -6.92
N ASP A 90 -4.05 10.27 -6.72
CA ASP A 90 -5.46 10.49 -7.07
C ASP A 90 -6.35 9.57 -6.23
N LEU A 91 -5.85 9.22 -5.05
CA LEU A 91 -6.58 8.33 -4.13
C LEU A 91 -8.10 8.55 -4.21
N PRO A 92 -8.83 7.73 -4.93
CA PRO A 92 -10.30 7.87 -5.05
C PRO A 92 -10.95 8.13 -3.70
N MET A 93 -11.72 9.22 -3.59
CA MET A 93 -12.37 9.58 -2.33
C MET A 93 -13.86 9.29 -2.41
N VAL A 94 -14.41 8.73 -1.34
CA VAL A 94 -15.83 8.40 -1.26
C VAL A 94 -16.55 9.43 -0.41
N SER A 95 -17.83 9.14 -0.12
CA SER A 95 -18.69 10.01 0.69
C SER A 95 -18.07 11.36 1.00
N GLY A 96 -18.65 12.41 0.42
CA GLY A 96 -18.19 13.80 0.61
C GLY A 96 -16.78 13.95 1.20
N ASP A 97 -16.58 13.48 2.42
CA ASP A 97 -15.26 13.57 3.07
C ASP A 97 -14.90 12.28 3.81
N ARG A 98 -14.44 11.27 3.07
CA ARG A 98 -14.06 10.00 3.72
C ARG A 98 -13.29 9.08 2.76
N ILE A 99 -12.11 8.62 3.20
CA ILE A 99 -11.30 7.75 2.33
C ILE A 99 -11.43 6.27 2.69
N HIS A 100 -11.65 5.48 1.65
CA HIS A 100 -11.81 4.03 1.76
C HIS A 100 -10.44 3.34 1.90
N CYS A 101 -10.25 2.59 2.98
CA CYS A 101 -9.00 1.88 3.23
C CYS A 101 -8.76 0.83 2.15
N LEU A 102 -9.84 0.24 1.66
CA LEU A 102 -9.73 -0.75 0.60
C LEU A 102 -8.89 -0.18 -0.53
N ASP A 103 -9.17 1.08 -0.88
CA ASP A 103 -8.43 1.75 -1.93
C ASP A 103 -7.00 2.04 -1.51
N ILE A 104 -6.83 2.56 -0.29
CA ILE A 104 -5.49 2.87 0.21
C ILE A 104 -4.60 1.63 0.14
N LEU A 105 -5.13 0.49 0.58
CA LEU A 105 -4.37 -0.75 0.57
C LEU A 105 -3.99 -1.16 -0.85
N PHE A 106 -5.00 -1.18 -1.74
CA PHE A 106 -4.76 -1.56 -3.12
C PHE A 106 -3.91 -0.53 -3.86
N ALA A 107 -4.11 0.73 -3.53
CA ALA A 107 -3.36 1.79 -4.19
C ALA A 107 -1.89 1.75 -3.81
N PHE A 108 -1.63 1.45 -2.54
CA PHE A 108 -0.25 1.39 -2.06
C PHE A 108 0.42 0.10 -2.55
N THR A 109 -0.26 -1.03 -2.40
CA THR A 109 0.29 -2.30 -2.86
C THR A 109 0.72 -2.18 -4.32
N LYS A 110 0.00 -1.37 -5.07
CA LYS A 110 0.30 -1.17 -6.48
C LYS A 110 1.47 -0.20 -6.66
N ARG A 111 1.43 0.91 -5.93
CA ARG A 111 2.47 1.93 -5.99
C ARG A 111 3.88 1.35 -5.82
N VAL A 112 4.01 0.41 -4.89
CA VAL A 112 5.31 -0.22 -4.62
C VAL A 112 6.09 -0.43 -5.92
N LEU A 113 5.44 -1.03 -6.92
CA LEU A 113 6.09 -1.26 -8.21
C LEU A 113 5.86 -0.09 -9.15
N GLY A 114 4.65 0.46 -9.12
CA GLY A 114 4.32 1.60 -9.98
C GLY A 114 5.45 2.60 -10.04
N GLU A 115 6.13 2.80 -8.91
CA GLU A 115 7.24 3.73 -8.84
C GLU A 115 8.50 3.13 -9.46
N SER A 116 8.96 3.71 -10.56
CA SER A 116 10.15 3.22 -11.23
C SER A 116 10.05 1.72 -11.47
N GLY A 117 8.83 1.22 -11.62
CA GLY A 117 8.61 -0.20 -11.85
C GLY A 117 9.41 -0.68 -13.06
N GLU A 118 9.88 0.28 -13.86
CA GLU A 118 10.67 -0.05 -15.06
C GLU A 118 9.77 -0.61 -16.16
N MET A 119 8.73 -1.32 -15.74
CA MET A 119 7.79 -1.90 -16.69
C MET A 119 7.05 -0.82 -17.46
N ASP A 120 7.40 0.43 -17.17
CA ASP A 120 6.77 1.57 -17.85
C ASP A 120 7.33 1.72 -19.26
N ALA A 121 8.49 1.12 -19.50
CA ALA A 121 9.12 1.20 -20.81
C ALA A 121 8.45 0.24 -21.78
N LEU A 122 7.78 -0.78 -21.24
CA LEU A 122 7.09 -1.76 -22.07
C LEU A 122 5.77 -1.19 -22.58
N ARG A 123 5.27 -0.19 -21.89
CA ARG A 123 4.00 0.44 -22.27
C ARG A 123 4.23 1.47 -23.38
N ILE A 124 5.18 2.38 -23.16
CA ILE A 124 5.49 3.40 -24.15
C ILE A 124 5.94 2.77 -25.46
N GLN A 125 6.78 1.75 -25.35
CA GLN A 125 7.29 1.07 -26.53
C GLN A 125 6.16 0.34 -27.26
N MET A 126 5.07 0.08 -26.54
CA MET A 126 3.91 -0.60 -27.10
C MET A 126 2.63 0.13 -26.73
N GLU A 127 2.41 1.29 -27.33
CA GLU A 127 1.22 2.08 -27.06
C GLU A 127 0.01 1.52 -27.81
N GLU A 128 -0.32 0.26 -27.52
CA GLU A 128 -1.45 -0.38 -28.17
C GLU A 128 -2.76 0.09 -27.56
N ARG A 129 -2.76 1.32 -27.05
CA ARG A 129 -3.96 1.88 -26.44
C ARG A 129 -4.51 0.93 -25.37
N GLU A 24 7.41 -24.23 11.71
CA GLU A 24 6.41 -25.31 11.67
C GLU A 24 5.54 -25.20 10.43
N ASN A 25 5.83 -26.03 9.44
CA ASN A 25 5.07 -26.03 8.19
C ASN A 25 5.01 -24.61 7.62
N PHE A 26 4.34 -24.48 6.47
CA PHE A 26 4.22 -23.18 5.82
C PHE A 26 5.59 -22.55 5.64
N SER A 27 6.11 -22.64 4.42
CA SER A 27 7.42 -22.07 4.12
C SER A 27 7.64 -21.99 2.61
N VAL A 28 7.25 -20.86 2.03
CA VAL A 28 7.40 -20.67 0.59
C VAL A 28 8.86 -20.83 0.18
N ALA A 29 9.09 -21.41 -0.98
CA ALA A 29 10.44 -21.63 -1.48
C ALA A 29 11.02 -20.33 -2.05
N THR A 30 11.96 -19.74 -1.31
CA THR A 30 12.58 -18.50 -1.75
C THR A 30 13.04 -18.61 -3.21
N GLU A 31 13.12 -19.85 -3.69
CA GLU A 31 13.55 -20.10 -5.06
C GLU A 31 12.93 -19.09 -6.02
N GLU A 32 11.60 -19.17 -6.18
CA GLU A 32 10.90 -18.25 -7.09
C GLU A 32 11.04 -16.82 -6.60
N SER A 33 11.79 -16.62 -5.52
CA SER A 33 11.99 -15.29 -4.96
C SER A 33 10.65 -14.60 -4.73
N ALA A 34 10.03 -14.90 -3.59
CA ALA A 34 8.75 -14.30 -3.25
C ALA A 34 8.81 -12.79 -3.41
N GLU A 35 7.67 -12.19 -3.73
CA GLU A 35 7.61 -10.74 -3.91
C GLU A 35 7.99 -10.03 -2.60
N PRO A 36 8.91 -9.08 -2.63
CA PRO A 36 9.31 -8.35 -1.40
C PRO A 36 8.13 -8.05 -0.48
N LEU A 37 6.96 -7.89 -1.07
CA LEU A 37 5.75 -7.59 -0.30
C LEU A 37 5.08 -8.89 0.16
N SER A 38 5.37 -9.28 1.41
CA SER A 38 4.79 -10.51 1.98
C SER A 38 3.60 -10.18 2.86
N GLU A 39 2.99 -11.22 3.43
CA GLU A 39 1.84 -11.04 4.29
C GLU A 39 2.22 -10.25 5.53
N ASP A 40 3.47 -10.37 5.94
CA ASP A 40 3.96 -9.65 7.12
C ASP A 40 3.54 -8.18 7.06
N ASP A 41 3.43 -7.66 5.84
CA ASP A 41 3.04 -6.26 5.65
C ASP A 41 1.54 -6.10 5.83
N PHE A 42 0.78 -7.03 5.27
CA PHE A 42 -0.67 -6.98 5.37
C PHE A 42 -1.09 -6.81 6.83
N GLU A 43 -0.55 -7.62 7.71
CA GLU A 43 -0.87 -7.54 9.13
C GLU A 43 -0.30 -6.26 9.73
N MET A 44 0.98 -6.01 9.49
CA MET A 44 1.64 -4.83 10.02
C MET A 44 0.86 -3.57 9.65
N PHE A 45 0.25 -3.58 8.48
CA PHE A 45 -0.54 -2.43 8.03
C PHE A 45 -1.73 -2.22 8.95
N TYR A 46 -2.34 -3.31 9.39
CA TYR A 46 -3.49 -3.23 10.28
C TYR A 46 -3.04 -2.75 11.66
N GLU A 47 -1.84 -3.12 12.06
CA GLU A 47 -1.32 -2.72 13.36
C GLU A 47 -1.23 -1.20 13.44
N VAL A 48 -0.74 -0.56 12.38
CA VAL A 48 -0.64 0.89 12.37
C VAL A 48 -2.03 1.48 12.21
N TRP A 49 -2.84 0.85 11.37
CA TRP A 49 -4.19 1.35 11.14
C TRP A 49 -4.96 1.50 12.44
N GLU A 50 -4.84 0.53 13.33
CA GLU A 50 -5.53 0.56 14.60
C GLU A 50 -5.22 1.85 15.38
N LYS A 51 -4.04 2.40 15.16
CA LYS A 51 -3.59 3.62 15.85
C LYS A 51 -4.36 4.86 15.40
N PHE A 52 -4.71 4.87 14.11
CA PHE A 52 -5.44 6.00 13.52
C PHE A 52 -6.93 5.71 13.45
N ASP A 53 -7.32 4.48 13.80
CA ASP A 53 -8.72 4.09 13.77
C ASP A 53 -9.01 2.95 14.74
N PRO A 54 -9.25 3.24 16.00
CA PRO A 54 -9.55 2.20 17.02
C PRO A 54 -11.01 1.75 16.97
N ASP A 55 -11.80 2.43 16.15
CA ASP A 55 -13.22 2.13 16.02
C ASP A 55 -13.47 1.08 14.94
N ALA A 56 -12.41 0.71 14.23
CA ALA A 56 -12.53 -0.30 13.17
C ALA A 56 -13.46 0.20 12.06
N THR A 57 -13.53 1.52 11.90
CA THR A 57 -14.37 2.11 10.86
C THR A 57 -13.83 1.75 9.49
N GLN A 58 -12.51 1.62 9.41
CA GLN A 58 -11.82 1.28 8.16
C GLN A 58 -11.78 2.47 7.21
N PHE A 59 -11.95 3.67 7.76
CA PHE A 59 -11.92 4.90 6.96
C PHE A 59 -10.96 5.90 7.63
N ILE A 60 -10.36 6.81 6.87
CA ILE A 60 -9.43 7.80 7.44
C ILE A 60 -9.60 9.14 6.75
N GLU A 61 -9.38 10.22 7.50
CA GLU A 61 -9.52 11.57 6.93
C GLU A 61 -8.26 11.97 6.17
N PHE A 62 -8.44 12.66 5.04
CA PHE A 62 -7.30 13.08 4.22
C PHE A 62 -6.31 13.93 5.02
N ALA A 63 -6.82 14.87 5.81
CA ALA A 63 -5.96 15.74 6.60
C ALA A 63 -5.02 14.92 7.48
N LYS A 64 -5.43 13.69 7.80
CA LYS A 64 -4.63 12.81 8.66
C LYS A 64 -3.97 11.70 7.85
N LEU A 65 -4.19 11.68 6.54
CA LEU A 65 -3.60 10.66 5.70
C LEU A 65 -2.08 10.80 5.65
N SER A 66 -1.59 12.04 5.76
CA SER A 66 -0.15 12.26 5.72
C SER A 66 0.53 11.68 6.95
N ASP A 67 -0.16 11.78 8.09
CA ASP A 67 0.37 11.24 9.33
C ASP A 67 0.38 9.72 9.27
N PHE A 68 -0.51 9.19 8.44
CA PHE A 68 -0.61 7.74 8.27
C PHE A 68 0.45 7.24 7.28
N ALA A 69 0.54 7.92 6.16
CA ALA A 69 1.48 7.54 5.12
C ALA A 69 2.90 7.31 5.66
N ASP A 70 3.32 8.12 6.63
CA ASP A 70 4.64 7.95 7.23
C ASP A 70 4.55 7.09 8.49
N ALA A 71 3.35 6.60 8.77
CA ALA A 71 3.13 5.74 9.94
C ALA A 71 3.42 4.29 9.59
N LEU A 72 3.30 3.95 8.30
CA LEU A 72 3.57 2.59 7.87
C LEU A 72 5.06 2.30 7.90
N ASP A 73 5.40 1.01 7.78
CA ASP A 73 6.80 0.58 7.78
C ASP A 73 7.14 0.03 6.38
N PRO A 74 8.37 0.14 5.92
CA PRO A 74 8.73 -0.39 4.58
C PRO A 74 8.18 -1.81 4.36
N PRO A 75 7.83 -2.21 3.15
CA PRO A 75 7.91 -1.37 1.90
C PRO A 75 6.64 -0.55 1.66
N LEU A 76 6.17 0.14 2.70
CA LEU A 76 4.95 0.96 2.60
C LEU A 76 5.18 2.35 3.21
N LEU A 77 6.37 2.54 3.77
CA LEU A 77 6.72 3.79 4.44
C LEU A 77 7.13 4.88 3.43
N ILE A 78 6.45 6.02 3.50
CA ILE A 78 6.74 7.19 2.67
C ILE A 78 7.21 8.29 3.59
N ALA A 79 8.52 8.55 3.61
CA ALA A 79 9.07 9.57 4.48
C ALA A 79 8.44 10.92 4.20
N LYS A 80 8.37 11.76 5.22
CA LYS A 80 7.83 13.12 5.06
C LYS A 80 9.02 14.05 4.80
N PRO A 81 8.81 15.21 4.24
CA PRO A 81 7.47 15.73 3.84
C PRO A 81 7.02 15.26 2.44
N ASN A 82 6.13 14.27 2.34
CA ASN A 82 5.68 13.84 1.00
C ASN A 82 4.16 13.79 0.92
N LYS A 83 3.55 14.97 0.96
CA LYS A 83 2.12 15.13 0.82
C LYS A 83 1.72 15.10 -0.66
N VAL A 84 2.66 15.57 -1.46
CA VAL A 84 2.44 15.60 -2.91
C VAL A 84 2.29 14.17 -3.45
N GLN A 85 3.20 13.30 -3.06
CA GLN A 85 3.13 11.91 -3.50
C GLN A 85 1.73 11.36 -3.26
N LEU A 86 1.06 11.95 -2.27
CA LEU A 86 -0.30 11.52 -1.94
C LEU A 86 -1.30 12.10 -2.95
N ILE A 87 -1.04 13.32 -3.40
CA ILE A 87 -1.93 13.99 -4.35
C ILE A 87 -1.79 13.38 -5.75
N ALA A 88 -0.57 13.10 -6.17
CA ALA A 88 -0.32 12.49 -7.46
C ALA A 88 -1.15 11.22 -7.63
N MET A 89 -1.42 10.53 -6.52
CA MET A 89 -2.20 9.29 -6.55
C MET A 89 -3.57 9.52 -5.93
N ASP A 90 -4.18 10.66 -6.23
CA ASP A 90 -5.52 11.01 -5.70
C ASP A 90 -6.36 9.75 -5.50
N LEU A 91 -6.30 9.19 -4.29
CA LEU A 91 -7.05 7.98 -3.99
C LEU A 91 -8.55 8.26 -3.89
N PRO A 92 -9.39 7.51 -4.58
CA PRO A 92 -10.87 7.73 -4.52
C PRO A 92 -11.32 8.06 -3.11
N MET A 93 -12.07 9.15 -2.96
CA MET A 93 -12.55 9.56 -1.65
C MET A 93 -14.00 9.13 -1.46
N VAL A 94 -14.29 8.54 -0.31
CA VAL A 94 -15.64 8.10 0.00
C VAL A 94 -16.36 9.23 0.71
N SER A 95 -17.61 8.98 1.12
CA SER A 95 -18.45 9.96 1.82
C SER A 95 -17.77 11.33 1.96
N GLY A 96 -18.31 12.32 1.25
CA GLY A 96 -17.82 13.71 1.26
C GLY A 96 -16.42 13.94 1.86
N ASP A 97 -16.21 13.50 3.09
CA ASP A 97 -14.90 13.68 3.75
C ASP A 97 -14.40 12.36 4.38
N ARG A 98 -14.09 11.36 3.55
CA ARG A 98 -13.60 10.09 4.09
C ARG A 98 -12.96 9.19 3.01
N ILE A 99 -11.83 8.57 3.38
CA ILE A 99 -11.10 7.72 2.44
C ILE A 99 -11.27 6.23 2.75
N HIS A 100 -11.36 5.43 1.68
CA HIS A 100 -11.52 3.97 1.79
C HIS A 100 -10.18 3.27 2.00
N CYS A 101 -10.08 2.50 3.08
CA CYS A 101 -8.86 1.75 3.38
C CYS A 101 -8.58 0.70 2.31
N LEU A 102 -9.64 0.18 1.69
CA LEU A 102 -9.44 -0.81 0.63
C LEU A 102 -8.66 -0.19 -0.51
N ASP A 103 -8.96 1.07 -0.80
CA ASP A 103 -8.26 1.78 -1.87
C ASP A 103 -6.83 2.10 -1.44
N ILE A 104 -6.67 2.57 -0.21
CA ILE A 104 -5.34 2.90 0.29
C ILE A 104 -4.44 1.67 0.23
N LEU A 105 -4.97 0.52 0.65
CA LEU A 105 -4.21 -0.73 0.64
C LEU A 105 -3.81 -1.13 -0.78
N PHE A 106 -4.78 -1.12 -1.68
CA PHE A 106 -4.53 -1.51 -3.07
C PHE A 106 -3.63 -0.51 -3.78
N ALA A 107 -3.91 0.77 -3.60
CA ALA A 107 -3.12 1.81 -4.26
C ALA A 107 -1.66 1.78 -3.80
N PHE A 108 -1.45 1.47 -2.52
CA PHE A 108 -0.11 1.41 -1.97
C PHE A 108 0.58 0.11 -2.40
N THR A 109 -0.23 -0.90 -2.69
CA THR A 109 0.29 -2.19 -3.15
C THR A 109 0.72 -2.08 -4.61
N LYS A 110 -0.01 -1.24 -5.35
CA LYS A 110 0.30 -1.02 -6.76
C LYS A 110 1.51 -0.10 -6.89
N ARG A 111 1.50 0.98 -6.12
CA ARG A 111 2.59 1.94 -6.14
C ARG A 111 3.95 1.26 -5.93
N VAL A 112 3.95 0.31 -5.00
CA VAL A 112 5.16 -0.46 -4.70
C VAL A 112 5.38 -1.57 -5.74
N LEU A 113 4.36 -1.88 -6.55
CA LEU A 113 4.50 -2.90 -7.60
C LEU A 113 4.72 -2.23 -8.96
N GLY A 114 4.64 -0.90 -8.99
CA GLY A 114 4.83 -0.16 -10.25
C GLY A 114 6.26 0.35 -10.38
N GLU A 115 7.21 -0.58 -10.43
CA GLU A 115 8.62 -0.20 -10.56
C GLU A 115 9.48 -1.44 -10.74
N SER A 116 9.08 -2.54 -10.09
CA SER A 116 9.82 -3.79 -10.17
C SER A 116 9.17 -4.75 -11.18
N GLY A 117 7.84 -4.67 -11.29
CA GLY A 117 7.12 -5.54 -12.21
C GLY A 117 7.63 -6.97 -12.12
N GLU A 118 7.45 -7.59 -10.95
CA GLU A 118 7.89 -8.96 -10.74
C GLU A 118 6.93 -9.96 -11.37
N MET A 119 5.85 -9.44 -11.96
CA MET A 119 4.86 -10.31 -12.60
C MET A 119 5.34 -10.75 -13.98
N ASP A 120 6.41 -10.13 -14.46
CA ASP A 120 6.95 -10.46 -15.77
C ASP A 120 7.78 -11.73 -15.70
N ALA A 121 8.12 -12.15 -14.48
CA ALA A 121 8.92 -13.35 -14.28
C ALA A 121 8.03 -14.59 -14.40
N LEU A 122 6.72 -14.39 -14.42
CA LEU A 122 5.78 -15.49 -14.53
C LEU A 122 5.61 -15.91 -15.98
N ARG A 123 5.60 -14.93 -16.87
CA ARG A 123 5.44 -15.21 -18.30
C ARG A 123 6.63 -16.00 -18.82
N ILE A 124 7.61 -16.25 -17.95
CA ILE A 124 8.80 -17.00 -18.35
C ILE A 124 8.47 -18.49 -18.39
N GLN A 125 8.18 -19.06 -17.24
CA GLN A 125 7.84 -20.47 -17.18
C GLN A 125 6.44 -20.71 -17.72
N MET A 126 6.10 -19.95 -18.77
CA MET A 126 4.78 -20.08 -19.38
C MET A 126 3.69 -19.90 -18.34
N GLU A 127 3.95 -19.01 -17.37
CA GLU A 127 2.99 -18.74 -16.30
C GLU A 127 2.71 -20.01 -15.50
N GLU A 128 2.00 -20.95 -16.12
CA GLU A 128 1.67 -22.20 -15.45
C GLU A 128 2.90 -23.09 -15.33
N ARG A 129 3.09 -23.67 -14.14
CA ARG A 129 4.23 -24.55 -13.91
C ARG A 129 4.05 -25.88 -14.63
N GLU A 24 18.01 -5.68 -23.74
CA GLU A 24 16.81 -6.47 -23.49
C GLU A 24 17.16 -7.84 -22.92
N ASN A 25 17.99 -8.59 -23.65
CA ASN A 25 18.40 -9.91 -23.20
C ASN A 25 19.34 -9.81 -21.99
N PHE A 26 20.60 -10.15 -22.20
CA PHE A 26 21.58 -10.08 -21.12
C PHE A 26 21.12 -10.92 -19.93
N SER A 27 20.39 -10.28 -19.02
CA SER A 27 19.89 -10.97 -17.84
C SER A 27 18.58 -10.33 -17.37
N VAL A 28 17.46 -10.87 -17.82
CA VAL A 28 16.16 -10.35 -17.44
C VAL A 28 15.88 -10.60 -15.96
N ALA A 29 14.60 -10.53 -15.59
CA ALA A 29 14.22 -10.75 -14.20
C ALA A 29 14.56 -12.18 -13.77
N THR A 30 15.15 -12.31 -12.58
CA THR A 30 15.52 -13.62 -12.06
C THR A 30 14.38 -14.22 -11.25
N GLU A 31 13.71 -13.38 -10.45
CA GLU A 31 12.61 -13.84 -9.63
C GLU A 31 13.05 -14.97 -8.70
N GLU A 32 14.13 -14.72 -7.96
CA GLU A 32 14.65 -15.72 -7.04
C GLU A 32 13.83 -15.76 -5.75
N SER A 33 12.53 -15.97 -5.89
CA SER A 33 11.64 -16.02 -4.74
C SER A 33 11.90 -14.85 -3.81
N ALA A 34 11.31 -13.71 -4.12
CA ALA A 34 11.49 -12.51 -3.30
C ALA A 34 10.46 -11.45 -3.67
N GLU A 35 9.22 -11.65 -3.22
CA GLU A 35 8.15 -10.71 -3.50
C GLU A 35 8.35 -9.42 -2.67
N PRO A 36 7.88 -8.30 -3.17
CA PRO A 36 8.02 -7.00 -2.44
C PRO A 36 7.19 -6.98 -1.16
N LEU A 37 5.88 -7.05 -1.31
CA LEU A 37 4.97 -7.04 -0.15
C LEU A 37 4.59 -8.46 0.22
N SER A 38 4.90 -8.83 1.46
CA SER A 38 4.58 -10.16 1.99
C SER A 38 3.48 -10.06 3.03
N GLU A 39 3.01 -11.21 3.51
CA GLU A 39 1.96 -11.24 4.52
C GLU A 39 2.37 -10.44 5.75
N ASP A 40 3.64 -10.56 6.13
CA ASP A 40 4.14 -9.83 7.29
C ASP A 40 3.73 -8.36 7.22
N ASP A 41 3.58 -7.84 6.00
CA ASP A 41 3.19 -6.45 5.82
C ASP A 41 1.69 -6.29 6.03
N PHE A 42 0.91 -7.23 5.50
CA PHE A 42 -0.54 -7.18 5.64
C PHE A 42 -0.94 -6.98 7.11
N GLU A 43 -0.37 -7.79 7.99
CA GLU A 43 -0.67 -7.68 9.41
C GLU A 43 -0.12 -6.38 9.97
N MET A 44 1.15 -6.11 9.69
CA MET A 44 1.81 -4.90 10.17
C MET A 44 0.99 -3.66 9.78
N PHE A 45 0.38 -3.71 8.60
CA PHE A 45 -0.43 -2.59 8.14
C PHE A 45 -1.61 -2.35 9.07
N TYR A 46 -2.23 -3.44 9.52
CA TYR A 46 -3.38 -3.32 10.42
C TYR A 46 -2.92 -2.83 11.78
N GLU A 47 -1.70 -3.18 12.17
CA GLU A 47 -1.16 -2.76 13.45
C GLU A 47 -1.10 -1.23 13.53
N VAL A 48 -0.64 -0.61 12.44
CA VAL A 48 -0.57 0.85 12.42
C VAL A 48 -1.98 1.42 12.26
N TRP A 49 -2.78 0.77 11.44
CA TRP A 49 -4.13 1.24 11.18
C TRP A 49 -4.91 1.40 12.49
N GLU A 50 -4.77 0.43 13.38
CA GLU A 50 -5.48 0.47 14.66
C GLU A 50 -5.16 1.75 15.42
N LYS A 51 -3.96 2.30 15.20
CA LYS A 51 -3.51 3.53 15.87
C LYS A 51 -4.31 4.75 15.43
N PHE A 52 -4.67 4.75 14.15
CA PHE A 52 -5.43 5.86 13.55
C PHE A 52 -6.91 5.54 13.49
N ASP A 53 -7.28 4.32 13.87
CA ASP A 53 -8.68 3.92 13.84
C ASP A 53 -8.94 2.77 14.80
N PRO A 54 -9.16 3.06 16.07
CA PRO A 54 -9.43 2.01 17.10
C PRO A 54 -10.89 1.55 17.08
N ASP A 55 -11.71 2.22 16.27
CA ASP A 55 -13.13 1.91 16.17
C ASP A 55 -13.39 0.86 15.10
N ALA A 56 -12.35 0.47 14.38
CA ALA A 56 -12.48 -0.54 13.33
C ALA A 56 -13.44 -0.06 12.25
N THR A 57 -13.54 1.26 12.09
CA THR A 57 -14.42 1.83 11.07
C THR A 57 -13.90 1.51 9.68
N GLN A 58 -12.57 1.42 9.57
CA GLN A 58 -11.91 1.12 8.29
C GLN A 58 -11.90 2.34 7.38
N PHE A 59 -12.01 3.52 7.99
CA PHE A 59 -12.00 4.79 7.22
C PHE A 59 -11.02 5.77 7.87
N ILE A 60 -10.43 6.69 7.08
CA ILE A 60 -9.49 7.66 7.64
C ILE A 60 -9.68 9.01 6.94
N GLU A 61 -9.45 10.10 7.68
CA GLU A 61 -9.62 11.43 7.11
C GLU A 61 -8.38 11.85 6.30
N PHE A 62 -8.60 12.51 5.17
CA PHE A 62 -7.50 12.95 4.32
C PHE A 62 -6.48 13.77 5.10
N ALA A 63 -6.97 14.71 5.89
CA ALA A 63 -6.08 15.56 6.67
C ALA A 63 -5.15 14.72 7.55
N LYS A 64 -5.58 13.51 7.88
CA LYS A 64 -4.78 12.61 8.73
C LYS A 64 -4.15 11.49 7.91
N LEU A 65 -4.41 11.48 6.61
CA LEU A 65 -3.86 10.42 5.76
C LEU A 65 -2.34 10.58 5.63
N SER A 66 -1.85 11.80 5.82
CA SER A 66 -0.42 12.05 5.72
C SER A 66 0.29 11.52 6.97
N ASP A 67 -0.36 11.62 8.11
CA ASP A 67 0.22 11.13 9.36
C ASP A 67 0.30 9.61 9.31
N PHE A 68 -0.55 9.03 8.46
CA PHE A 68 -0.59 7.58 8.29
C PHE A 68 0.49 7.11 7.33
N ALA A 69 0.59 7.80 6.20
CA ALA A 69 1.55 7.43 5.17
C ALA A 69 2.96 7.25 5.72
N ASP A 70 3.37 8.09 6.67
CA ASP A 70 4.70 7.98 7.27
C ASP A 70 4.62 7.12 8.55
N ALA A 71 3.43 6.63 8.85
CA ALA A 71 3.24 5.78 10.03
C ALA A 71 3.58 4.34 9.69
N LEU A 72 3.43 3.99 8.41
CA LEU A 72 3.73 2.63 7.97
C LEU A 72 5.23 2.37 7.97
N ASP A 73 5.60 1.09 7.91
CA ASP A 73 7.00 0.70 7.88
C ASP A 73 7.33 0.13 6.48
N PRO A 74 8.55 0.22 6.02
CA PRO A 74 8.93 -0.32 4.68
C PRO A 74 8.34 -1.73 4.46
N PRO A 75 7.96 -2.11 3.25
CA PRO A 75 8.05 -1.28 2.00
C PRO A 75 6.78 -0.43 1.78
N LEU A 76 6.35 0.27 2.84
CA LEU A 76 5.14 1.10 2.77
C LEU A 76 5.41 2.49 3.36
N LEU A 77 6.61 2.68 3.89
CA LEU A 77 6.98 3.94 4.52
C LEU A 77 7.40 5.00 3.50
N ILE A 78 6.69 6.13 3.51
CA ILE A 78 7.01 7.25 2.64
C ILE A 78 7.46 8.40 3.52
N ALA A 79 8.75 8.67 3.51
CA ALA A 79 9.30 9.73 4.34
C ALA A 79 8.59 11.05 4.10
N LYS A 80 8.56 11.90 5.12
CA LYS A 80 7.93 13.22 5.02
C LYS A 80 9.04 14.27 4.81
N PRO A 81 8.72 15.41 4.26
CA PRO A 81 7.33 15.80 3.83
C PRO A 81 6.94 15.17 2.48
N ASN A 82 5.82 14.43 2.42
CA ASN A 82 5.41 13.87 1.13
C ASN A 82 3.90 13.94 0.93
N LYS A 83 3.41 15.17 0.81
CA LYS A 83 1.99 15.42 0.53
C LYS A 83 1.74 15.34 -0.98
N VAL A 84 2.78 15.74 -1.73
CA VAL A 84 2.65 15.74 -3.19
C VAL A 84 2.54 14.32 -3.73
N GLN A 85 3.49 13.44 -3.39
CA GLN A 85 3.43 12.06 -3.85
C GLN A 85 2.09 11.45 -3.43
N LEU A 86 1.55 12.03 -2.36
CA LEU A 86 0.26 11.60 -1.82
C LEU A 86 -0.87 12.12 -2.71
N ILE A 87 -0.71 13.36 -3.17
CA ILE A 87 -1.71 13.96 -4.05
C ILE A 87 -1.62 13.37 -5.45
N ALA A 88 -0.41 13.06 -5.88
CA ALA A 88 -0.19 12.44 -7.19
C ALA A 88 -1.01 11.15 -7.31
N MET A 89 -1.23 10.48 -6.19
CA MET A 89 -2.00 9.23 -6.19
C MET A 89 -3.49 9.51 -6.37
N ASP A 90 -3.94 10.69 -5.93
CA ASP A 90 -5.35 11.03 -6.05
C ASP A 90 -6.22 9.87 -5.60
N LEU A 91 -5.85 9.24 -4.49
CA LEU A 91 -6.59 8.10 -3.97
C LEU A 91 -8.10 8.38 -3.96
N PRO A 92 -8.89 7.62 -4.70
CA PRO A 92 -10.37 7.83 -4.73
C PRO A 92 -10.93 8.14 -3.34
N MET A 93 -11.70 9.22 -3.23
CA MET A 93 -12.26 9.61 -1.94
C MET A 93 -13.76 9.34 -1.89
N VAL A 94 -14.19 8.75 -0.77
CA VAL A 94 -15.59 8.43 -0.56
C VAL A 94 -16.27 9.60 0.15
N SER A 95 -17.55 9.39 0.50
CA SER A 95 -18.37 10.39 1.18
C SER A 95 -17.65 11.73 1.38
N GLY A 96 -18.14 12.77 0.70
CA GLY A 96 -17.60 14.14 0.78
C GLY A 96 -16.18 14.26 1.39
N ASP A 97 -16.02 13.77 2.62
CA ASP A 97 -14.71 13.82 3.29
C ASP A 97 -14.40 12.51 3.99
N ARG A 98 -14.07 11.47 3.22
CA ARG A 98 -13.76 10.17 3.81
C ARG A 98 -13.13 9.22 2.80
N ILE A 99 -11.99 8.63 3.19
CA ILE A 99 -11.26 7.72 2.28
C ILE A 99 -11.45 6.25 2.63
N HIS A 100 -11.56 5.44 1.58
CA HIS A 100 -11.74 4.00 1.70
C HIS A 100 -10.42 3.27 1.92
N CYS A 101 -10.34 2.51 3.00
CA CYS A 101 -9.12 1.75 3.31
C CYS A 101 -8.87 0.69 2.23
N LEU A 102 -9.93 0.10 1.71
CA LEU A 102 -9.76 -0.92 0.67
C LEU A 102 -8.99 -0.33 -0.50
N ASP A 103 -9.30 0.93 -0.82
CA ASP A 103 -8.62 1.60 -1.93
C ASP A 103 -7.20 1.96 -1.53
N ILE A 104 -7.03 2.46 -0.31
CA ILE A 104 -5.70 2.83 0.16
C ILE A 104 -4.76 1.62 0.10
N LEU A 105 -5.25 0.47 0.56
CA LEU A 105 -4.44 -0.75 0.56
C LEU A 105 -4.01 -1.11 -0.86
N PHE A 106 -4.97 -1.14 -1.76
CA PHE A 106 -4.70 -1.48 -3.15
C PHE A 106 -3.85 -0.41 -3.83
N ALA A 107 -4.04 0.84 -3.42
CA ALA A 107 -3.30 1.94 -4.05
C ALA A 107 -1.81 1.90 -3.66
N PHE A 108 -1.56 1.60 -2.38
CA PHE A 108 -0.18 1.53 -1.91
C PHE A 108 0.47 0.25 -2.40
N THR A 109 -0.35 -0.75 -2.73
CA THR A 109 0.17 -2.02 -3.23
C THR A 109 0.61 -1.88 -4.67
N LYS A 110 -0.10 -1.06 -5.43
CA LYS A 110 0.25 -0.84 -6.84
C LYS A 110 1.45 0.08 -6.96
N ARG A 111 1.43 1.17 -6.21
CA ARG A 111 2.54 2.12 -6.24
C ARG A 111 3.88 1.42 -6.03
N VAL A 112 3.88 0.47 -5.09
CA VAL A 112 5.08 -0.31 -4.78
C VAL A 112 5.25 -1.46 -5.79
N LEU A 113 4.20 -1.77 -6.56
CA LEU A 113 4.27 -2.85 -7.54
C LEU A 113 4.40 -2.33 -8.97
N GLY A 114 4.05 -1.06 -9.18
CA GLY A 114 4.14 -0.46 -10.52
C GLY A 114 5.49 0.19 -10.72
N GLU A 115 6.53 -0.63 -10.87
CA GLU A 115 7.87 -0.11 -11.08
C GLU A 115 8.78 -1.18 -11.67
N SER A 116 8.70 -1.37 -12.98
CA SER A 116 9.51 -2.37 -13.67
C SER A 116 9.32 -3.73 -13.02
N GLY A 117 8.11 -3.97 -12.51
CA GLY A 117 7.81 -5.25 -11.88
C GLY A 117 7.91 -6.40 -12.87
N GLU A 118 6.80 -7.11 -13.06
CA GLU A 118 6.78 -8.23 -14.01
C GLU A 118 5.36 -8.71 -14.21
N MET A 119 4.43 -8.22 -13.40
CA MET A 119 3.04 -8.60 -13.49
C MET A 119 2.44 -8.15 -14.83
N ASP A 120 3.02 -7.09 -15.40
CA ASP A 120 2.55 -6.58 -16.68
C ASP A 120 2.91 -7.54 -17.81
N ALA A 121 3.99 -8.29 -17.61
CA ALA A 121 4.43 -9.24 -18.62
C ALA A 121 3.32 -10.27 -18.91
N LEU A 122 2.48 -10.51 -17.91
CA LEU A 122 1.39 -11.47 -18.06
C LEU A 122 0.26 -10.86 -18.89
N ARG A 123 0.28 -9.54 -19.04
CA ARG A 123 -0.75 -8.85 -19.81
C ARG A 123 -0.50 -9.02 -21.31
N ILE A 124 0.77 -8.92 -21.70
CA ILE A 124 1.12 -9.06 -23.11
C ILE A 124 0.79 -10.47 -23.60
N GLN A 125 0.70 -11.41 -22.68
CA GLN A 125 0.40 -12.80 -23.03
C GLN A 125 -1.12 -12.98 -23.19
N MET A 126 -1.88 -12.34 -22.32
CA MET A 126 -3.33 -12.43 -22.37
C MET A 126 -3.84 -12.07 -23.75
N GLU A 127 -3.07 -11.28 -24.47
CA GLU A 127 -3.45 -10.86 -25.82
C GLU A 127 -3.20 -11.98 -26.82
N GLU A 128 -3.34 -13.23 -26.36
CA GLU A 128 -3.12 -14.37 -27.22
C GLU A 128 -4.21 -14.48 -28.27
N ARG A 129 -3.93 -15.19 -29.36
CA ARG A 129 -4.90 -15.36 -30.44
C ARG A 129 -6.00 -16.33 -30.00
N GLU A 24 11.40 -15.99 16.32
CA GLU A 24 11.63 -17.06 15.35
C GLU A 24 10.60 -17.01 14.24
N ASN A 25 10.79 -16.09 13.29
CA ASN A 25 9.86 -15.95 12.17
C ASN A 25 9.94 -17.18 11.25
N PHE A 26 10.44 -16.96 10.05
CA PHE A 26 10.57 -18.05 9.07
C PHE A 26 11.57 -17.68 7.98
N SER A 27 12.05 -16.45 8.02
CA SER A 27 13.01 -15.98 7.03
C SER A 27 13.52 -14.60 7.38
N VAL A 28 14.71 -14.55 7.99
CA VAL A 28 15.29 -13.28 8.39
C VAL A 28 15.38 -12.33 7.19
N ALA A 29 15.30 -11.04 7.46
CA ALA A 29 15.37 -10.05 6.39
C ALA A 29 16.59 -10.29 5.51
N THR A 30 16.35 -10.69 4.26
CA THR A 30 17.45 -10.97 3.34
C THR A 30 18.16 -9.67 2.98
N GLU A 31 19.47 -9.66 3.20
CA GLU A 31 20.28 -8.47 2.89
C GLU A 31 20.68 -8.46 1.42
N GLU A 32 20.04 -9.33 0.63
CA GLU A 32 20.33 -9.41 -0.80
C GLU A 32 20.28 -8.02 -1.42
N SER A 33 19.07 -7.53 -1.68
CA SER A 33 18.90 -6.22 -2.28
C SER A 33 17.44 -5.76 -2.18
N ALA A 34 17.22 -4.63 -1.52
CA ALA A 34 15.88 -4.09 -1.37
C ALA A 34 14.99 -5.09 -0.64
N GLU A 35 14.10 -4.57 0.21
CA GLU A 35 13.19 -5.42 0.98
C GLU A 35 11.92 -5.72 0.15
N PRO A 36 11.58 -6.99 -0.05
CA PRO A 36 10.36 -7.35 -0.84
C PRO A 36 9.08 -7.18 -0.02
N LEU A 37 7.95 -7.10 -0.70
CA LEU A 37 6.66 -6.94 -0.02
C LEU A 37 6.08 -8.31 0.35
N SER A 38 6.31 -8.71 1.60
CA SER A 38 5.83 -10.00 2.10
C SER A 38 4.56 -9.81 2.95
N GLU A 39 4.02 -10.92 3.44
CA GLU A 39 2.81 -10.87 4.26
C GLU A 39 3.06 -10.07 5.53
N ASP A 40 4.30 -10.10 6.01
CA ASP A 40 4.65 -9.37 7.23
C ASP A 40 4.12 -7.94 7.15
N ASP A 41 4.01 -7.43 5.92
CA ASP A 41 3.51 -6.09 5.71
C ASP A 41 2.00 -6.03 5.95
N PHE A 42 1.29 -7.00 5.41
CA PHE A 42 -0.15 -7.03 5.56
C PHE A 42 -0.53 -6.89 7.04
N GLU A 43 0.12 -7.66 7.91
CA GLU A 43 -0.19 -7.61 9.34
C GLU A 43 0.28 -6.31 10.00
N MET A 44 1.56 -5.97 9.85
CA MET A 44 2.10 -4.75 10.45
C MET A 44 1.25 -3.54 10.07
N PHE A 45 0.72 -3.56 8.84
CA PHE A 45 -0.11 -2.46 8.37
C PHE A 45 -1.39 -2.35 9.18
N TYR A 46 -1.98 -3.48 9.53
CA TYR A 46 -3.21 -3.47 10.32
C TYR A 46 -2.90 -2.98 11.74
N GLU A 47 -1.69 -3.26 12.21
CA GLU A 47 -1.29 -2.84 13.55
C GLU A 47 -1.33 -1.33 13.66
N VAL A 48 -0.83 -0.64 12.63
CA VAL A 48 -0.83 0.82 12.64
C VAL A 48 -2.25 1.32 12.39
N TRP A 49 -2.95 0.64 11.50
CA TRP A 49 -4.31 1.04 11.15
C TRP A 49 -5.20 1.12 12.38
N GLU A 50 -5.08 0.12 13.25
CA GLU A 50 -5.89 0.07 14.46
C GLU A 50 -5.71 1.32 15.32
N LYS A 51 -4.54 1.95 15.22
CA LYS A 51 -4.25 3.14 16.02
C LYS A 51 -5.05 4.35 15.57
N PHE A 52 -5.31 4.39 14.26
CA PHE A 52 -6.07 5.50 13.63
C PHE A 52 -7.53 5.12 13.44
N ASP A 53 -7.87 3.87 13.73
CA ASP A 53 -9.25 3.40 13.56
C ASP A 53 -9.53 2.17 14.43
N PRO A 54 -9.91 2.36 15.67
CA PRO A 54 -10.22 1.22 16.58
C PRO A 54 -11.65 0.71 16.40
N ASP A 55 -12.40 1.39 15.53
CA ASP A 55 -13.80 1.02 15.26
C ASP A 55 -13.89 0.06 14.08
N ALA A 56 -12.77 -0.19 13.43
CA ALA A 56 -12.74 -1.09 12.28
C ALA A 56 -13.69 -0.60 11.19
N THR A 57 -13.85 0.72 11.08
CA THR A 57 -14.72 1.28 10.06
C THR A 57 -14.10 1.08 8.68
N GLN A 58 -12.76 1.09 8.66
CA GLN A 58 -11.99 0.91 7.44
C GLN A 58 -11.92 2.22 6.63
N PHE A 59 -12.09 3.35 7.32
CA PHE A 59 -12.05 4.67 6.68
C PHE A 59 -11.10 5.59 7.47
N ILE A 60 -10.45 6.54 6.80
CA ILE A 60 -9.54 7.48 7.49
C ILE A 60 -9.69 8.87 6.88
N GLU A 61 -9.52 9.92 7.70
CA GLU A 61 -9.70 11.30 7.22
C GLU A 61 -8.48 11.80 6.45
N PHE A 62 -8.72 12.46 5.32
CA PHE A 62 -7.62 12.97 4.51
C PHE A 62 -6.68 13.85 5.34
N ALA A 63 -7.27 14.72 6.15
CA ALA A 63 -6.49 15.62 7.00
C ALA A 63 -5.56 14.85 7.93
N LYS A 64 -5.90 13.58 8.18
CA LYS A 64 -5.11 12.73 9.07
C LYS A 64 -4.37 11.65 8.29
N LEU A 65 -4.51 11.65 6.97
CA LEU A 65 -3.86 10.65 6.13
C LEU A 65 -2.34 10.86 6.12
N SER A 66 -1.90 12.10 6.32
CA SER A 66 -0.46 12.39 6.32
C SER A 66 0.21 11.81 7.56
N ASP A 67 -0.52 11.81 8.66
CA ASP A 67 0.01 11.28 9.92
C ASP A 67 0.03 9.76 9.84
N PHE A 68 -0.85 9.21 9.02
CA PHE A 68 -0.91 7.76 8.85
C PHE A 68 0.18 7.31 7.88
N ALA A 69 0.23 8.01 6.76
CA ALA A 69 1.21 7.70 5.72
C ALA A 69 2.62 7.54 6.31
N ASP A 70 2.93 8.35 7.33
CA ASP A 70 4.25 8.27 7.98
C ASP A 70 4.17 7.36 9.22
N ALA A 71 2.99 6.77 9.42
CA ALA A 71 2.78 5.87 10.57
C ALA A 71 3.10 4.43 10.18
N LEU A 72 3.07 4.13 8.88
CA LEU A 72 3.36 2.78 8.41
C LEU A 72 4.84 2.46 8.57
N ASP A 73 5.20 1.22 8.21
CA ASP A 73 6.58 0.77 8.29
C ASP A 73 7.05 0.30 6.90
N PRO A 74 8.30 0.48 6.53
CA PRO A 74 8.79 0.03 5.20
C PRO A 74 8.36 -1.42 4.92
N PRO A 75 8.11 -1.80 3.67
CA PRO A 75 8.22 -0.93 2.44
C PRO A 75 6.90 -0.19 2.14
N LEU A 76 6.32 0.43 3.18
CA LEU A 76 5.06 1.15 3.03
C LEU A 76 5.13 2.51 3.71
N LEU A 77 6.24 2.78 4.38
CA LEU A 77 6.44 4.03 5.12
C LEU A 77 6.83 5.19 4.20
N ILE A 78 6.07 6.27 4.30
CA ILE A 78 6.33 7.50 3.56
C ILE A 78 6.59 8.57 4.61
N ALA A 79 7.87 8.85 4.80
CA ALA A 79 8.25 9.84 5.82
C ALA A 79 8.75 11.13 5.19
N LYS A 80 7.85 11.84 4.53
CA LYS A 80 8.15 13.12 3.92
C LYS A 80 9.41 13.04 3.06
N PRO A 81 9.60 13.95 2.11
CA PRO A 81 8.67 15.07 1.79
C PRO A 81 7.75 14.74 0.60
N ASN A 82 7.44 13.46 0.39
CA ASN A 82 6.59 13.09 -0.76
C ASN A 82 5.12 12.94 -0.38
N LYS A 83 4.48 14.06 -0.09
CA LYS A 83 3.04 14.09 0.20
C LYS A 83 2.26 14.08 -1.11
N VAL A 84 2.81 14.79 -2.09
CA VAL A 84 2.21 14.87 -3.40
C VAL A 84 1.88 13.47 -3.92
N GLN A 85 2.86 12.59 -3.74
CA GLN A 85 2.70 11.21 -4.21
C GLN A 85 1.35 10.65 -3.76
N LEU A 86 0.87 11.07 -2.59
CA LEU A 86 -0.42 10.59 -2.10
C LEU A 86 -1.54 11.11 -2.98
N ILE A 87 -1.45 12.37 -3.36
CA ILE A 87 -2.47 12.94 -4.23
C ILE A 87 -2.27 12.39 -5.64
N ALA A 88 -1.01 12.16 -6.00
CA ALA A 88 -0.69 11.59 -7.30
C ALA A 88 -1.01 10.09 -7.29
N MET A 89 -2.17 9.74 -6.76
CA MET A 89 -2.60 8.35 -6.66
C MET A 89 -4.11 8.21 -6.93
N ASP A 90 -4.81 9.34 -7.04
CA ASP A 90 -6.26 9.30 -7.30
C ASP A 90 -6.92 8.20 -6.47
N LEU A 91 -7.36 8.55 -5.26
CA LEU A 91 -7.99 7.58 -4.35
C LEU A 91 -9.42 8.02 -4.00
N PRO A 92 -10.30 7.09 -3.68
CA PRO A 92 -11.70 7.41 -3.29
C PRO A 92 -11.83 8.75 -2.62
N MET A 93 -12.06 9.79 -3.41
CA MET A 93 -12.19 11.14 -2.87
C MET A 93 -13.66 11.49 -2.65
N VAL A 94 -13.95 11.93 -1.42
CA VAL A 94 -15.30 12.34 -1.05
C VAL A 94 -15.24 13.65 -0.28
N SER A 95 -16.36 14.33 -0.13
CA SER A 95 -16.37 15.58 0.60
C SER A 95 -15.71 15.39 1.95
N GLY A 96 -14.52 15.97 2.09
CA GLY A 96 -13.76 15.87 3.33
C GLY A 96 -13.76 14.43 3.83
N ASP A 97 -14.87 14.05 4.47
CA ASP A 97 -15.08 12.71 5.00
C ASP A 97 -13.79 11.89 5.15
N ARG A 98 -13.82 10.66 4.62
CA ARG A 98 -12.67 9.76 4.73
C ARG A 98 -12.45 8.99 3.42
N ILE A 99 -11.43 8.12 3.43
CA ILE A 99 -11.05 7.35 2.25
C ILE A 99 -11.22 5.84 2.47
N HIS A 100 -11.57 5.14 1.40
CA HIS A 100 -11.74 3.69 1.42
C HIS A 100 -10.40 3.00 1.69
N CYS A 101 -10.34 2.22 2.76
CA CYS A 101 -9.11 1.50 3.11
C CYS A 101 -8.72 0.50 2.02
N LEU A 102 -9.70 -0.21 1.48
CA LEU A 102 -9.43 -1.20 0.45
C LEU A 102 -8.60 -0.58 -0.67
N ASP A 103 -8.91 0.67 -1.02
CA ASP A 103 -8.18 1.36 -2.06
C ASP A 103 -6.79 1.78 -1.58
N ILE A 104 -6.71 2.21 -0.32
CA ILE A 104 -5.42 2.63 0.25
C ILE A 104 -4.44 1.45 0.19
N LEU A 105 -4.91 0.27 0.55
CA LEU A 105 -4.07 -0.92 0.55
C LEU A 105 -3.59 -1.25 -0.86
N PHE A 106 -4.52 -1.29 -1.81
CA PHE A 106 -4.18 -1.61 -3.19
C PHE A 106 -3.30 -0.53 -3.82
N ALA A 107 -3.68 0.73 -3.64
CA ALA A 107 -2.91 1.84 -4.21
C ALA A 107 -1.49 1.85 -3.67
N PHE A 108 -1.35 1.52 -2.39
CA PHE A 108 -0.03 1.49 -1.76
C PHE A 108 0.73 0.25 -2.22
N THR A 109 -0.02 -0.77 -2.66
CA THR A 109 0.59 -2.00 -3.14
C THR A 109 1.11 -1.81 -4.56
N LYS A 110 0.40 -1.00 -5.33
CA LYS A 110 0.79 -0.71 -6.71
C LYS A 110 1.95 0.28 -6.74
N ARG A 111 1.83 1.34 -5.96
CA ARG A 111 2.85 2.37 -5.89
C ARG A 111 4.25 1.78 -5.61
N VAL A 112 4.28 0.81 -4.70
CA VAL A 112 5.52 0.13 -4.35
C VAL A 112 5.88 -0.94 -5.39
N LEU A 113 4.91 -1.30 -6.25
CA LEU A 113 5.17 -2.32 -7.29
C LEU A 113 5.36 -1.65 -8.66
N GLY A 114 5.05 -0.37 -8.75
CA GLY A 114 5.19 0.35 -10.01
C GLY A 114 3.94 0.17 -10.86
N GLU A 115 4.01 0.61 -12.12
CA GLU A 115 2.87 0.49 -13.03
C GLU A 115 2.84 -0.88 -13.68
N SER A 116 3.99 -1.32 -14.17
CA SER A 116 4.10 -2.63 -14.82
C SER A 116 4.52 -3.70 -13.81
N GLY A 117 4.06 -3.56 -12.57
CA GLY A 117 4.39 -4.53 -11.52
C GLY A 117 3.31 -5.59 -11.39
N GLU A 118 2.95 -6.20 -12.51
CA GLU A 118 1.93 -7.25 -12.52
C GLU A 118 2.55 -8.61 -12.23
N MET A 119 3.60 -8.61 -11.41
CA MET A 119 4.28 -9.86 -11.06
C MET A 119 3.56 -10.57 -9.93
N ASP A 120 2.51 -9.93 -9.40
CA ASP A 120 1.74 -10.52 -8.31
C ASP A 120 0.75 -11.56 -8.85
N ALA A 121 0.53 -11.54 -10.15
CA ALA A 121 -0.40 -12.47 -10.78
C ALA A 121 0.32 -13.76 -11.19
N LEU A 122 1.63 -13.79 -10.99
CA LEU A 122 2.43 -14.95 -11.35
C LEU A 122 2.50 -15.93 -10.18
N ARG A 123 2.51 -15.39 -8.97
CA ARG A 123 2.58 -16.23 -7.77
C ARG A 123 1.20 -16.80 -7.43
N ILE A 124 0.15 -16.12 -7.89
CA ILE A 124 -1.20 -16.58 -7.63
C ILE A 124 -1.58 -17.73 -8.56
N GLN A 125 -0.79 -17.90 -9.61
CA GLN A 125 -1.05 -18.97 -10.58
C GLN A 125 -1.29 -20.29 -9.86
N MET A 126 -0.58 -20.48 -8.74
CA MET A 126 -0.72 -21.71 -7.97
C MET A 126 -2.09 -21.77 -7.29
N GLU A 127 -2.66 -20.59 -7.04
CA GLU A 127 -3.97 -20.52 -6.39
C GLU A 127 -4.01 -21.39 -5.14
N GLU A 128 -2.82 -21.67 -4.60
CA GLU A 128 -2.70 -22.49 -3.38
C GLU A 128 -3.77 -23.57 -3.32
N ARG A 129 -4.04 -24.18 -4.46
CA ARG A 129 -5.06 -25.24 -4.52
C ARG A 129 -4.80 -26.29 -3.44
N GLU A 24 14.47 -19.38 -21.38
CA GLU A 24 15.06 -20.36 -20.48
C GLU A 24 14.02 -20.88 -19.50
N ASN A 25 13.07 -21.66 -20.02
CA ASN A 25 12.01 -22.21 -19.17
C ASN A 25 12.61 -23.01 -18.03
N PHE A 26 13.93 -23.17 -18.03
CA PHE A 26 14.61 -23.91 -16.98
C PHE A 26 14.59 -23.14 -15.67
N SER A 27 14.53 -23.86 -14.56
CA SER A 27 14.51 -23.22 -13.24
C SER A 27 15.90 -22.66 -12.90
N VAL A 28 16.26 -21.57 -13.56
CA VAL A 28 17.56 -20.95 -13.32
C VAL A 28 17.59 -20.28 -11.95
N ALA A 29 16.54 -20.52 -11.20
CA ALA A 29 16.42 -19.93 -9.86
C ALA A 29 15.20 -20.49 -9.15
N THR A 30 14.46 -19.60 -8.50
CA THR A 30 13.25 -19.98 -7.76
C THR A 30 12.03 -19.31 -8.37
N GLU A 31 11.01 -20.11 -8.66
CA GLU A 31 9.78 -19.60 -9.24
C GLU A 31 8.86 -19.04 -8.17
N GLU A 32 8.96 -19.59 -6.96
CA GLU A 32 8.13 -19.13 -5.86
C GLU A 32 8.12 -17.60 -5.78
N SER A 33 9.31 -17.01 -5.92
CA SER A 33 9.42 -15.55 -5.88
C SER A 33 8.94 -15.01 -4.53
N ALA A 34 9.27 -13.75 -4.26
CA ALA A 34 8.88 -13.12 -3.01
C ALA A 34 9.18 -11.63 -3.06
N GLU A 35 8.23 -10.85 -3.58
CA GLU A 35 8.40 -9.41 -3.70
C GLU A 35 8.62 -8.79 -2.31
N PRO A 36 9.38 -7.71 -2.21
CA PRO A 36 9.64 -7.04 -0.90
C PRO A 36 8.42 -7.03 0.00
N LEU A 37 7.24 -6.95 -0.60
CA LEU A 37 5.99 -6.93 0.16
C LEU A 37 5.56 -8.35 0.53
N SER A 38 5.82 -8.72 1.79
CA SER A 38 5.45 -10.06 2.28
C SER A 38 4.28 -9.95 3.25
N GLU A 39 3.83 -11.09 3.76
CA GLU A 39 2.70 -11.11 4.69
C GLU A 39 3.03 -10.30 5.94
N ASP A 40 4.28 -10.35 6.37
CA ASP A 40 4.71 -9.61 7.56
C ASP A 40 4.24 -8.16 7.49
N ASP A 41 4.19 -7.62 6.28
CA ASP A 41 3.75 -6.23 6.10
C ASP A 41 2.24 -6.12 6.31
N PHE A 42 1.51 -7.09 5.74
CA PHE A 42 0.06 -7.08 5.86
C PHE A 42 -0.37 -6.91 7.32
N GLU A 43 0.21 -7.72 8.21
CA GLU A 43 -0.12 -7.63 9.63
C GLU A 43 0.33 -6.30 10.20
N MET A 44 1.58 -5.93 9.94
CA MET A 44 2.13 -4.67 10.43
C MET A 44 1.24 -3.51 10.00
N PHE A 45 0.70 -3.61 8.78
CA PHE A 45 -0.17 -2.56 8.26
C PHE A 45 -1.40 -2.40 9.13
N TYR A 46 -1.97 -3.52 9.56
CA TYR A 46 -3.16 -3.48 10.40
C TYR A 46 -2.81 -3.01 11.80
N GLU A 47 -1.60 -3.33 12.26
CA GLU A 47 -1.15 -2.92 13.57
C GLU A 47 -1.14 -1.40 13.66
N VAL A 48 -0.68 -0.74 12.60
CA VAL A 48 -0.63 0.72 12.59
C VAL A 48 -2.05 1.26 12.36
N TRP A 49 -2.79 0.59 11.50
CA TRP A 49 -4.15 1.04 11.19
C TRP A 49 -4.98 1.15 12.46
N GLU A 50 -4.84 0.17 13.34
CA GLU A 50 -5.61 0.17 14.59
C GLU A 50 -5.36 1.46 15.39
N LYS A 51 -4.18 2.05 15.22
CA LYS A 51 -3.81 3.27 15.94
C LYS A 51 -4.63 4.47 15.48
N PHE A 52 -4.94 4.48 14.18
CA PHE A 52 -5.71 5.57 13.57
C PHE A 52 -7.18 5.22 13.44
N ASP A 53 -7.53 3.98 13.79
CA ASP A 53 -8.93 3.56 13.69
C ASP A 53 -9.20 2.36 14.61
N PRO A 54 -9.49 2.61 15.87
CA PRO A 54 -9.78 1.51 16.83
C PRO A 54 -11.24 1.03 16.72
N ASP A 55 -12.01 1.72 15.88
CA ASP A 55 -13.42 1.38 15.70
C ASP A 55 -13.59 0.35 14.58
N ALA A 56 -12.49 0.04 13.90
CA ALA A 56 -12.52 -0.92 12.80
C ALA A 56 -13.45 -0.46 11.69
N THR A 57 -13.56 0.86 11.52
CA THR A 57 -14.41 1.42 10.48
C THR A 57 -13.81 1.11 9.10
N GLN A 58 -12.48 1.05 9.07
CA GLN A 58 -11.72 0.77 7.84
C GLN A 58 -11.69 2.01 6.94
N PHE A 59 -11.86 3.19 7.56
CA PHE A 59 -11.84 4.46 6.84
C PHE A 59 -10.91 5.45 7.56
N ILE A 60 -10.29 6.38 6.83
CA ILE A 60 -9.40 7.37 7.46
C ILE A 60 -9.58 8.76 6.82
N GLU A 61 -9.38 9.81 7.61
CA GLU A 61 -9.56 11.18 7.11
C GLU A 61 -8.36 11.65 6.28
N PHE A 62 -8.66 12.28 5.13
CA PHE A 62 -7.58 12.76 4.26
C PHE A 62 -6.60 13.63 5.05
N ALA A 63 -7.13 14.54 5.85
CA ALA A 63 -6.31 15.43 6.65
C ALA A 63 -5.40 14.65 7.59
N LYS A 64 -5.79 13.41 7.88
CA LYS A 64 -5.01 12.55 8.79
C LYS A 64 -4.31 11.44 8.01
N LEU A 65 -4.49 11.41 6.70
CA LEU A 65 -3.87 10.38 5.88
C LEU A 65 -2.35 10.56 5.84
N SER A 66 -1.88 11.78 6.03
CA SER A 66 -0.44 12.05 6.00
C SER A 66 0.23 11.48 7.26
N ASP A 67 -0.48 11.54 8.38
CA ASP A 67 0.06 11.02 9.63
C ASP A 67 0.13 9.49 9.56
N PHE A 68 -0.71 8.93 8.71
CA PHE A 68 -0.74 7.47 8.53
C PHE A 68 0.36 7.02 7.57
N ALA A 69 0.44 7.71 6.44
CA ALA A 69 1.42 7.38 5.42
C ALA A 69 2.83 7.23 6.00
N ASP A 70 3.18 8.06 6.98
CA ASP A 70 4.50 7.97 7.61
C ASP A 70 4.42 7.09 8.87
N ALA A 71 3.24 6.55 9.13
CA ALA A 71 3.05 5.67 10.27
C ALA A 71 3.41 4.24 9.91
N LEU A 72 3.32 3.91 8.62
CA LEU A 72 3.64 2.56 8.16
C LEU A 72 5.14 2.33 8.20
N ASP A 73 5.52 1.06 8.04
CA ASP A 73 6.94 0.69 8.02
C ASP A 73 7.30 0.16 6.62
N PRO A 74 8.52 0.32 6.16
CA PRO A 74 8.91 -0.18 4.82
C PRO A 74 8.40 -1.62 4.61
N PRO A 75 8.07 -2.03 3.39
CA PRO A 75 8.13 -1.21 2.15
C PRO A 75 6.83 -0.43 1.89
N LEU A 76 6.32 0.24 2.94
CA LEU A 76 5.09 1.01 2.82
C LEU A 76 5.26 2.41 3.41
N LEU A 77 6.43 2.67 3.99
CA LEU A 77 6.73 3.94 4.63
C LEU A 77 7.11 5.02 3.60
N ILE A 78 6.36 6.12 3.62
CA ILE A 78 6.63 7.26 2.74
C ILE A 78 7.02 8.44 3.62
N ALA A 79 8.29 8.80 3.59
CA ALA A 79 8.77 9.92 4.42
C ALA A 79 8.00 11.19 4.11
N LYS A 80 7.86 12.03 5.13
CA LYS A 80 7.15 13.31 5.01
C LYS A 80 8.19 14.42 4.88
N PRO A 81 7.85 15.57 4.35
CA PRO A 81 6.48 15.90 3.82
C PRO A 81 6.19 15.23 2.47
N ASN A 82 5.14 14.41 2.37
CA ASN A 82 4.83 13.79 1.07
C ASN A 82 3.33 13.73 0.80
N LYS A 83 2.74 14.91 0.64
CA LYS A 83 1.31 15.02 0.28
C LYS A 83 1.15 14.87 -1.23
N VAL A 84 2.19 15.30 -1.92
CA VAL A 84 2.16 15.24 -3.39
C VAL A 84 2.17 13.78 -3.85
N GLN A 85 2.85 12.92 -3.09
CA GLN A 85 2.90 11.50 -3.43
C GLN A 85 1.52 10.88 -3.22
N LEU A 86 0.80 11.43 -2.24
CA LEU A 86 -0.55 10.94 -1.93
C LEU A 86 -1.57 11.49 -2.90
N ILE A 87 -1.37 12.71 -3.34
CA ILE A 87 -2.30 13.32 -4.28
C ILE A 87 -2.12 12.72 -5.66
N ALA A 88 -0.87 12.46 -6.04
CA ALA A 88 -0.59 11.86 -7.33
C ALA A 88 -0.95 10.37 -7.33
N MET A 89 -2.10 10.04 -6.73
CA MET A 89 -2.58 8.66 -6.67
C MET A 89 -3.95 8.55 -7.35
N ASP A 90 -4.62 9.69 -7.48
CA ASP A 90 -5.94 9.73 -8.10
C ASP A 90 -6.95 8.91 -7.30
N LEU A 91 -6.58 8.59 -6.07
CA LEU A 91 -7.46 7.83 -5.19
C LEU A 91 -8.81 8.56 -5.05
N PRO A 92 -9.89 8.03 -5.55
CA PRO A 92 -11.21 8.71 -5.42
C PRO A 92 -11.40 9.29 -4.04
N MET A 93 -12.20 10.34 -3.94
CA MET A 93 -12.46 11.02 -2.68
C MET A 93 -13.96 11.19 -2.44
N VAL A 94 -14.27 11.72 -1.27
CA VAL A 94 -15.64 12.03 -0.89
C VAL A 94 -15.63 13.38 -0.19
N SER A 95 -16.79 14.02 -0.10
CA SER A 95 -16.84 15.33 0.56
C SER A 95 -16.05 15.28 1.85
N GLY A 96 -14.89 15.95 1.87
CA GLY A 96 -14.01 15.97 3.04
C GLY A 96 -13.91 14.60 3.67
N ASP A 97 -14.97 14.24 4.38
CA ASP A 97 -15.12 12.95 5.06
C ASP A 97 -13.80 12.18 5.18
N ARG A 98 -13.80 10.95 4.66
CA ARG A 98 -12.62 10.07 4.73
C ARG A 98 -12.51 9.21 3.48
N ILE A 99 -11.52 8.30 3.46
CA ILE A 99 -11.25 7.45 2.30
C ILE A 99 -11.52 5.98 2.59
N HIS A 100 -11.53 5.20 1.52
CA HIS A 100 -11.75 3.75 1.58
C HIS A 100 -10.43 3.01 1.80
N CYS A 101 -10.37 2.24 2.87
CA CYS A 101 -9.17 1.46 3.20
C CYS A 101 -8.84 0.50 2.06
N LEU A 102 -9.84 -0.20 1.54
CA LEU A 102 -9.59 -1.13 0.45
C LEU A 102 -8.84 -0.43 -0.67
N ASP A 103 -9.21 0.82 -0.94
CA ASP A 103 -8.55 1.59 -1.98
C ASP A 103 -7.13 1.94 -1.55
N ILE A 104 -6.99 2.40 -0.30
CA ILE A 104 -5.67 2.76 0.22
C ILE A 104 -4.73 1.56 0.18
N LEU A 105 -5.24 0.39 0.59
CA LEU A 105 -4.43 -0.83 0.62
C LEU A 105 -3.98 -1.23 -0.78
N PHE A 106 -4.93 -1.28 -1.71
CA PHE A 106 -4.62 -1.67 -3.07
C PHE A 106 -3.66 -0.66 -3.72
N ALA A 107 -4.01 0.61 -3.63
CA ALA A 107 -3.18 1.65 -4.23
C ALA A 107 -1.74 1.58 -3.74
N PHE A 108 -1.57 1.23 -2.46
CA PHE A 108 -0.23 1.13 -1.88
C PHE A 108 0.46 -0.16 -2.34
N THR A 109 -0.31 -1.22 -2.54
CA THR A 109 0.28 -2.48 -2.99
C THR A 109 0.75 -2.34 -4.43
N LYS A 110 0.04 -1.53 -5.20
CA LYS A 110 0.40 -1.30 -6.61
C LYS A 110 1.56 -0.31 -6.73
N ARG A 111 1.45 0.77 -5.98
CA ARG A 111 2.48 1.81 -6.02
C ARG A 111 3.87 1.22 -5.81
N VAL A 112 3.95 0.27 -4.89
CA VAL A 112 5.20 -0.44 -4.61
C VAL A 112 5.46 -1.52 -5.66
N LEU A 113 4.45 -1.85 -6.46
CA LEU A 113 4.60 -2.88 -7.50
C LEU A 113 4.77 -2.26 -8.89
N GLY A 114 4.46 -0.98 -9.02
CA GLY A 114 4.59 -0.31 -10.30
C GLY A 114 6.04 0.06 -10.59
N GLU A 115 6.26 0.77 -11.69
CA GLU A 115 7.60 1.20 -12.06
C GLU A 115 8.54 -0.01 -12.18
N SER A 116 9.33 -0.23 -11.13
CA SER A 116 10.27 -1.34 -11.12
C SER A 116 9.56 -2.66 -10.82
N GLY A 117 8.46 -2.91 -11.52
CA GLY A 117 7.70 -4.14 -11.32
C GLY A 117 8.50 -5.35 -11.78
N GLU A 118 7.93 -6.54 -11.64
CA GLU A 118 8.61 -7.76 -12.06
C GLU A 118 7.64 -8.93 -12.12
N MET A 119 6.67 -8.92 -11.24
CA MET A 119 5.67 -9.99 -11.20
C MET A 119 4.84 -9.98 -12.48
N ASP A 120 4.61 -8.79 -13.03
CA ASP A 120 3.83 -8.67 -14.26
C ASP A 120 4.60 -9.26 -15.44
N ALA A 121 5.89 -9.49 -15.24
CA ALA A 121 6.73 -10.04 -16.29
C ALA A 121 6.49 -11.54 -16.43
N LEU A 122 6.15 -12.18 -15.32
CA LEU A 122 5.89 -13.61 -15.32
C LEU A 122 4.51 -13.91 -15.86
N ARG A 123 3.66 -12.89 -15.90
CA ARG A 123 2.30 -13.05 -16.40
C ARG A 123 2.29 -13.05 -17.92
N ILE A 124 3.33 -12.48 -18.53
CA ILE A 124 3.43 -12.42 -19.98
C ILE A 124 3.72 -13.81 -20.55
N GLN A 125 4.23 -14.69 -19.70
CA GLN A 125 4.54 -16.05 -20.12
C GLN A 125 3.29 -16.89 -20.22
N MET A 126 2.20 -16.39 -19.63
CA MET A 126 0.93 -17.10 -19.67
C MET A 126 0.30 -17.03 -21.05
N GLU A 127 0.33 -15.84 -21.64
CA GLU A 127 -0.24 -15.65 -22.97
C GLU A 127 0.35 -16.65 -23.95
N GLU A 128 1.60 -17.03 -23.73
CA GLU A 128 2.27 -17.99 -24.60
C GLU A 128 3.48 -18.60 -23.90
N ARG A 129 3.70 -19.90 -24.14
CA ARG A 129 4.82 -20.59 -23.52
C ARG A 129 6.13 -20.27 -24.26
N GLU A 24 19.52 -11.70 -11.71
CA GLU A 24 19.04 -12.96 -12.27
C GLU A 24 17.53 -13.06 -12.13
N ASN A 25 16.82 -12.59 -13.14
CA ASN A 25 15.36 -12.62 -13.13
C ASN A 25 14.86 -14.03 -13.44
N PHE A 26 15.79 -14.97 -13.53
CA PHE A 26 15.43 -16.36 -13.83
C PHE A 26 14.86 -17.04 -12.59
N SER A 27 14.28 -16.25 -11.70
CA SER A 27 13.70 -16.79 -10.47
C SER A 27 12.38 -17.50 -10.77
N VAL A 28 12.46 -18.59 -11.51
CA VAL A 28 11.26 -19.36 -11.85
C VAL A 28 10.78 -20.18 -10.67
N ALA A 29 9.90 -21.13 -10.93
CA ALA A 29 9.37 -21.99 -9.87
C ALA A 29 8.73 -21.14 -8.77
N THR A 30 7.96 -20.14 -9.18
CA THR A 30 7.30 -19.25 -8.22
C THR A 30 6.07 -19.94 -7.64
N GLU A 31 5.27 -20.56 -8.51
CA GLU A 31 4.06 -21.24 -8.06
C GLU A 31 3.11 -20.26 -7.38
N GLU A 32 3.43 -19.87 -6.16
CA GLU A 32 2.59 -18.95 -5.41
C GLU A 32 2.75 -17.53 -5.96
N SER A 33 1.90 -17.17 -6.91
CA SER A 33 1.95 -15.84 -7.51
C SER A 33 1.28 -14.82 -6.60
N ALA A 34 1.62 -14.85 -5.32
CA ALA A 34 1.05 -13.92 -4.36
C ALA A 34 1.64 -12.53 -4.56
N GLU A 35 0.96 -11.51 -4.03
CA GLU A 35 1.43 -10.15 -4.17
C GLU A 35 2.92 -10.06 -3.81
N PRO A 36 3.66 -9.16 -4.43
CA PRO A 36 5.11 -9.01 -4.15
C PRO A 36 5.47 -9.19 -2.68
N LEU A 37 5.13 -8.20 -1.87
CA LEU A 37 5.42 -8.27 -0.44
C LEU A 37 4.61 -9.39 0.20
N SER A 38 4.93 -9.72 1.46
CA SER A 38 4.26 -10.82 2.16
C SER A 38 3.10 -10.33 3.01
N GLU A 39 2.45 -11.28 3.67
CA GLU A 39 1.31 -10.95 4.52
C GLU A 39 1.76 -10.16 5.75
N ASP A 40 3.03 -10.31 6.09
CA ASP A 40 3.58 -9.61 7.25
C ASP A 40 3.22 -8.14 7.21
N ASP A 41 3.08 -7.61 5.99
CA ASP A 41 2.72 -6.21 5.81
C ASP A 41 1.22 -6.03 6.01
N PHE A 42 0.43 -6.95 5.47
CA PHE A 42 -1.01 -6.87 5.58
C PHE A 42 -1.41 -6.70 7.05
N GLU A 43 -0.87 -7.55 7.93
CA GLU A 43 -1.18 -7.47 9.35
C GLU A 43 -0.58 -6.22 9.96
N MET A 44 0.71 -6.00 9.70
CA MET A 44 1.39 -4.82 10.22
C MET A 44 0.62 -3.56 9.86
N PHE A 45 0.00 -3.56 8.68
CA PHE A 45 -0.78 -2.41 8.24
C PHE A 45 -1.96 -2.19 9.18
N TYR A 46 -2.57 -3.29 9.62
CA TYR A 46 -3.70 -3.20 10.54
C TYR A 46 -3.22 -2.75 11.92
N GLU A 47 -2.01 -3.15 12.28
CA GLU A 47 -1.44 -2.77 13.57
C GLU A 47 -1.34 -1.24 13.68
N VAL A 48 -0.85 -0.61 12.62
CA VAL A 48 -0.72 0.85 12.63
C VAL A 48 -2.11 1.46 12.49
N TRP A 49 -2.93 0.85 11.65
CA TRP A 49 -4.27 1.38 11.42
C TRP A 49 -5.04 1.54 12.73
N GLU A 50 -4.93 0.54 13.60
CA GLU A 50 -5.62 0.58 14.89
C GLU A 50 -5.30 1.86 15.65
N LYS A 51 -4.12 2.40 15.42
CA LYS A 51 -3.66 3.62 16.09
C LYS A 51 -4.43 4.86 15.65
N PHE A 52 -4.78 4.87 14.36
CA PHE A 52 -5.51 5.99 13.76
C PHE A 52 -7.00 5.72 13.74
N ASP A 53 -7.40 4.50 14.08
CA ASP A 53 -8.82 4.13 14.07
C ASP A 53 -9.11 2.98 15.03
N PRO A 54 -9.36 3.26 16.28
CA PRO A 54 -9.67 2.20 17.29
C PRO A 54 -11.13 1.78 17.22
N ASP A 55 -11.91 2.49 16.41
CA ASP A 55 -13.34 2.20 16.26
C ASP A 55 -13.59 1.17 15.18
N ALA A 56 -12.53 0.80 14.45
CA ALA A 56 -12.66 -0.18 13.39
C ALA A 56 -13.57 0.35 12.27
N THR A 57 -13.58 1.66 12.09
CA THR A 57 -14.41 2.27 11.06
C THR A 57 -13.88 1.87 9.68
N GLN A 58 -12.58 1.66 9.60
CA GLN A 58 -11.93 1.27 8.35
C GLN A 58 -11.84 2.45 7.39
N PHE A 59 -11.99 3.66 7.94
CA PHE A 59 -11.89 4.88 7.12
C PHE A 59 -10.92 5.85 7.79
N ILE A 60 -10.31 6.77 7.04
CA ILE A 60 -9.38 7.74 7.61
C ILE A 60 -9.53 9.09 6.92
N GLU A 61 -9.29 10.16 7.67
CA GLU A 61 -9.42 11.51 7.11
C GLU A 61 -8.16 11.90 6.34
N PHE A 62 -8.34 12.61 5.21
CA PHE A 62 -7.20 13.04 4.39
C PHE A 62 -6.20 13.85 5.22
N ALA A 63 -6.71 14.80 5.99
CA ALA A 63 -5.84 15.64 6.81
C ALA A 63 -4.99 14.80 7.74
N LYS A 64 -5.47 13.59 8.03
CA LYS A 64 -4.77 12.67 8.93
C LYS A 64 -4.09 11.54 8.13
N LEU A 65 -4.32 11.53 6.82
CA LEU A 65 -3.72 10.50 5.98
C LEU A 65 -2.21 10.69 5.88
N SER A 66 -1.75 11.92 6.09
CA SER A 66 -0.32 12.21 6.00
C SER A 66 0.41 11.68 7.24
N ASP A 67 -0.24 11.75 8.39
CA ASP A 67 0.34 11.25 9.63
C ASP A 67 0.39 9.73 9.58
N PHE A 68 -0.45 9.18 8.71
CA PHE A 68 -0.53 7.73 8.52
C PHE A 68 0.54 7.23 7.54
N ALA A 69 0.64 7.93 6.43
CA ALA A 69 1.58 7.56 5.37
C ALA A 69 3.00 7.31 5.91
N ASP A 70 3.44 8.10 6.88
CA ASP A 70 4.78 7.92 7.46
C ASP A 70 4.68 7.04 8.71
N ALA A 71 3.47 6.57 9.01
CA ALA A 71 3.24 5.70 10.17
C ALA A 71 3.52 4.25 9.81
N LEU A 72 3.37 3.92 8.53
CA LEU A 72 3.60 2.56 8.07
C LEU A 72 5.08 2.21 8.13
N ASP A 73 5.38 0.92 7.92
CA ASP A 73 6.77 0.44 7.93
C ASP A 73 7.12 -0.09 6.52
N PRO A 74 8.36 0.02 6.08
CA PRO A 74 8.75 -0.48 4.73
C PRO A 74 8.19 -1.89 4.46
N PRO A 75 7.85 -2.24 3.21
CA PRO A 75 7.93 -1.36 2.01
C PRO A 75 6.66 -0.53 1.79
N LEU A 76 6.20 0.15 2.84
CA LEU A 76 4.99 0.97 2.77
C LEU A 76 5.22 2.33 3.42
N LEU A 77 6.38 2.50 4.02
CA LEU A 77 6.72 3.74 4.71
C LEU A 77 7.15 4.85 3.75
N ILE A 78 6.50 5.99 3.90
CA ILE A 78 6.84 7.19 3.13
C ILE A 78 7.35 8.20 4.15
N ALA A 79 8.67 8.34 4.24
CA ALA A 79 9.30 9.22 5.24
C ALA A 79 8.97 10.68 5.04
N LYS A 80 7.95 10.97 4.23
CA LYS A 80 7.61 12.37 4.00
C LYS A 80 8.88 13.14 3.57
N PRO A 81 8.76 14.31 3.00
CA PRO A 81 7.46 15.00 2.73
C PRO A 81 6.87 14.65 1.36
N ASN A 82 7.02 13.40 0.92
CA ASN A 82 6.48 13.05 -0.40
C ASN A 82 4.96 12.95 -0.33
N LYS A 83 4.33 14.10 -0.14
CA LYS A 83 2.88 14.20 -0.12
C LYS A 83 2.32 14.20 -1.54
N VAL A 84 3.13 14.74 -2.42
CA VAL A 84 2.74 14.80 -3.82
C VAL A 84 2.45 13.38 -4.33
N GLN A 85 3.37 12.46 -4.04
CA GLN A 85 3.19 11.07 -4.47
C GLN A 85 1.80 10.56 -4.06
N LEU A 86 1.27 11.12 -2.97
CA LEU A 86 -0.06 10.72 -2.51
C LEU A 86 -1.12 11.33 -3.42
N ILE A 87 -0.87 12.56 -3.86
CA ILE A 87 -1.81 13.24 -4.75
C ILE A 87 -1.72 12.65 -6.16
N ALA A 88 -0.51 12.32 -6.61
CA ALA A 88 -0.31 11.70 -7.92
C ALA A 88 -1.25 10.51 -8.09
N MET A 89 -1.53 9.82 -7.00
CA MET A 89 -2.43 8.67 -7.05
C MET A 89 -3.88 9.12 -7.15
N ASP A 90 -4.19 10.27 -6.55
CA ASP A 90 -5.55 10.79 -6.58
C ASP A 90 -6.53 9.74 -6.08
N LEU A 91 -6.18 9.11 -4.95
CA LEU A 91 -7.03 8.08 -4.37
C LEU A 91 -8.51 8.47 -4.45
N PRO A 92 -9.40 7.52 -4.63
CA PRO A 92 -10.86 7.80 -4.71
C PRO A 92 -11.41 8.11 -3.32
N MET A 93 -12.14 9.20 -3.19
CA MET A 93 -12.70 9.58 -1.89
C MET A 93 -14.16 9.14 -1.77
N VAL A 94 -14.48 8.52 -0.63
CA VAL A 94 -15.84 8.08 -0.37
C VAL A 94 -16.51 9.10 0.52
N SER A 95 -17.73 8.79 1.00
CA SER A 95 -18.52 9.70 1.85
C SER A 95 -17.86 11.08 2.01
N GLY A 96 -18.51 12.08 1.41
CA GLY A 96 -18.08 13.49 1.43
C GLY A 96 -16.68 13.74 1.99
N ASP A 97 -16.44 13.31 3.23
CA ASP A 97 -15.13 13.53 3.86
C ASP A 97 -14.56 12.25 4.48
N ARG A 98 -14.27 11.24 3.66
CA ARG A 98 -13.69 9.99 4.18
C ARG A 98 -13.04 9.14 3.08
N ILE A 99 -11.86 8.59 3.43
CA ILE A 99 -11.11 7.76 2.45
C ILE A 99 -11.22 6.28 2.78
N HIS A 100 -11.44 5.49 1.73
CA HIS A 100 -11.54 4.04 1.85
C HIS A 100 -10.15 3.41 1.94
N CYS A 101 -9.92 2.67 3.01
CA CYS A 101 -8.63 2.02 3.22
C CYS A 101 -8.37 0.93 2.17
N LEU A 102 -9.41 0.25 1.75
CA LEU A 102 -9.23 -0.80 0.75
C LEU A 102 -8.45 -0.25 -0.43
N ASP A 103 -8.69 1.01 -0.75
CA ASP A 103 -7.97 1.64 -1.84
C ASP A 103 -6.56 1.99 -1.41
N ILE A 104 -6.41 2.50 -0.18
CA ILE A 104 -5.08 2.84 0.33
C ILE A 104 -4.19 1.60 0.25
N LEU A 105 -4.72 0.45 0.67
CA LEU A 105 -3.97 -0.80 0.64
C LEU A 105 -3.61 -1.17 -0.80
N PHE A 106 -4.60 -1.13 -1.67
CA PHE A 106 -4.40 -1.49 -3.07
C PHE A 106 -3.52 -0.47 -3.79
N ALA A 107 -3.70 0.80 -3.44
CA ALA A 107 -2.94 1.86 -4.08
C ALA A 107 -1.46 1.83 -3.66
N PHE A 108 -1.23 1.54 -2.38
CA PHE A 108 0.14 1.49 -1.87
C PHE A 108 0.84 0.21 -2.34
N THR A 109 0.06 -0.79 -2.71
CA THR A 109 0.62 -2.06 -3.20
C THR A 109 1.10 -1.91 -4.65
N LYS A 110 0.41 -1.06 -5.40
CA LYS A 110 0.76 -0.84 -6.79
C LYS A 110 1.97 0.09 -6.91
N ARG A 111 1.96 1.18 -6.16
CA ARG A 111 3.05 2.15 -6.19
C ARG A 111 4.42 1.50 -5.99
N VAL A 112 4.48 0.53 -5.07
CA VAL A 112 5.74 -0.16 -4.78
C VAL A 112 6.55 -0.38 -6.07
N LEU A 113 5.90 -0.94 -7.08
CA LEU A 113 6.54 -1.19 -8.36
C LEU A 113 6.34 -0.01 -9.29
N GLY A 114 5.12 0.54 -9.30
CA GLY A 114 4.81 1.67 -10.14
C GLY A 114 5.55 2.93 -9.67
N GLU A 115 5.30 4.04 -10.35
CA GLU A 115 5.95 5.30 -10.00
C GLU A 115 7.45 5.08 -9.78
N SER A 116 8.13 4.58 -10.81
CA SER A 116 9.57 4.32 -10.73
C SER A 116 10.09 3.76 -12.04
N GLY A 117 9.49 2.64 -12.47
CA GLY A 117 9.90 1.98 -13.72
C GLY A 117 9.95 0.47 -13.54
N GLU A 118 11.11 -0.12 -13.81
CA GLU A 118 11.28 -1.56 -13.68
C GLU A 118 10.22 -2.30 -14.49
N MET A 119 9.48 -1.56 -15.30
CA MET A 119 8.42 -2.17 -16.12
C MET A 119 8.97 -2.57 -17.48
N ASP A 120 10.05 -1.91 -17.91
CA ASP A 120 10.66 -2.22 -19.20
C ASP A 120 11.49 -3.49 -19.11
N ALA A 121 11.90 -3.85 -17.90
CA ALA A 121 12.71 -5.05 -17.70
C ALA A 121 11.97 -6.28 -18.21
N LEU A 122 10.64 -6.19 -18.26
CA LEU A 122 9.83 -7.30 -18.73
C LEU A 122 9.85 -7.36 -20.26
N ARG A 123 9.97 -6.19 -20.88
CA ARG A 123 10.00 -6.12 -22.34
C ARG A 123 11.30 -6.71 -22.89
N ILE A 124 12.36 -6.62 -22.09
CA ILE A 124 13.66 -7.14 -22.51
C ILE A 124 13.71 -8.65 -22.33
N GLN A 125 12.93 -9.15 -21.38
CA GLN A 125 12.89 -10.59 -21.12
C GLN A 125 12.33 -11.34 -22.33
N MET A 126 11.22 -10.84 -22.84
CA MET A 126 10.57 -11.46 -24.00
C MET A 126 11.17 -10.92 -25.30
N GLU A 127 12.50 -11.01 -25.43
CA GLU A 127 13.17 -10.52 -26.61
C GLU A 127 14.56 -11.14 -26.74
N GLU A 128 14.60 -12.44 -26.98
CA GLU A 128 15.87 -13.15 -27.12
C GLU A 128 16.70 -13.01 -25.85
N ARG A 129 17.46 -14.05 -25.52
CA ARG A 129 18.29 -14.04 -24.32
C ARG A 129 19.38 -12.97 -24.45
N GLU A 24 11.15 -26.86 7.69
CA GLU A 24 11.61 -26.75 6.31
C GLU A 24 11.02 -25.50 5.64
N ASN A 25 9.89 -25.68 4.98
CA ASN A 25 9.23 -24.57 4.30
C ASN A 25 9.04 -23.40 5.26
N PHE A 26 9.73 -22.30 4.98
CA PHE A 26 9.64 -21.11 5.83
C PHE A 26 10.36 -19.93 5.19
N SER A 27 9.61 -19.12 4.45
CA SER A 27 10.18 -17.96 3.79
C SER A 27 11.48 -18.33 3.08
N VAL A 28 11.35 -18.79 1.83
CA VAL A 28 12.52 -19.17 1.05
C VAL A 28 13.19 -17.95 0.45
N ALA A 29 12.84 -16.80 0.97
CA ALA A 29 13.40 -15.53 0.49
C ALA A 29 13.49 -15.52 -1.03
N THR A 30 12.43 -15.03 -1.68
CA THR A 30 12.41 -14.96 -3.14
C THR A 30 13.21 -13.76 -3.62
N GLU A 31 14.16 -14.03 -4.52
CA GLU A 31 15.00 -12.97 -5.08
C GLU A 31 14.59 -12.66 -6.52
N GLU A 32 13.38 -13.07 -6.88
CA GLU A 32 12.87 -12.84 -8.22
C GLU A 32 12.97 -11.35 -8.58
N SER A 33 12.16 -10.53 -7.93
CA SER A 33 12.17 -9.10 -8.19
C SER A 33 11.30 -8.36 -7.18
N ALA A 34 11.46 -8.71 -5.90
CA ALA A 34 10.69 -8.07 -4.84
C ALA A 34 9.19 -8.20 -5.12
N GLU A 35 8.53 -9.08 -4.37
CA GLU A 35 7.10 -9.29 -4.54
C GLU A 35 6.32 -8.07 -4.02
N PRO A 36 5.14 -7.83 -4.55
CA PRO A 36 4.30 -6.68 -4.12
C PRO A 36 4.45 -6.35 -2.63
N LEU A 37 3.97 -7.27 -1.79
CA LEU A 37 4.04 -7.11 -0.35
C LEU A 37 4.29 -8.45 0.33
N SER A 38 4.53 -8.41 1.65
CA SER A 38 4.77 -9.62 2.43
C SER A 38 3.73 -9.74 3.54
N GLU A 39 3.48 -10.97 3.98
CA GLU A 39 2.51 -11.22 5.03
C GLU A 39 2.83 -10.37 6.26
N ASP A 40 4.08 -10.45 6.70
CA ASP A 40 4.52 -9.69 7.87
C ASP A 40 4.08 -8.24 7.76
N ASP A 41 3.98 -7.75 6.53
CA ASP A 41 3.57 -6.36 6.29
C ASP A 41 2.06 -6.22 6.47
N PHE A 42 1.31 -7.17 5.92
CA PHE A 42 -0.15 -7.13 6.00
C PHE A 42 -0.58 -6.93 7.46
N GLU A 43 -0.04 -7.74 8.37
CA GLU A 43 -0.40 -7.63 9.78
C GLU A 43 0.06 -6.29 10.34
N MET A 44 1.27 -5.89 9.99
CA MET A 44 1.81 -4.61 10.48
C MET A 44 0.94 -3.46 10.02
N PHE A 45 0.40 -3.56 8.80
CA PHE A 45 -0.45 -2.51 8.26
C PHE A 45 -1.69 -2.33 9.13
N TYR A 46 -2.27 -3.44 9.57
CA TYR A 46 -3.47 -3.38 10.42
C TYR A 46 -3.11 -2.90 11.82
N GLU A 47 -1.92 -3.27 12.28
CA GLU A 47 -1.48 -2.87 13.61
C GLU A 47 -1.41 -1.34 13.69
N VAL A 48 -0.93 -0.72 12.62
CA VAL A 48 -0.83 0.74 12.61
C VAL A 48 -2.21 1.33 12.38
N TRP A 49 -2.99 0.67 11.53
CA TRP A 49 -4.32 1.17 11.22
C TRP A 49 -5.15 1.33 12.49
N GLU A 50 -5.05 0.36 13.39
CA GLU A 50 -5.82 0.39 14.64
C GLU A 50 -5.53 1.67 15.45
N LYS A 51 -4.32 2.21 15.31
CA LYS A 51 -3.93 3.40 16.04
C LYS A 51 -4.69 4.65 15.59
N PHE A 52 -4.99 4.67 14.29
CA PHE A 52 -5.72 5.78 13.67
C PHE A 52 -7.21 5.47 13.58
N ASP A 53 -7.60 4.25 13.93
CA ASP A 53 -9.01 3.84 13.88
C ASP A 53 -9.28 2.70 14.87
N PRO A 54 -9.53 3.02 16.12
CA PRO A 54 -9.81 1.99 17.16
C PRO A 54 -11.27 1.51 17.12
N ASP A 55 -12.07 2.17 16.29
CA ASP A 55 -13.49 1.82 16.18
C ASP A 55 -13.71 0.75 15.11
N ALA A 56 -12.63 0.37 14.43
CA ALA A 56 -12.73 -0.65 13.40
C ALA A 56 -13.63 -0.18 12.26
N THR A 57 -13.70 1.13 12.07
CA THR A 57 -14.54 1.69 11.00
C THR A 57 -13.94 1.33 9.65
N GLN A 58 -12.61 1.24 9.61
CA GLN A 58 -11.89 0.89 8.40
C GLN A 58 -11.79 2.10 7.45
N PHE A 59 -11.97 3.30 8.01
CA PHE A 59 -11.86 4.53 7.21
C PHE A 59 -10.94 5.52 7.92
N ILE A 60 -10.31 6.44 7.17
CA ILE A 60 -9.40 7.43 7.77
C ILE A 60 -9.58 8.78 7.10
N GLU A 61 -9.38 9.86 7.85
CA GLU A 61 -9.55 11.21 7.30
C GLU A 61 -8.35 11.64 6.48
N PHE A 62 -8.60 12.26 5.33
CA PHE A 62 -7.51 12.69 4.46
C PHE A 62 -6.53 13.58 5.22
N ALA A 63 -7.04 14.51 6.00
CA ALA A 63 -6.18 15.41 6.77
C ALA A 63 -5.23 14.62 7.67
N LYS A 64 -5.61 13.38 7.98
CA LYS A 64 -4.79 12.53 8.84
C LYS A 64 -4.14 11.39 8.05
N LEU A 65 -4.34 11.39 6.73
CA LEU A 65 -3.77 10.33 5.91
C LEU A 65 -2.25 10.48 5.84
N SER A 66 -1.75 11.68 6.06
CA SER A 66 -0.31 11.92 6.02
C SER A 66 0.35 11.34 7.28
N ASP A 67 -0.35 11.44 8.40
CA ASP A 67 0.16 10.93 9.66
C ASP A 67 0.19 9.40 9.60
N PHE A 68 -0.67 8.85 8.75
CA PHE A 68 -0.75 7.40 8.59
C PHE A 68 0.34 6.90 7.64
N ALA A 69 0.47 7.57 6.51
CA ALA A 69 1.44 7.20 5.50
C ALA A 69 2.84 7.03 6.08
N ASP A 70 3.20 7.88 7.06
CA ASP A 70 4.52 7.77 7.70
C ASP A 70 4.44 6.92 8.96
N ALA A 71 3.25 6.41 9.23
CA ALA A 71 3.04 5.55 10.40
C ALA A 71 3.37 4.10 10.04
N LEU A 72 3.26 3.77 8.76
CA LEU A 72 3.56 2.42 8.31
C LEU A 72 5.06 2.14 8.37
N ASP A 73 5.41 0.86 8.22
CA ASP A 73 6.82 0.46 8.22
C ASP A 73 7.20 -0.06 6.83
N PRO A 74 8.43 0.12 6.40
CA PRO A 74 8.87 -0.37 5.06
C PRO A 74 8.33 -1.79 4.78
N PRO A 75 8.02 -2.15 3.55
CA PRO A 75 8.14 -1.29 2.32
C PRO A 75 6.85 -0.47 2.06
N LEU A 76 6.36 0.21 3.09
CA LEU A 76 5.14 1.02 2.95
C LEU A 76 5.31 2.40 3.58
N LEU A 77 6.46 2.62 4.22
CA LEU A 77 6.72 3.89 4.91
C LEU A 77 7.17 5.00 3.96
N ILE A 78 6.50 6.13 4.07
CA ILE A 78 6.82 7.34 3.31
C ILE A 78 7.24 8.38 4.35
N ALA A 79 8.55 8.57 4.50
CA ALA A 79 9.08 9.48 5.52
C ALA A 79 8.72 10.94 5.25
N LYS A 80 7.71 11.18 4.42
CA LYS A 80 7.32 12.57 4.13
C LYS A 80 8.59 13.38 3.75
N PRO A 81 8.46 14.56 3.18
CA PRO A 81 7.18 15.24 2.86
C PRO A 81 6.63 14.86 1.49
N ASN A 82 6.79 13.60 1.08
CA ASN A 82 6.27 13.21 -0.23
C ASN A 82 4.75 13.07 -0.17
N LYS A 83 4.08 14.20 0.00
CA LYS A 83 2.62 14.25 0.00
C LYS A 83 2.09 14.21 -1.42
N VAL A 84 2.91 14.76 -2.31
CA VAL A 84 2.56 14.77 -3.72
C VAL A 84 2.34 13.34 -4.20
N GLN A 85 3.27 12.46 -3.84
CA GLN A 85 3.17 11.05 -4.23
C GLN A 85 1.77 10.52 -3.89
N LEU A 86 1.20 11.08 -2.84
CA LEU A 86 -0.14 10.67 -2.43
C LEU A 86 -1.18 11.24 -3.39
N ILE A 87 -0.94 12.46 -3.84
CA ILE A 87 -1.86 13.08 -4.77
C ILE A 87 -1.69 12.43 -6.15
N ALA A 88 -0.45 12.11 -6.51
CA ALA A 88 -0.18 11.47 -7.79
C ALA A 88 -0.61 10.01 -7.78
N MET A 89 -1.78 9.74 -7.21
CA MET A 89 -2.34 8.39 -7.14
C MET A 89 -3.77 8.40 -7.68
N ASP A 90 -4.41 9.57 -7.65
CA ASP A 90 -5.78 9.70 -8.13
C ASP A 90 -6.71 8.87 -7.25
N LEU A 91 -6.29 8.65 -6.01
CA LEU A 91 -7.08 7.87 -5.06
C LEU A 91 -8.53 8.39 -5.01
N PRO A 92 -9.50 7.66 -5.53
CA PRO A 92 -10.91 8.12 -5.49
C PRO A 92 -11.25 8.63 -4.10
N MET A 93 -12.03 9.70 -4.04
CA MET A 93 -12.40 10.32 -2.77
C MET A 93 -13.91 10.32 -2.54
N VAL A 94 -14.33 9.74 -1.42
CA VAL A 94 -15.74 9.71 -1.04
C VAL A 94 -15.98 10.93 -0.18
N SER A 95 -17.18 11.04 0.40
CA SER A 95 -17.53 12.20 1.25
C SER A 95 -16.27 12.82 1.86
N GLY A 96 -16.06 14.12 1.57
CA GLY A 96 -14.87 14.84 2.06
C GLY A 96 -14.29 14.24 3.33
N ASP A 97 -15.16 13.77 4.21
CA ASP A 97 -14.75 13.20 5.48
C ASP A 97 -13.51 12.30 5.38
N ARG A 98 -13.67 11.10 4.81
CA ARG A 98 -12.56 10.14 4.75
C ARG A 98 -12.52 9.35 3.44
N ILE A 99 -11.58 8.40 3.38
CA ILE A 99 -11.37 7.58 2.18
C ILE A 99 -11.61 6.09 2.48
N HIS A 100 -11.68 5.32 1.41
CA HIS A 100 -11.88 3.88 1.49
C HIS A 100 -10.55 3.16 1.71
N CYS A 101 -10.45 2.41 2.80
CA CYS A 101 -9.24 1.66 3.11
C CYS A 101 -8.92 0.66 2.01
N LEU A 102 -9.95 0.00 1.48
CA LEU A 102 -9.72 -0.97 0.42
C LEU A 102 -8.96 -0.31 -0.72
N ASP A 103 -9.28 0.94 -1.02
CA ASP A 103 -8.61 1.66 -2.08
C ASP A 103 -7.21 2.07 -1.65
N ILE A 104 -7.07 2.56 -0.42
CA ILE A 104 -5.76 2.97 0.08
C ILE A 104 -4.80 1.79 0.04
N LEU A 105 -5.26 0.62 0.48
CA LEU A 105 -4.44 -0.57 0.50
C LEU A 105 -3.95 -0.93 -0.90
N PHE A 106 -4.90 -0.97 -1.84
CA PHE A 106 -4.57 -1.31 -3.21
C PHE A 106 -3.68 -0.24 -3.86
N ALA A 107 -3.90 1.02 -3.48
CA ALA A 107 -3.11 2.10 -4.07
C ALA A 107 -1.65 2.05 -3.58
N PHE A 108 -1.49 1.76 -2.29
CA PHE A 108 -0.16 1.68 -1.71
C PHE A 108 0.54 0.39 -2.14
N THR A 109 -0.24 -0.60 -2.55
CA THR A 109 0.32 -1.88 -3.00
C THR A 109 0.81 -1.76 -4.44
N LYS A 110 0.12 -0.94 -5.23
CA LYS A 110 0.49 -0.74 -6.62
C LYS A 110 1.65 0.25 -6.75
N ARG A 111 1.56 1.36 -6.02
CA ARG A 111 2.59 2.40 -6.05
C ARG A 111 4.00 1.84 -5.80
N VAL A 112 4.11 0.91 -4.86
CA VAL A 112 5.41 0.32 -4.53
C VAL A 112 6.26 0.13 -5.78
N LEU A 113 5.65 -0.46 -6.81
CA LEU A 113 6.35 -0.69 -8.07
C LEU A 113 6.11 0.49 -9.02
N GLY A 114 4.88 0.99 -9.01
CA GLY A 114 4.53 2.13 -9.86
C GLY A 114 5.10 1.97 -11.26
N GLU A 115 5.10 3.06 -12.02
CA GLU A 115 5.62 3.03 -13.38
C GLU A 115 5.07 1.83 -14.14
N SER A 116 5.86 0.76 -14.19
CA SER A 116 5.44 -0.45 -14.88
C SER A 116 4.04 -0.87 -14.42
N GLY A 117 3.89 -1.12 -13.13
CA GLY A 117 2.60 -1.53 -12.57
C GLY A 117 2.75 -2.79 -11.73
N GLU A 118 2.83 -3.93 -12.42
CA GLU A 118 2.98 -5.21 -11.73
C GLU A 118 3.24 -6.32 -12.74
N MET A 119 2.53 -7.44 -12.58
CA MET A 119 2.69 -8.58 -13.49
C MET A 119 2.02 -8.28 -14.83
N ASP A 120 1.13 -7.29 -14.83
CA ASP A 120 0.43 -6.91 -16.06
C ASP A 120 1.37 -6.18 -17.00
N ALA A 121 2.36 -5.50 -16.43
CA ALA A 121 3.33 -4.75 -17.24
C ALA A 121 3.92 -5.65 -18.31
N LEU A 122 4.22 -6.89 -17.94
CA LEU A 122 4.80 -7.85 -18.88
C LEU A 122 3.75 -8.33 -19.86
N ARG A 123 2.51 -8.38 -19.40
CA ARG A 123 1.41 -8.83 -20.24
C ARG A 123 1.14 -7.82 -21.35
N ILE A 124 1.35 -6.54 -21.04
CA ILE A 124 1.13 -5.48 -22.02
C ILE A 124 2.32 -5.36 -22.97
N GLN A 125 3.45 -5.94 -22.56
CA GLN A 125 4.65 -5.90 -23.38
C GLN A 125 4.38 -6.42 -24.78
N MET A 126 3.28 -7.17 -24.92
CA MET A 126 2.92 -7.73 -26.22
C MET A 126 2.68 -6.61 -27.23
N GLU A 127 2.83 -5.36 -26.78
CA GLU A 127 2.63 -4.23 -27.67
C GLU A 127 1.35 -4.39 -28.47
N GLU A 128 0.34 -4.99 -27.84
CA GLU A 128 -0.93 -5.21 -28.49
C GLU A 128 -1.96 -5.70 -27.48
N ARG A 129 -2.27 -6.99 -27.52
CA ARG A 129 -3.24 -7.58 -26.60
C ARG A 129 -3.01 -9.08 -26.45
N GLU A 24 16.34 -31.18 -10.06
CA GLU A 24 16.30 -30.26 -8.93
C GLU A 24 17.48 -29.28 -8.98
N ASN A 25 17.17 -28.00 -9.10
CA ASN A 25 18.21 -26.98 -9.16
C ASN A 25 17.66 -25.63 -8.72
N PHE A 26 17.01 -24.93 -9.63
CA PHE A 26 16.43 -23.64 -9.34
C PHE A 26 15.54 -23.71 -8.11
N SER A 27 15.64 -22.74 -7.23
CA SER A 27 14.84 -22.71 -6.01
C SER A 27 14.85 -21.32 -5.38
N VAL A 28 14.07 -20.40 -5.97
CA VAL A 28 13.99 -19.03 -5.48
C VAL A 28 15.35 -18.54 -4.95
N ALA A 29 15.31 -17.65 -3.96
CA ALA A 29 16.54 -17.12 -3.38
C ALA A 29 17.30 -16.28 -4.40
N THR A 30 16.87 -15.04 -4.58
CA THR A 30 17.52 -14.12 -5.53
C THR A 30 18.23 -13.00 -4.78
N GLU A 31 19.56 -13.00 -4.86
CA GLU A 31 20.34 -11.97 -4.19
C GLU A 31 20.28 -10.66 -4.97
N GLU A 32 19.10 -10.36 -5.51
CA GLU A 32 18.90 -9.14 -6.29
C GLU A 32 17.46 -8.65 -6.16
N SER A 33 16.75 -9.14 -5.15
CA SER A 33 15.36 -8.76 -4.92
C SER A 33 15.04 -8.74 -3.43
N ALA A 34 15.32 -7.61 -2.79
CA ALA A 34 15.07 -7.47 -1.37
C ALA A 34 13.67 -7.95 -1.02
N GLU A 35 13.42 -8.13 0.27
CA GLU A 35 12.11 -8.60 0.72
C GLU A 35 10.98 -7.84 0.01
N PRO A 36 10.17 -8.50 -0.79
CA PRO A 36 9.06 -7.83 -1.52
C PRO A 36 7.84 -7.62 -0.61
N LEU A 37 6.68 -7.43 -1.22
CA LEU A 37 5.45 -7.22 -0.47
C LEU A 37 4.82 -8.56 -0.08
N SER A 38 5.12 -9.00 1.14
CA SER A 38 4.60 -10.27 1.65
C SER A 38 3.47 -10.04 2.65
N GLU A 39 2.92 -11.13 3.17
CA GLU A 39 1.83 -11.05 4.14
C GLU A 39 2.27 -10.29 5.38
N ASP A 40 3.54 -10.42 5.74
CA ASP A 40 4.06 -9.74 6.92
C ASP A 40 3.65 -8.27 6.92
N ASP A 41 3.51 -7.70 5.73
CA ASP A 41 3.12 -6.30 5.60
C ASP A 41 1.64 -6.14 5.95
N PHE A 42 0.82 -7.04 5.43
CA PHE A 42 -0.62 -6.96 5.68
C PHE A 42 -0.89 -6.84 7.17
N GLU A 43 -0.27 -7.69 7.98
CA GLU A 43 -0.48 -7.64 9.42
C GLU A 43 0.10 -6.37 10.03
N MET A 44 1.38 -6.09 9.76
CA MET A 44 2.03 -4.91 10.29
C MET A 44 1.20 -3.66 9.95
N PHE A 45 0.60 -3.67 8.76
CA PHE A 45 -0.21 -2.53 8.32
C PHE A 45 -1.41 -2.34 9.25
N TYR A 46 -2.03 -3.45 9.65
CA TYR A 46 -3.18 -3.38 10.54
C TYR A 46 -2.73 -2.94 11.93
N GLU A 47 -1.51 -3.32 12.29
CA GLU A 47 -0.97 -2.96 13.60
C GLU A 47 -0.90 -1.43 13.74
N VAL A 48 -0.49 -0.77 12.66
CA VAL A 48 -0.40 0.70 12.70
C VAL A 48 -1.81 1.29 12.57
N TRP A 49 -2.61 0.68 11.71
CA TRP A 49 -3.97 1.16 11.50
C TRP A 49 -4.73 1.29 12.82
N GLU A 50 -4.60 0.27 13.66
CA GLU A 50 -5.29 0.27 14.96
C GLU A 50 -4.96 1.53 15.76
N LYS A 51 -3.79 2.11 15.53
CA LYS A 51 -3.34 3.30 16.25
C LYS A 51 -4.12 4.56 15.83
N PHE A 52 -4.47 4.62 14.55
CA PHE A 52 -5.20 5.76 13.99
C PHE A 52 -6.71 5.49 13.96
N ASP A 53 -7.11 4.27 14.26
CA ASP A 53 -8.53 3.91 14.25
C ASP A 53 -8.82 2.66 15.09
N PRO A 54 -9.05 2.81 16.37
CA PRO A 54 -9.36 1.65 17.26
C PRO A 54 -10.84 1.27 17.21
N ASP A 55 -11.61 2.02 16.43
CA ASP A 55 -13.05 1.76 16.30
C ASP A 55 -13.33 0.77 15.16
N ALA A 56 -12.30 0.43 14.41
CA ALA A 56 -12.46 -0.51 13.30
C ALA A 56 -13.40 0.05 12.23
N THR A 57 -13.42 1.37 12.11
CA THR A 57 -14.28 2.00 11.10
C THR A 57 -13.76 1.69 9.69
N GLN A 58 -12.44 1.56 9.59
CA GLN A 58 -11.77 1.26 8.32
C GLN A 58 -11.74 2.50 7.42
N PHE A 59 -11.88 3.67 8.04
CA PHE A 59 -11.84 4.95 7.32
C PHE A 59 -10.84 5.88 8.01
N ILE A 60 -10.24 6.82 7.28
CA ILE A 60 -9.28 7.76 7.86
C ILE A 60 -9.42 9.12 7.18
N GLU A 61 -9.23 10.19 7.95
CA GLU A 61 -9.35 11.53 7.38
C GLU A 61 -8.11 11.94 6.58
N PHE A 62 -8.33 12.66 5.48
CA PHE A 62 -7.23 13.10 4.62
C PHE A 62 -6.19 13.89 5.42
N ALA A 63 -6.66 14.79 6.27
CA ALA A 63 -5.75 15.62 7.07
C ALA A 63 -4.83 14.75 7.93
N LYS A 64 -5.26 13.52 8.19
CA LYS A 64 -4.48 12.60 9.03
C LYS A 64 -3.80 11.53 8.18
N LEU A 65 -4.02 11.54 6.87
CA LEU A 65 -3.42 10.55 6.00
C LEU A 65 -1.91 10.74 5.91
N SER A 66 -1.47 11.97 5.65
CA SER A 66 -0.03 12.23 5.53
C SER A 66 0.72 11.66 6.73
N ASP A 67 0.08 11.69 7.89
CA ASP A 67 0.69 11.15 9.10
C ASP A 67 0.70 9.63 9.02
N PHE A 68 -0.49 9.05 8.93
CA PHE A 68 -0.59 7.60 8.81
C PHE A 68 0.40 7.11 7.76
N ALA A 69 0.45 7.84 6.65
CA ALA A 69 1.36 7.52 5.54
C ALA A 69 2.80 7.29 6.03
N ASP A 70 3.23 8.07 7.04
CA ASP A 70 4.59 7.93 7.58
C ASP A 70 4.57 7.04 8.82
N ALA A 71 3.38 6.53 9.12
CA ALA A 71 3.21 5.64 10.27
C ALA A 71 3.48 4.20 9.86
N LEU A 72 3.33 3.92 8.56
CA LEU A 72 3.57 2.57 8.06
C LEU A 72 5.05 2.26 8.05
N ASP A 73 5.36 0.98 7.78
CA ASP A 73 6.74 0.52 7.71
C ASP A 73 7.03 0.06 6.28
N PRO A 74 8.27 0.09 5.85
CA PRO A 74 8.63 -0.34 4.47
C PRO A 74 8.13 -1.77 4.19
N PRO A 75 7.77 -2.12 2.97
CA PRO A 75 7.79 -1.23 1.76
C PRO A 75 6.50 -0.40 1.59
N LEU A 76 6.05 0.24 2.67
CA LEU A 76 4.83 1.06 2.63
C LEU A 76 5.09 2.42 3.29
N LEU A 77 6.28 2.59 3.82
CA LEU A 77 6.67 3.82 4.51
C LEU A 77 7.06 4.92 3.51
N ILE A 78 6.38 6.06 3.61
CA ILE A 78 6.66 7.21 2.77
C ILE A 78 7.15 8.34 3.67
N ALA A 79 8.44 8.63 3.63
CA ALA A 79 9.01 9.66 4.47
C ALA A 79 8.32 11.01 4.26
N LYS A 80 8.28 11.80 5.34
CA LYS A 80 7.66 13.13 5.30
C LYS A 80 8.77 14.17 5.21
N PRO A 81 8.52 15.34 4.64
CA PRO A 81 7.20 15.75 4.05
C PRO A 81 6.89 15.09 2.70
N ASN A 82 5.73 14.47 2.53
CA ASN A 82 5.40 13.90 1.22
C ASN A 82 3.92 14.04 0.90
N LYS A 83 3.46 15.27 0.75
CA LYS A 83 2.08 15.56 0.37
C LYS A 83 1.92 15.47 -1.15
N VAL A 84 2.99 15.83 -1.84
CA VAL A 84 2.95 15.81 -3.30
C VAL A 84 2.88 14.38 -3.82
N GLN A 85 3.50 13.45 -3.10
CA GLN A 85 3.45 12.04 -3.50
C GLN A 85 2.04 11.49 -3.33
N LEU A 86 1.33 12.05 -2.34
CA LEU A 86 -0.04 11.62 -2.07
C LEU A 86 -1.00 12.27 -3.04
N ILE A 87 -0.71 13.50 -3.44
CA ILE A 87 -1.58 14.20 -4.37
C ILE A 87 -1.46 13.63 -5.76
N ALA A 88 -0.24 13.30 -6.21
CA ALA A 88 -0.04 12.72 -7.53
C ALA A 88 -0.40 11.23 -7.51
N MET A 89 -1.51 10.92 -6.87
CA MET A 89 -2.02 9.55 -6.76
C MET A 89 -3.52 9.51 -6.97
N ASP A 90 -4.13 10.68 -7.15
CA ASP A 90 -5.57 10.78 -7.38
C ASP A 90 -6.32 9.75 -6.54
N LEU A 91 -5.77 9.43 -5.36
CA LEU A 91 -6.36 8.46 -4.45
C LEU A 91 -7.90 8.56 -4.47
N PRO A 92 -8.57 7.67 -5.18
CA PRO A 92 -10.05 7.71 -5.25
C PRO A 92 -10.65 7.85 -3.86
N MET A 93 -11.37 8.94 -3.62
CA MET A 93 -11.98 9.20 -2.33
C MET A 93 -13.45 8.86 -2.34
N VAL A 94 -13.90 8.23 -1.25
CA VAL A 94 -15.30 7.87 -1.14
C VAL A 94 -16.07 9.11 -0.71
N SER A 95 -17.37 8.94 -0.52
CA SER A 95 -18.28 10.01 -0.09
C SER A 95 -17.59 11.37 0.04
N GLY A 96 -17.91 12.29 -0.88
CA GLY A 96 -17.40 13.68 -0.92
C GLY A 96 -15.98 13.91 -0.36
N ASP A 97 -15.72 13.47 0.86
CA ASP A 97 -14.40 13.65 1.47
C ASP A 97 -14.09 12.56 2.50
N ARG A 98 -13.72 11.38 2.00
CA ARG A 98 -13.40 10.27 2.91
C ARG A 98 -12.73 9.11 2.15
N ILE A 99 -11.71 8.51 2.77
CA ILE A 99 -10.97 7.37 2.17
C ILE A 99 -11.22 6.10 2.98
N HIS A 100 -11.32 4.94 2.30
CA HIS A 100 -11.55 3.67 3.01
C HIS A 100 -10.26 2.85 3.06
N CYS A 101 -10.15 2.03 4.11
CA CYS A 101 -8.99 1.17 4.30
C CYS A 101 -8.76 0.29 3.07
N LEU A 102 -9.83 -0.09 2.37
CA LEU A 102 -9.70 -0.93 1.19
C LEU A 102 -9.10 -0.13 0.03
N ASP A 103 -9.46 1.14 -0.06
CA ASP A 103 -8.94 2.01 -1.12
C ASP A 103 -7.47 2.31 -0.89
N ILE A 104 -7.12 2.57 0.37
CA ILE A 104 -5.74 2.88 0.72
C ILE A 104 -4.86 1.65 0.53
N LEU A 105 -5.37 0.49 0.92
CA LEU A 105 -4.62 -0.75 0.81
C LEU A 105 -4.28 -1.07 -0.66
N PHE A 106 -5.29 -1.02 -1.52
CA PHE A 106 -5.09 -1.31 -2.93
C PHE A 106 -4.21 -0.27 -3.61
N ALA A 107 -4.46 1.01 -3.33
CA ALA A 107 -3.68 2.08 -3.95
C ALA A 107 -2.22 1.99 -3.53
N PHE A 108 -1.99 1.63 -2.27
CA PHE A 108 -0.63 1.52 -1.76
C PHE A 108 0.02 0.25 -2.31
N THR A 109 -0.80 -0.72 -2.71
CA THR A 109 -0.29 -1.96 -3.27
C THR A 109 0.10 -1.74 -4.74
N LYS A 110 -0.65 -0.86 -5.40
CA LYS A 110 -0.38 -0.53 -6.80
C LYS A 110 0.85 0.36 -6.90
N ARG A 111 0.88 1.40 -6.09
CA ARG A 111 2.01 2.34 -6.07
C ARG A 111 3.35 1.63 -5.89
N VAL A 112 3.36 0.65 -5.02
CA VAL A 112 4.57 -0.14 -4.74
C VAL A 112 4.74 -1.24 -5.79
N LEU A 113 3.69 -1.51 -6.56
CA LEU A 113 3.74 -2.56 -7.58
C LEU A 113 3.86 -1.97 -8.98
N GLY A 114 3.55 -0.69 -9.12
CA GLY A 114 3.63 -0.03 -10.41
C GLY A 114 5.06 0.42 -10.72
N GLU A 115 6.01 -0.09 -9.95
CA GLU A 115 7.41 0.26 -10.15
C GLU A 115 8.02 -0.56 -11.29
N SER A 116 7.31 -1.61 -11.70
CA SER A 116 7.79 -2.46 -12.78
C SER A 116 6.65 -3.26 -13.38
N GLY A 117 5.56 -3.41 -12.61
CA GLY A 117 4.41 -4.16 -13.08
C GLY A 117 4.69 -5.67 -13.07
N GLU A 118 3.63 -6.46 -13.13
CA GLU A 118 3.77 -7.92 -13.12
C GLU A 118 2.49 -8.58 -13.60
N MET A 119 1.37 -7.88 -13.44
CA MET A 119 0.07 -8.40 -13.84
C MET A 119 -0.22 -8.01 -15.29
N ASP A 120 0.58 -7.10 -15.83
CA ASP A 120 0.40 -6.65 -17.21
C ASP A 120 1.05 -7.62 -18.19
N ALA A 121 2.11 -8.28 -17.73
CA ALA A 121 2.82 -9.24 -18.57
C ALA A 121 1.86 -10.27 -19.14
N LEU A 122 0.69 -10.39 -18.51
CA LEU A 122 -0.32 -11.35 -18.96
C LEU A 122 -0.95 -10.89 -20.27
N ARG A 123 -0.77 -9.62 -20.60
CA ARG A 123 -1.33 -9.06 -21.82
C ARG A 123 -0.47 -9.45 -23.03
N ILE A 124 0.82 -9.65 -22.78
CA ILE A 124 1.74 -10.02 -23.84
C ILE A 124 1.60 -11.50 -24.18
N GLN A 125 0.89 -12.23 -23.32
CA GLN A 125 0.68 -13.66 -23.54
C GLN A 125 -0.22 -13.89 -24.74
N MET A 126 -1.09 -12.93 -25.01
CA MET A 126 -2.02 -13.05 -26.14
C MET A 126 -2.57 -11.69 -26.52
N GLU A 127 -1.66 -10.76 -26.85
CA GLU A 127 -2.07 -9.42 -27.23
C GLU A 127 -2.83 -9.44 -28.56
N GLU A 128 -4.03 -10.01 -28.53
CA GLU A 128 -4.85 -10.10 -29.73
C GLU A 128 -5.39 -8.72 -30.11
N ARG A 129 -4.84 -8.16 -31.19
CA ARG A 129 -5.27 -6.84 -31.65
C ARG A 129 -6.57 -6.95 -32.42
N GLU A 24 13.79 -29.18 -14.75
CA GLU A 24 13.14 -28.14 -13.94
C GLU A 24 12.39 -27.17 -14.83
N ASN A 25 11.23 -27.58 -15.30
CA ASN A 25 10.41 -26.73 -16.17
C ASN A 25 9.66 -25.69 -15.34
N PHE A 26 9.70 -25.85 -14.03
CA PHE A 26 9.03 -24.93 -13.12
C PHE A 26 9.93 -23.73 -12.82
N SER A 27 9.48 -22.88 -11.90
CA SER A 27 10.26 -21.70 -11.52
C SER A 27 11.57 -22.12 -10.88
N VAL A 28 12.60 -21.28 -11.04
CA VAL A 28 13.91 -21.58 -10.47
C VAL A 28 13.91 -21.31 -8.97
N ALA A 29 15.07 -21.47 -8.34
CA ALA A 29 15.19 -21.25 -6.91
C ALA A 29 16.66 -21.14 -6.50
N THR A 30 17.23 -19.96 -6.72
CA THR A 30 18.64 -19.75 -6.37
C THR A 30 18.81 -19.69 -4.86
N GLU A 31 18.00 -18.87 -4.20
CA GLU A 31 18.05 -18.71 -2.75
C GLU A 31 16.64 -18.71 -2.15
N GLU A 32 15.96 -17.57 -2.29
CA GLU A 32 14.61 -17.44 -1.76
C GLU A 32 13.89 -16.27 -2.42
N SER A 33 13.03 -16.58 -3.39
CA SER A 33 12.29 -15.54 -4.09
C SER A 33 11.12 -15.04 -3.23
N ALA A 34 10.89 -13.73 -3.27
CA ALA A 34 9.80 -13.14 -2.49
C ALA A 34 9.35 -11.82 -3.12
N GLU A 35 8.05 -11.57 -3.07
CA GLU A 35 7.50 -10.34 -3.64
C GLU A 35 7.79 -9.14 -2.73
N PRO A 36 7.93 -7.96 -3.27
CA PRO A 36 8.21 -6.74 -2.47
C PRO A 36 7.47 -6.74 -1.13
N LEU A 37 6.17 -6.98 -1.19
CA LEU A 37 5.33 -7.00 0.01
C LEU A 37 4.95 -8.44 0.37
N SER A 38 5.20 -8.80 1.63
CA SER A 38 4.88 -10.15 2.13
C SER A 38 3.79 -10.06 3.19
N GLU A 39 3.15 -11.19 3.46
CA GLU A 39 2.08 -11.24 4.44
C GLU A 39 2.44 -10.44 5.70
N ASP A 40 3.71 -10.51 6.10
CA ASP A 40 4.15 -9.79 7.28
C ASP A 40 3.68 -8.34 7.23
N ASP A 41 3.62 -7.78 6.02
CA ASP A 41 3.19 -6.39 5.86
C ASP A 41 1.68 -6.27 6.13
N PHE A 42 0.92 -7.21 5.59
CA PHE A 42 -0.52 -7.17 5.76
C PHE A 42 -0.87 -7.00 7.24
N GLU A 43 -0.24 -7.81 8.09
CA GLU A 43 -0.50 -7.73 9.53
C GLU A 43 0.02 -6.43 10.13
N MET A 44 1.30 -6.11 9.91
CA MET A 44 1.90 -4.90 10.46
C MET A 44 1.08 -3.66 10.06
N PHE A 45 0.53 -3.68 8.85
CA PHE A 45 -0.26 -2.56 8.37
C PHE A 45 -1.52 -2.39 9.23
N TYR A 46 -2.14 -3.50 9.60
CA TYR A 46 -3.34 -3.44 10.43
C TYR A 46 -2.98 -2.98 11.84
N GLU A 47 -1.77 -3.31 12.28
CA GLU A 47 -1.32 -2.90 13.60
C GLU A 47 -1.28 -1.38 13.71
N VAL A 48 -0.75 -0.72 12.68
CA VAL A 48 -0.69 0.74 12.70
C VAL A 48 -2.08 1.31 12.47
N TRP A 49 -2.83 0.65 11.61
CA TRP A 49 -4.18 1.12 11.29
C TRP A 49 -5.03 1.22 12.55
N GLU A 50 -4.92 0.22 13.42
CA GLU A 50 -5.69 0.20 14.66
C GLU A 50 -5.43 1.46 15.49
N LYS A 51 -4.25 2.04 15.35
CA LYS A 51 -3.87 3.23 16.11
C LYS A 51 -4.65 4.47 15.68
N PHE A 52 -4.94 4.52 14.38
CA PHE A 52 -5.67 5.65 13.79
C PHE A 52 -7.15 5.32 13.63
N ASP A 53 -7.52 4.09 13.93
CA ASP A 53 -8.91 3.67 13.81
C ASP A 53 -9.21 2.48 14.73
N PRO A 54 -9.51 2.74 15.98
CA PRO A 54 -9.82 1.66 16.96
C PRO A 54 -11.27 1.18 16.86
N ASP A 55 -12.05 1.88 16.03
CA ASP A 55 -13.47 1.55 15.86
C ASP A 55 -13.66 0.53 14.76
N ALA A 56 -12.59 0.20 14.04
CA ALA A 56 -12.67 -0.77 12.95
C ALA A 56 -13.59 -0.25 11.84
N THR A 57 -13.64 1.07 11.69
CA THR A 57 -14.48 1.66 10.65
C THR A 57 -13.88 1.35 9.29
N GLN A 58 -12.56 1.23 9.26
CA GLN A 58 -11.82 0.93 8.03
C GLN A 58 -11.71 2.17 7.15
N PHE A 59 -11.88 3.35 7.76
CA PHE A 59 -11.77 4.61 7.02
C PHE A 59 -10.87 5.59 7.78
N ILE A 60 -10.25 6.53 7.06
CA ILE A 60 -9.36 7.52 7.69
C ILE A 60 -9.53 8.87 7.00
N GLU A 61 -9.37 9.95 7.76
CA GLU A 61 -9.52 11.30 7.19
C GLU A 61 -8.23 11.73 6.48
N PHE A 62 -8.38 12.45 5.37
CA PHE A 62 -7.23 12.91 4.60
C PHE A 62 -6.29 13.76 5.46
N ALA A 63 -6.86 14.67 6.24
CA ALA A 63 -6.05 15.54 7.09
C ALA A 63 -5.16 14.71 8.02
N LYS A 64 -5.57 13.47 8.27
CA LYS A 64 -4.80 12.58 9.15
C LYS A 64 -4.08 11.50 8.35
N LEU A 65 -4.26 11.52 7.03
CA LEU A 65 -3.62 10.52 6.18
C LEU A 65 -2.10 10.72 6.15
N SER A 66 -1.66 11.96 6.38
CA SER A 66 -0.23 12.23 6.37
C SER A 66 0.44 11.66 7.61
N ASP A 67 -0.28 11.70 8.73
CA ASP A 67 0.26 11.17 9.98
C ASP A 67 0.29 9.64 9.90
N PHE A 68 -0.58 9.11 9.04
CA PHE A 68 -0.65 7.66 8.85
C PHE A 68 0.43 7.20 7.89
N ALA A 69 0.53 7.90 6.77
CA ALA A 69 1.50 7.55 5.75
C ALA A 69 2.90 7.38 6.34
N ASP A 70 3.24 8.19 7.34
CA ASP A 70 4.55 8.08 8.00
C ASP A 70 4.44 7.16 9.23
N ALA A 71 3.24 6.64 9.46
CA ALA A 71 3.01 5.73 10.58
C ALA A 71 3.34 4.30 10.19
N LEU A 72 3.25 4.00 8.89
CA LEU A 72 3.53 2.65 8.41
C LEU A 72 5.02 2.34 8.51
N ASP A 73 5.35 1.09 8.25
CA ASP A 73 6.75 0.62 8.28
C ASP A 73 7.13 0.19 6.86
N PRO A 74 8.41 0.20 6.54
CA PRO A 74 8.88 -0.23 5.19
C PRO A 74 8.47 -1.67 4.89
N PRO A 75 8.20 -2.04 3.64
CA PRO A 75 8.27 -1.15 2.44
C PRO A 75 6.95 -0.40 2.16
N LEU A 76 6.39 0.25 3.18
CA LEU A 76 5.14 0.99 3.05
C LEU A 76 5.27 2.37 3.70
N LEU A 77 6.40 2.60 4.36
CA LEU A 77 6.65 3.85 5.05
C LEU A 77 7.03 4.95 4.08
N ILE A 78 6.32 6.09 4.16
CA ILE A 78 6.60 7.26 3.35
C ILE A 78 6.98 8.39 4.28
N ALA A 79 8.28 8.70 4.34
CA ALA A 79 8.75 9.76 5.22
C ALA A 79 9.05 11.03 4.42
N LYS A 80 8.22 12.04 4.73
CA LYS A 80 8.30 13.35 4.10
C LYS A 80 9.76 13.69 3.74
N PRO A 81 9.99 14.59 2.81
CA PRO A 81 8.93 15.34 2.05
C PRO A 81 8.44 14.69 0.76
N ASN A 82 7.39 13.84 0.85
CA ASN A 82 6.82 13.26 -0.36
C ASN A 82 5.30 13.12 -0.19
N LYS A 83 4.65 14.28 -0.05
CA LYS A 83 3.19 14.35 0.06
C LYS A 83 2.52 14.35 -1.30
N VAL A 84 3.21 15.00 -2.24
CA VAL A 84 2.69 15.09 -3.61
C VAL A 84 2.35 13.71 -4.14
N GLN A 85 3.29 12.78 -3.97
CA GLN A 85 3.07 11.41 -4.46
C GLN A 85 1.71 10.90 -4.00
N LEU A 86 1.26 11.34 -2.82
CA LEU A 86 -0.04 10.92 -2.31
C LEU A 86 -1.14 11.49 -3.21
N ILE A 87 -0.99 12.74 -3.61
CA ILE A 87 -1.98 13.38 -4.48
C ILE A 87 -1.83 12.84 -5.90
N ALA A 88 -0.59 12.61 -6.31
CA ALA A 88 -0.31 12.05 -7.63
C ALA A 88 -1.09 10.76 -7.83
N MET A 89 -1.37 10.05 -6.74
CA MET A 89 -2.12 8.80 -6.82
C MET A 89 -3.60 9.07 -7.05
N ASP A 90 -4.08 10.22 -6.58
CA ASP A 90 -5.48 10.57 -6.74
C ASP A 90 -6.36 9.53 -6.04
N LEU A 91 -5.94 9.12 -4.86
CA LEU A 91 -6.67 8.13 -4.08
C LEU A 91 -8.17 8.47 -4.06
N PRO A 92 -9.01 7.72 -4.75
CA PRO A 92 -10.48 7.98 -4.77
C PRO A 92 -10.99 8.32 -3.37
N MET A 93 -11.78 9.39 -3.27
CA MET A 93 -12.32 9.82 -1.97
C MET A 93 -13.81 9.52 -1.87
N VAL A 94 -14.19 8.90 -0.75
CA VAL A 94 -15.58 8.56 -0.50
C VAL A 94 -16.25 9.72 0.22
N SER A 95 -17.51 9.49 0.62
CA SER A 95 -18.33 10.49 1.32
C SER A 95 -17.61 11.83 1.47
N GLY A 96 -18.16 12.86 0.83
CA GLY A 96 -17.62 14.23 0.85
C GLY A 96 -16.26 14.41 1.54
N ASP A 97 -16.14 13.93 2.78
CA ASP A 97 -14.87 14.05 3.53
C ASP A 97 -14.45 12.71 4.16
N ARG A 98 -14.12 11.72 3.33
CA ARG A 98 -13.69 10.42 3.87
C ARG A 98 -13.09 9.51 2.80
N ILE A 99 -12.00 8.81 3.15
CA ILE A 99 -11.29 7.94 2.19
C ILE A 99 -11.61 6.46 2.40
N HIS A 100 -11.30 5.65 1.39
CA HIS A 100 -11.54 4.20 1.42
C HIS A 100 -10.24 3.43 1.66
N CYS A 101 -10.21 2.64 2.73
CA CYS A 101 -9.02 1.83 3.05
C CYS A 101 -8.66 0.91 1.89
N LEU A 102 -9.66 0.22 1.34
CA LEU A 102 -9.39 -0.67 0.22
C LEU A 102 -8.60 0.06 -0.86
N ASP A 103 -8.94 1.32 -1.08
CA ASP A 103 -8.25 2.13 -2.08
C ASP A 103 -6.84 2.44 -1.60
N ILE A 104 -6.71 2.88 -0.34
CA ILE A 104 -5.40 3.19 0.21
C ILE A 104 -4.49 1.98 0.13
N LEU A 105 -5.02 0.81 0.50
CA LEU A 105 -4.24 -0.43 0.49
C LEU A 105 -3.81 -0.78 -0.93
N PHE A 106 -4.76 -0.79 -1.85
CA PHE A 106 -4.47 -1.13 -3.24
C PHE A 106 -3.60 -0.05 -3.89
N ALA A 107 -3.85 1.20 -3.54
CA ALA A 107 -3.08 2.29 -4.12
C ALA A 107 -1.64 2.29 -3.62
N PHE A 108 -1.47 1.99 -2.32
CA PHE A 108 -0.14 1.97 -1.73
C PHE A 108 0.61 0.71 -2.20
N THR A 109 -0.13 -0.30 -2.62
CA THR A 109 0.46 -1.54 -3.10
C THR A 109 0.96 -1.36 -4.53
N LYS A 110 0.26 -0.54 -5.30
CA LYS A 110 0.65 -0.29 -6.69
C LYS A 110 1.83 0.67 -6.75
N ARG A 111 1.79 1.72 -5.97
CA ARG A 111 2.87 2.70 -5.94
C ARG A 111 4.23 2.02 -5.70
N VAL A 112 4.20 1.04 -4.80
CA VAL A 112 5.41 0.27 -4.47
C VAL A 112 5.67 -0.84 -5.50
N LEU A 113 4.66 -1.15 -6.33
CA LEU A 113 4.82 -2.21 -7.35
C LEU A 113 4.99 -1.62 -8.75
N GLY A 114 4.58 -0.37 -8.94
CA GLY A 114 4.72 0.27 -10.25
C GLY A 114 3.55 -0.09 -11.15
N GLU A 115 3.31 0.74 -12.16
CA GLU A 115 2.21 0.51 -13.09
C GLU A 115 2.55 -0.62 -14.04
N SER A 116 3.83 -0.98 -14.11
CA SER A 116 4.27 -2.05 -14.99
C SER A 116 3.47 -3.32 -14.74
N GLY A 117 3.21 -3.60 -13.46
CA GLY A 117 2.45 -4.80 -13.09
C GLY A 117 3.19 -6.06 -13.50
N GLU A 118 4.31 -6.31 -12.82
CA GLU A 118 5.12 -7.50 -13.11
C GLU A 118 4.28 -8.76 -12.92
N MET A 119 3.11 -8.61 -12.33
CA MET A 119 2.23 -9.74 -12.09
C MET A 119 1.58 -10.19 -13.40
N ASP A 120 1.32 -9.25 -14.29
CA ASP A 120 0.69 -9.56 -15.57
C ASP A 120 1.52 -10.59 -16.32
N ALA A 121 2.80 -10.69 -15.96
CA ALA A 121 3.69 -11.65 -16.61
C ALA A 121 3.50 -13.04 -16.02
N LEU A 122 3.43 -13.12 -14.69
CA LEU A 122 3.25 -14.39 -14.02
C LEU A 122 2.06 -15.14 -14.58
N ARG A 123 1.03 -14.39 -14.97
CA ARG A 123 -0.17 -14.99 -15.53
C ARG A 123 0.06 -15.43 -16.98
N ILE A 124 0.63 -14.53 -17.77
CA ILE A 124 0.91 -14.83 -19.17
C ILE A 124 1.96 -15.94 -19.29
N GLN A 125 2.72 -16.13 -18.20
CA GLN A 125 3.76 -17.16 -18.20
C GLN A 125 3.14 -18.55 -18.32
N MET A 126 1.98 -18.73 -17.70
CA MET A 126 1.28 -20.01 -17.75
C MET A 126 0.42 -20.11 -18.99
N GLU A 127 1.03 -19.84 -20.15
CA GLU A 127 0.30 -19.90 -21.42
C GLU A 127 0.31 -21.31 -21.97
N GLU A 128 1.49 -21.92 -22.01
CA GLU A 128 1.62 -23.29 -22.51
C GLU A 128 0.69 -24.23 -21.77
N ARG A 129 -0.36 -24.68 -22.45
CA ARG A 129 -1.33 -25.59 -21.84
C ARG A 129 -1.64 -26.75 -22.79
#